data_7T91
# 
_entry.id   7T91 
# 
_audit_conform.dict_name       mmcif_pdbx.dic 
_audit_conform.dict_version    5.400 
_audit_conform.dict_location   http://mmcif.pdb.org/dictionaries/ascii/mmcif_pdbx.dic 
# 
loop_
_database_2.database_id 
_database_2.database_code 
_database_2.pdbx_database_accession 
_database_2.pdbx_DOI 
PDB   7T91         pdb_00007t91 10.2210/pdb7t91/pdb 
WWPDB D_1000261797 ?            ?                   
# 
loop_
_pdbx_audit_revision_history.ordinal 
_pdbx_audit_revision_history.data_content_type 
_pdbx_audit_revision_history.major_revision 
_pdbx_audit_revision_history.minor_revision 
_pdbx_audit_revision_history.revision_date 
1 'Structure model' 1 0 2022-12-21 
2 'Structure model' 1 1 2023-10-25 
3 'Structure model' 1 2 2024-12-25 
# 
_pdbx_audit_revision_details.ordinal             1 
_pdbx_audit_revision_details.revision_ordinal    1 
_pdbx_audit_revision_details.data_content_type   'Structure model' 
_pdbx_audit_revision_details.provider            repository 
_pdbx_audit_revision_details.type                'Initial release' 
_pdbx_audit_revision_details.description         ? 
_pdbx_audit_revision_details.details             ? 
# 
loop_
_pdbx_audit_revision_group.ordinal 
_pdbx_audit_revision_group.revision_ordinal 
_pdbx_audit_revision_group.data_content_type 
_pdbx_audit_revision_group.group 
1 2 'Structure model' 'Data collection'        
2 2 'Structure model' 'Refinement description' 
3 3 'Structure model' 'Database references'    
4 3 'Structure model' 'Structure summary'      
# 
loop_
_pdbx_audit_revision_category.ordinal 
_pdbx_audit_revision_category.revision_ordinal 
_pdbx_audit_revision_category.data_content_type 
_pdbx_audit_revision_category.category 
1 2 'Structure model' chem_comp_atom                
2 2 'Structure model' chem_comp_bond                
3 2 'Structure model' pdbx_initial_refinement_model 
4 3 'Structure model' citation                      
5 3 'Structure model' citation_author               
6 3 'Structure model' pdbx_entry_details            
# 
loop_
_pdbx_audit_revision_item.ordinal 
_pdbx_audit_revision_item.revision_ordinal 
_pdbx_audit_revision_item.data_content_type 
_pdbx_audit_revision_item.item 
1 3 'Structure model' '_citation.country'                            
2 3 'Structure model' '_citation.journal_abbrev'                     
3 3 'Structure model' '_citation.journal_id_CSD'                     
4 3 'Structure model' '_citation.journal_id_ISSN'                    
5 3 'Structure model' '_citation.journal_volume'                     
6 3 'Structure model' '_citation.pdbx_database_id_DOI'               
7 3 'Structure model' '_citation.title'                              
8 3 'Structure model' '_citation.year'                               
9 3 'Structure model' '_pdbx_entry_details.has_protein_modification' 
# 
_pdbx_database_status.status_code                     REL 
_pdbx_database_status.status_code_sf                  REL 
_pdbx_database_status.status_code_mr                  ? 
_pdbx_database_status.entry_id                        7T91 
_pdbx_database_status.recvd_initial_deposition_date   2021-12-17 
_pdbx_database_status.SG_entry                        N 
_pdbx_database_status.deposit_site                    RCSB 
_pdbx_database_status.process_site                    RCSB 
_pdbx_database_status.status_code_cs                  ? 
_pdbx_database_status.status_code_nmr_data            ? 
_pdbx_database_status.methods_development_category    ? 
_pdbx_database_status.pdb_format_compatible           Y 
# 
_pdbx_contact_author.id                 2 
_pdbx_contact_author.email              caugelli-szafran@southernresearch.org 
_pdbx_contact_author.name_first         Corinne 
_pdbx_contact_author.name_last          Augelli-Szafran 
_pdbx_contact_author.name_mi            ? 
_pdbx_contact_author.role               'principal investigator/group leader' 
_pdbx_contact_author.identifier_ORCID   0000-0002-7676-6120 
# 
loop_
_audit_author.name 
_audit_author.pdbx_ordinal 
_audit_author.identifier_ORCID 
'Wu, M.'                 1 ? 
'Zhang, S.'              2 ? 
'Augelli-Szanfran, C.E.' 3 ? 
'Boohaker, R.J.'         4 ? 
# 
_citation.abstract                  ? 
_citation.abstract_id_CAS           ? 
_citation.book_id_ISBN              ? 
_citation.book_publisher            ? 
_citation.book_publisher_city       ? 
_citation.book_title                ? 
_citation.coordinate_linkage        ? 
_citation.country                   CH 
_citation.database_id_Medline       ? 
_citation.details                   ? 
_citation.id                        primary 
_citation.journal_abbrev            'Int J Mol Sci' 
_citation.journal_id_ASTM           ? 
_citation.journal_id_CSD            ? 
_citation.journal_id_ISSN           1422-0067 
_citation.journal_full              ? 
_citation.journal_issue             ? 
_citation.journal_volume            25 
_citation.language                  ? 
_citation.page_first                ? 
_citation.page_last                 ? 
_citation.title                     'Structure Characterization of Zinc Finger Motif 1 and 2 of GLI1 DNA Binding Region' 
_citation.year                      2024 
_citation.database_id_CSD           ? 
_citation.pdbx_database_id_DOI      10.3390/ijms252413368 
_citation.pdbx_database_id_PubMed   ? 
_citation.pdbx_database_id_patent   ? 
_citation.unpublished_flag          ? 
# 
loop_
_citation_author.citation_id 
_citation_author.name 
_citation_author.ordinal 
_citation_author.identifier_ORCID 
primary 'Wu, M.'                1 ? 
primary 'Jahan, N.'             2 ? 
primary 'Sharp, A.'             3 ? 
primary 'Ullah, A.'             4 ? 
primary 'Augelli-Szafran, C.E.' 5 ? 
primary 'Zhang, S.'             6 ? 
primary 'Boohaker, R.J.'        7 ? 
# 
loop_
_entity.id 
_entity.type 
_entity.src_method 
_entity.pdbx_description 
_entity.formula_weight 
_entity.pdbx_number_of_molecules 
_entity.pdbx_ec 
_entity.pdbx_mutation 
_entity.pdbx_fragment 
_entity.details 
1 polymer     man 'Isoform 2 of Zinc finger protein GLI1' 8447.468 2  ? ? ? ? 
2 non-polymer syn 'ZINC ION'                              65.409   4  ? ? ? ? 
3 water       nat water                                   18.015   72 ? ? ? ? 
# 
_entity_name_com.entity_id   1 
_entity_name_com.name        'Glioma-associated oncogene,Oncogene GLI' 
# 
_entity_poly.entity_id                      1 
_entity_poly.type                           'polypeptide(L)' 
_entity_poly.nstd_linkage                   no 
_entity_poly.nstd_monomer                   no 
_entity_poly.pdbx_seq_one_letter_code       GSETDCRWDGCSQEFDSQEQLVHHINSEHIHGERKEFVCHWGGCSRELRPFKAQYMLVVHMRRHTGEKPHK 
_entity_poly.pdbx_seq_one_letter_code_can   GSETDCRWDGCSQEFDSQEQLVHHINSEHIHGERKEFVCHWGGCSRELRPFKAQYMLVVHMRRHTGEKPHK 
_entity_poly.pdbx_strand_id                 A,B 
_entity_poly.pdbx_target_identifier         ? 
# 
loop_
_pdbx_entity_nonpoly.entity_id 
_pdbx_entity_nonpoly.name 
_pdbx_entity_nonpoly.comp_id 
2 'ZINC ION' ZN  
3 water      HOH 
# 
loop_
_entity_poly_seq.entity_id 
_entity_poly_seq.num 
_entity_poly_seq.mon_id 
_entity_poly_seq.hetero 
1 1  GLY n 
1 2  SER n 
1 3  GLU n 
1 4  THR n 
1 5  ASP n 
1 6  CYS n 
1 7  ARG n 
1 8  TRP n 
1 9  ASP n 
1 10 GLY n 
1 11 CYS n 
1 12 SER n 
1 13 GLN n 
1 14 GLU n 
1 15 PHE n 
1 16 ASP n 
1 17 SER n 
1 18 GLN n 
1 19 GLU n 
1 20 GLN n 
1 21 LEU n 
1 22 VAL n 
1 23 HIS n 
1 24 HIS n 
1 25 ILE n 
1 26 ASN n 
1 27 SER n 
1 28 GLU n 
1 29 HIS n 
1 30 ILE n 
1 31 HIS n 
1 32 GLY n 
1 33 GLU n 
1 34 ARG n 
1 35 LYS n 
1 36 GLU n 
1 37 PHE n 
1 38 VAL n 
1 39 CYS n 
1 40 HIS n 
1 41 TRP n 
1 42 GLY n 
1 43 GLY n 
1 44 CYS n 
1 45 SER n 
1 46 ARG n 
1 47 GLU n 
1 48 LEU n 
1 49 ARG n 
1 50 PRO n 
1 51 PHE n 
1 52 LYS n 
1 53 ALA n 
1 54 GLN n 
1 55 TYR n 
1 56 MET n 
1 57 LEU n 
1 58 VAL n 
1 59 VAL n 
1 60 HIS n 
1 61 MET n 
1 62 ARG n 
1 63 ARG n 
1 64 HIS n 
1 65 THR n 
1 66 GLY n 
1 67 GLU n 
1 68 LYS n 
1 69 PRO n 
1 70 HIS n 
1 71 LYS n 
# 
_entity_src_gen.entity_id                          1 
_entity_src_gen.pdbx_src_id                        1 
_entity_src_gen.pdbx_alt_source_flag               sample 
_entity_src_gen.pdbx_seq_type                      'Biological sequence' 
_entity_src_gen.pdbx_beg_seq_num                   1 
_entity_src_gen.pdbx_end_seq_num                   71 
_entity_src_gen.gene_src_common_name               human 
_entity_src_gen.gene_src_genus                     ? 
_entity_src_gen.pdbx_gene_src_gene                 'GLI1, GLI' 
_entity_src_gen.gene_src_species                   ? 
_entity_src_gen.gene_src_strain                    ? 
_entity_src_gen.gene_src_tissue                    ? 
_entity_src_gen.gene_src_tissue_fraction           ? 
_entity_src_gen.gene_src_details                   ? 
_entity_src_gen.pdbx_gene_src_fragment             ? 
_entity_src_gen.pdbx_gene_src_scientific_name      'Homo sapiens' 
_entity_src_gen.pdbx_gene_src_ncbi_taxonomy_id     9606 
_entity_src_gen.pdbx_gene_src_variant              ? 
_entity_src_gen.pdbx_gene_src_cell_line            ? 
_entity_src_gen.pdbx_gene_src_atcc                 ? 
_entity_src_gen.pdbx_gene_src_organ                ? 
_entity_src_gen.pdbx_gene_src_organelle            ? 
_entity_src_gen.pdbx_gene_src_cell                 ? 
_entity_src_gen.pdbx_gene_src_cellular_location    ? 
_entity_src_gen.host_org_common_name               ? 
_entity_src_gen.pdbx_host_org_scientific_name      'Escherichia coli' 
_entity_src_gen.pdbx_host_org_ncbi_taxonomy_id     562 
_entity_src_gen.host_org_genus                     ? 
_entity_src_gen.pdbx_host_org_gene                 ? 
_entity_src_gen.pdbx_host_org_organ                ? 
_entity_src_gen.host_org_species                   ? 
_entity_src_gen.pdbx_host_org_tissue               ? 
_entity_src_gen.pdbx_host_org_tissue_fraction      ? 
_entity_src_gen.pdbx_host_org_strain               ? 
_entity_src_gen.pdbx_host_org_variant              ? 
_entity_src_gen.pdbx_host_org_cell_line            ? 
_entity_src_gen.pdbx_host_org_atcc                 ? 
_entity_src_gen.pdbx_host_org_culture_collection   ? 
_entity_src_gen.pdbx_host_org_cell                 ? 
_entity_src_gen.pdbx_host_org_organelle            ? 
_entity_src_gen.pdbx_host_org_cellular_location    ? 
_entity_src_gen.pdbx_host_org_vector_type          ? 
_entity_src_gen.pdbx_host_org_vector               ? 
_entity_src_gen.host_org_details                   ? 
_entity_src_gen.expression_system_id               ? 
_entity_src_gen.plasmid_name                       ? 
_entity_src_gen.plasmid_details                    ? 
_entity_src_gen.pdbx_description                   ? 
# 
loop_
_chem_comp.id 
_chem_comp.type 
_chem_comp.mon_nstd_flag 
_chem_comp.name 
_chem_comp.pdbx_synonyms 
_chem_comp.formula 
_chem_comp.formula_weight 
ALA 'L-peptide linking' y ALANINE         ? 'C3 H7 N O2'     89.093  
ARG 'L-peptide linking' y ARGININE        ? 'C6 H15 N4 O2 1' 175.209 
ASN 'L-peptide linking' y ASPARAGINE      ? 'C4 H8 N2 O3'    132.118 
ASP 'L-peptide linking' y 'ASPARTIC ACID' ? 'C4 H7 N O4'     133.103 
CYS 'L-peptide linking' y CYSTEINE        ? 'C3 H7 N O2 S'   121.158 
GLN 'L-peptide linking' y GLUTAMINE       ? 'C5 H10 N2 O3'   146.144 
GLU 'L-peptide linking' y 'GLUTAMIC ACID' ? 'C5 H9 N O4'     147.129 
GLY 'peptide linking'   y GLYCINE         ? 'C2 H5 N O2'     75.067  
HIS 'L-peptide linking' y HISTIDINE       ? 'C6 H10 N3 O2 1' 156.162 
HOH non-polymer         . WATER           ? 'H2 O'           18.015  
ILE 'L-peptide linking' y ISOLEUCINE      ? 'C6 H13 N O2'    131.173 
LEU 'L-peptide linking' y LEUCINE         ? 'C6 H13 N O2'    131.173 
LYS 'L-peptide linking' y LYSINE          ? 'C6 H15 N2 O2 1' 147.195 
MET 'L-peptide linking' y METHIONINE      ? 'C5 H11 N O2 S'  149.211 
PHE 'L-peptide linking' y PHENYLALANINE   ? 'C9 H11 N O2'    165.189 
PRO 'L-peptide linking' y PROLINE         ? 'C5 H9 N O2'     115.130 
SER 'L-peptide linking' y SERINE          ? 'C3 H7 N O3'     105.093 
THR 'L-peptide linking' y THREONINE       ? 'C4 H9 N O3'     119.119 
TRP 'L-peptide linking' y TRYPTOPHAN      ? 'C11 H12 N2 O2'  204.225 
TYR 'L-peptide linking' y TYROSINE        ? 'C9 H11 N O3'    181.189 
VAL 'L-peptide linking' y VALINE          ? 'C5 H11 N O2'    117.146 
ZN  non-polymer         . 'ZINC ION'      ? 'Zn 2'           65.409  
# 
loop_
_pdbx_poly_seq_scheme.asym_id 
_pdbx_poly_seq_scheme.entity_id 
_pdbx_poly_seq_scheme.seq_id 
_pdbx_poly_seq_scheme.mon_id 
_pdbx_poly_seq_scheme.ndb_seq_num 
_pdbx_poly_seq_scheme.pdb_seq_num 
_pdbx_poly_seq_scheme.auth_seq_num 
_pdbx_poly_seq_scheme.pdb_mon_id 
_pdbx_poly_seq_scheme.auth_mon_id 
_pdbx_poly_seq_scheme.pdb_strand_id 
_pdbx_poly_seq_scheme.pdb_ins_code 
_pdbx_poly_seq_scheme.hetero 
A 1 1  GLY 1  232 ?   ?   ?   A . n 
A 1 2  SER 2  233 ?   ?   ?   A . n 
A 1 3  GLU 3  234 234 GLU GLU A . n 
A 1 4  THR 4  235 235 THR THR A . n 
A 1 5  ASP 5  236 236 ASP ASP A . n 
A 1 6  CYS 6  237 237 CYS CYS A . n 
A 1 7  ARG 7  238 238 ARG ARG A . n 
A 1 8  TRP 8  239 239 TRP TRP A . n 
A 1 9  ASP 9  240 240 ASP ASP A . n 
A 1 10 GLY 10 241 241 GLY GLY A . n 
A 1 11 CYS 11 242 242 CYS CYS A . n 
A 1 12 SER 12 243 243 SER SER A . n 
A 1 13 GLN 13 244 244 GLN GLN A . n 
A 1 14 GLU 14 245 245 GLU GLU A . n 
A 1 15 PHE 15 246 246 PHE PHE A . n 
A 1 16 ASP 16 247 247 ASP ASP A . n 
A 1 17 SER 17 248 248 SER SER A . n 
A 1 18 GLN 18 249 249 GLN GLN A . n 
A 1 19 GLU 19 250 250 GLU GLU A . n 
A 1 20 GLN 20 251 251 GLN GLN A . n 
A 1 21 LEU 21 252 252 LEU LEU A . n 
A 1 22 VAL 22 253 253 VAL VAL A . n 
A 1 23 HIS 23 254 254 HIS HIS A . n 
A 1 24 HIS 24 255 255 HIS HIS A . n 
A 1 25 ILE 25 256 256 ILE ILE A . n 
A 1 26 ASN 26 257 257 ASN ASN A . n 
A 1 27 SER 27 258 258 SER SER A . n 
A 1 28 GLU 28 259 259 GLU GLU A . n 
A 1 29 HIS 29 260 260 HIS HIS A . n 
A 1 30 ILE 30 261 261 ILE ILE A . n 
A 1 31 HIS 31 262 262 HIS HIS A . n 
A 1 32 GLY 32 263 263 GLY GLY A . n 
A 1 33 GLU 33 264 264 GLU GLU A . n 
A 1 34 ARG 34 265 265 ARG ARG A . n 
A 1 35 LYS 35 266 266 LYS LYS A . n 
A 1 36 GLU 36 267 267 GLU GLU A . n 
A 1 37 PHE 37 268 268 PHE PHE A . n 
A 1 38 VAL 38 269 269 VAL VAL A . n 
A 1 39 CYS 39 270 270 CYS CYS A . n 
A 1 40 HIS 40 271 271 HIS HIS A . n 
A 1 41 TRP 41 272 272 TRP TRP A . n 
A 1 42 GLY 42 273 273 GLY GLY A . n 
A 1 43 GLY 43 274 274 GLY GLY A . n 
A 1 44 CYS 44 275 275 CYS CYS A . n 
A 1 45 SER 45 276 276 SER SER A . n 
A 1 46 ARG 46 277 277 ARG ARG A . n 
A 1 47 GLU 47 278 278 GLU GLU A . n 
A 1 48 LEU 48 279 279 LEU LEU A . n 
A 1 49 ARG 49 280 280 ARG ARG A . n 
A 1 50 PRO 50 281 281 PRO PRO A . n 
A 1 51 PHE 51 282 282 PHE PHE A . n 
A 1 52 LYS 52 283 283 LYS LYS A . n 
A 1 53 ALA 53 284 284 ALA ALA A . n 
A 1 54 GLN 54 285 285 GLN GLN A . n 
A 1 55 TYR 55 286 286 TYR TYR A . n 
A 1 56 MET 56 287 287 MET MET A . n 
A 1 57 LEU 57 288 288 LEU LEU A . n 
A 1 58 VAL 58 289 289 VAL VAL A . n 
A 1 59 VAL 59 290 290 VAL VAL A . n 
A 1 60 HIS 60 291 291 HIS HIS A . n 
A 1 61 MET 61 292 292 MET MET A . n 
A 1 62 ARG 62 293 293 ARG ARG A . n 
A 1 63 ARG 63 294 294 ARG ARG A . n 
A 1 64 HIS 64 295 295 HIS HIS A . n 
A 1 65 THR 65 296 296 THR THR A . n 
A 1 66 GLY 66 297 297 GLY GLY A . n 
A 1 67 GLU 67 298 298 GLU GLU A . n 
A 1 68 LYS 68 299 299 LYS LYS A . n 
A 1 69 PRO 69 300 300 PRO PRO A . n 
A 1 70 HIS 70 301 ?   ?   ?   A . n 
A 1 71 LYS 71 302 ?   ?   ?   A . n 
B 1 1  GLY 1  232 ?   ?   ?   B . n 
B 1 2  SER 2  233 ?   ?   ?   B . n 
B 1 3  GLU 3  234 ?   ?   ?   B . n 
B 1 4  THR 4  235 235 THR THR B . n 
B 1 5  ASP 5  236 236 ASP ASP B . n 
B 1 6  CYS 6  237 237 CYS CYS B . n 
B 1 7  ARG 7  238 238 ARG ARG B . n 
B 1 8  TRP 8  239 239 TRP TRP B . n 
B 1 9  ASP 9  240 240 ASP ASP B . n 
B 1 10 GLY 10 241 241 GLY GLY B . n 
B 1 11 CYS 11 242 242 CYS CYS B . n 
B 1 12 SER 12 243 243 SER SER B . n 
B 1 13 GLN 13 244 244 GLN GLN B . n 
B 1 14 GLU 14 245 245 GLU GLU B . n 
B 1 15 PHE 15 246 246 PHE PHE B . n 
B 1 16 ASP 16 247 247 ASP ASP B . n 
B 1 17 SER 17 248 248 SER SER B . n 
B 1 18 GLN 18 249 249 GLN GLN B . n 
B 1 19 GLU 19 250 250 GLU GLU B . n 
B 1 20 GLN 20 251 251 GLN GLN B . n 
B 1 21 LEU 21 252 252 LEU LEU B . n 
B 1 22 VAL 22 253 253 VAL VAL B . n 
B 1 23 HIS 23 254 254 HIS HIS B . n 
B 1 24 HIS 24 255 255 HIS HIS B . n 
B 1 25 ILE 25 256 256 ILE ILE B . n 
B 1 26 ASN 26 257 257 ASN ASN B . n 
B 1 27 SER 27 258 258 SER SER B . n 
B 1 28 GLU 28 259 259 GLU GLU B . n 
B 1 29 HIS 29 260 260 HIS HIS B . n 
B 1 30 ILE 30 261 261 ILE ILE B . n 
B 1 31 HIS 31 262 262 HIS HIS B . n 
B 1 32 GLY 32 263 263 GLY GLY B . n 
B 1 33 GLU 33 264 264 GLU GLU B . n 
B 1 34 ARG 34 265 265 ARG ARG B . n 
B 1 35 LYS 35 266 266 LYS LYS B . n 
B 1 36 GLU 36 267 267 GLU GLU B . n 
B 1 37 PHE 37 268 268 PHE PHE B . n 
B 1 38 VAL 38 269 269 VAL VAL B . n 
B 1 39 CYS 39 270 270 CYS CYS B . n 
B 1 40 HIS 40 271 271 HIS HIS B . n 
B 1 41 TRP 41 272 272 TRP TRP B . n 
B 1 42 GLY 42 273 273 GLY GLY B . n 
B 1 43 GLY 43 274 274 GLY GLY B . n 
B 1 44 CYS 44 275 275 CYS CYS B . n 
B 1 45 SER 45 276 276 SER SER B . n 
B 1 46 ARG 46 277 277 ARG ARG B . n 
B 1 47 GLU 47 278 278 GLU GLU B . n 
B 1 48 LEU 48 279 279 LEU LEU B . n 
B 1 49 ARG 49 280 280 ARG ARG B . n 
B 1 50 PRO 50 281 281 PRO PRO B . n 
B 1 51 PHE 51 282 282 PHE PHE B . n 
B 1 52 LYS 52 283 283 LYS LYS B . n 
B 1 53 ALA 53 284 284 ALA ALA B . n 
B 1 54 GLN 54 285 285 GLN GLN B . n 
B 1 55 TYR 55 286 286 TYR TYR B . n 
B 1 56 MET 56 287 287 MET MET B . n 
B 1 57 LEU 57 288 288 LEU LEU B . n 
B 1 58 VAL 58 289 289 VAL VAL B . n 
B 1 59 VAL 59 290 290 VAL VAL B . n 
B 1 60 HIS 60 291 291 HIS HIS B . n 
B 1 61 MET 61 292 292 MET MET B . n 
B 1 62 ARG 62 293 293 ARG ARG B . n 
B 1 63 ARG 63 294 294 ARG ARG B . n 
B 1 64 HIS 64 295 295 HIS HIS B . n 
B 1 65 THR 65 296 296 THR THR B . n 
B 1 66 GLY 66 297 ?   ?   ?   B . n 
B 1 67 GLU 67 298 ?   ?   ?   B . n 
B 1 68 LYS 68 299 ?   ?   ?   B . n 
B 1 69 PRO 69 300 ?   ?   ?   B . n 
B 1 70 HIS 70 301 ?   ?   ?   B . n 
B 1 71 LYS 71 302 ?   ?   ?   B . n 
# 
_pdbx_entity_instance_feature.ordinal        1 
_pdbx_entity_instance_feature.comp_id        ZN 
_pdbx_entity_instance_feature.asym_id        ? 
_pdbx_entity_instance_feature.seq_num        ? 
_pdbx_entity_instance_feature.auth_comp_id   ZN 
_pdbx_entity_instance_feature.auth_asym_id   ? 
_pdbx_entity_instance_feature.auth_seq_num   ? 
_pdbx_entity_instance_feature.feature_type   'SUBJECT OF INVESTIGATION' 
_pdbx_entity_instance_feature.details        ? 
# 
loop_
_pdbx_nonpoly_scheme.asym_id 
_pdbx_nonpoly_scheme.entity_id 
_pdbx_nonpoly_scheme.mon_id 
_pdbx_nonpoly_scheme.ndb_seq_num 
_pdbx_nonpoly_scheme.pdb_seq_num 
_pdbx_nonpoly_scheme.auth_seq_num 
_pdbx_nonpoly_scheme.pdb_mon_id 
_pdbx_nonpoly_scheme.auth_mon_id 
_pdbx_nonpoly_scheme.pdb_strand_id 
_pdbx_nonpoly_scheme.pdb_ins_code 
C 2 ZN  1  401 1  ZN  ZN  A . 
D 2 ZN  1  402 2  ZN  ZN  A . 
E 2 ZN  1  401 3  ZN  ZN  B . 
F 2 ZN  1  402 4  ZN  ZN  B . 
G 3 HOH 1  501 72 HOH HOH A . 
G 3 HOH 2  502 27 HOH HOH A . 
G 3 HOH 3  503 32 HOH HOH A . 
G 3 HOH 4  504 12 HOH HOH A . 
G 3 HOH 5  505 50 HOH HOH A . 
G 3 HOH 6  506 11 HOH HOH A . 
G 3 HOH 7  507 67 HOH HOH A . 
G 3 HOH 8  508 7  HOH HOH A . 
G 3 HOH 9  509 49 HOH HOH A . 
G 3 HOH 10 510 17 HOH HOH A . 
G 3 HOH 11 511 5  HOH HOH A . 
G 3 HOH 12 512 64 HOH HOH A . 
G 3 HOH 13 513 71 HOH HOH A . 
G 3 HOH 14 514 18 HOH HOH A . 
G 3 HOH 15 515 51 HOH HOH A . 
G 3 HOH 16 516 41 HOH HOH A . 
G 3 HOH 17 517 22 HOH HOH A . 
G 3 HOH 18 518 60 HOH HOH A . 
G 3 HOH 19 519 45 HOH HOH A . 
G 3 HOH 20 520 62 HOH HOH A . 
G 3 HOH 21 521 6  HOH HOH A . 
G 3 HOH 22 522 70 HOH HOH A . 
G 3 HOH 23 523 57 HOH HOH A . 
G 3 HOH 24 524 63 HOH HOH A . 
G 3 HOH 25 525 13 HOH HOH A . 
G 3 HOH 26 526 8  HOH HOH A . 
G 3 HOH 27 527 77 HOH HOH A . 
G 3 HOH 28 528 3  HOH HOH A . 
G 3 HOH 29 529 14 HOH HOH A . 
G 3 HOH 30 530 30 HOH HOH A . 
G 3 HOH 31 531 59 HOH HOH A . 
G 3 HOH 32 532 26 HOH HOH A . 
G 3 HOH 33 533 55 HOH HOH A . 
G 3 HOH 34 534 25 HOH HOH A . 
G 3 HOH 35 535 29 HOH HOH A . 
G 3 HOH 36 536 39 HOH HOH A . 
G 3 HOH 37 537 35 HOH HOH A . 
G 3 HOH 38 538 46 HOH HOH A . 
G 3 HOH 39 539 42 HOH HOH A . 
G 3 HOH 40 540 34 HOH HOH A . 
G 3 HOH 41 541 44 HOH HOH A . 
H 3 HOH 1  501 38 HOH HOH B . 
H 3 HOH 2  502 37 HOH HOH B . 
H 3 HOH 3  503 65 HOH HOH B . 
H 3 HOH 4  504 31 HOH HOH B . 
H 3 HOH 5  505 75 HOH HOH B . 
H 3 HOH 6  506 74 HOH HOH B . 
H 3 HOH 7  507 4  HOH HOH B . 
H 3 HOH 8  508 68 HOH HOH B . 
H 3 HOH 9  509 61 HOH HOH B . 
H 3 HOH 10 510 9  HOH HOH B . 
H 3 HOH 11 511 56 HOH HOH B . 
H 3 HOH 12 512 2  HOH HOH B . 
H 3 HOH 13 513 58 HOH HOH B . 
H 3 HOH 14 514 54 HOH HOH B . 
H 3 HOH 15 515 52 HOH HOH B . 
H 3 HOH 16 516 15 HOH HOH B . 
H 3 HOH 17 517 73 HOH HOH B . 
H 3 HOH 18 518 1  HOH HOH B . 
H 3 HOH 19 519 53 HOH HOH B . 
H 3 HOH 20 520 78 HOH HOH B . 
H 3 HOH 21 521 16 HOH HOH B . 
H 3 HOH 22 522 19 HOH HOH B . 
H 3 HOH 23 523 21 HOH HOH B . 
H 3 HOH 24 524 23 HOH HOH B . 
H 3 HOH 25 525 69 HOH HOH B . 
H 3 HOH 26 526 66 HOH HOH B . 
H 3 HOH 27 527 43 HOH HOH B . 
H 3 HOH 28 528 20 HOH HOH B . 
H 3 HOH 29 529 33 HOH HOH B . 
H 3 HOH 30 530 48 HOH HOH B . 
H 3 HOH 31 531 40 HOH HOH B . 
# 
loop_
_software.citation_id 
_software.classification 
_software.compiler_name 
_software.compiler_version 
_software.contact_author 
_software.contact_author_email 
_software.date 
_software.description 
_software.dependencies 
_software.hardware 
_software.language 
_software.location 
_software.mods 
_software.name 
_software.os 
_software.os_version 
_software.type 
_software.version 
_software.pdbx_ordinal 
? 'data reduction'  ? ? 'Wolfgang Kabsch'    Wolfgang.Kabsch@mpimf-heidelberg.mpg.de ?               ? ? ? ?          
http://www.mpimf-heidelberg.mpg.de/~kabsch/xds/ ? XDS         ? ? package .        1 
? 'data scaling'    ? ? 'Phil R. Evans'      pre@mrc-lmb.cam.ac.uk                   ?               ? ? ? Fortran_77 
http://www.ccp4.ac.uk/dist/html/scala.html      ? SCALA       ? ? other   .        2 
? phasing           ? ? 'Randy J. Read'      cimr-phaser@lists.cam.ac.uk             ?               ? ? ? ?          
http://www-structmed.cimr.cam.ac.uk/phaser/     ? PHASER      ? ? program .        3 
? refinement        ? ? 'Garib N. Murshudov' garib@ysbl.york.ac.uk                   ?               ? ? ? Fortran_77 
http://www.ccp4.ac.uk/dist/html/refmac5.html    ? REFMAC      ? ? program 5.8.0267 4 
? 'data extraction' ? ? PDB                  deposit@deposit.rcsb.org                'Oct. 31, 2020' ? ? ? C++        
http://sw-tools.pdb.org/apps/PDB_EXTRACT/       ? PDB_EXTRACT ? ? package 3.27     5 
# 
_cell.angle_alpha                  90.000 
_cell.angle_alpha_esd              ? 
_cell.angle_beta                   90.000 
_cell.angle_beta_esd               ? 
_cell.angle_gamma                  120.000 
_cell.angle_gamma_esd              ? 
_cell.entry_id                     7T91 
_cell.details                      ? 
_cell.formula_units_Z              ? 
_cell.length_a                     66.728 
_cell.length_a_esd                 ? 
_cell.length_b                     66.728 
_cell.length_b_esd                 ? 
_cell.length_c                     65.909 
_cell.length_c_esd                 ? 
_cell.volume                       ? 
_cell.volume_esd                   ? 
_cell.Z_PDB                        12 
_cell.reciprocal_angle_alpha       ? 
_cell.reciprocal_angle_beta        ? 
_cell.reciprocal_angle_gamma       ? 
_cell.reciprocal_angle_alpha_esd   ? 
_cell.reciprocal_angle_beta_esd    ? 
_cell.reciprocal_angle_gamma_esd   ? 
_cell.reciprocal_length_a          ? 
_cell.reciprocal_length_b          ? 
_cell.reciprocal_length_c          ? 
_cell.reciprocal_length_a_esd      ? 
_cell.reciprocal_length_b_esd      ? 
_cell.reciprocal_length_c_esd      ? 
_cell.pdbx_unique_axis             ? 
# 
_symmetry.entry_id                         7T91 
_symmetry.cell_setting                     ? 
_symmetry.Int_Tables_number                170 
_symmetry.space_group_name_Hall            ? 
_symmetry.space_group_name_H-M             'P 65' 
_symmetry.pdbx_full_space_group_name_H-M   ? 
# 
_exptl.absorpt_coefficient_mu     ? 
_exptl.absorpt_correction_T_max   ? 
_exptl.absorpt_correction_T_min   ? 
_exptl.absorpt_correction_type    ? 
_exptl.absorpt_process_details    ? 
_exptl.entry_id                   7T91 
_exptl.crystals_number            1 
_exptl.details                    ? 
_exptl.method                     'X-RAY DIFFRACTION' 
_exptl.method_details             ? 
# 
_exptl_crystal.colour                      ? 
_exptl_crystal.density_diffrn              ? 
_exptl_crystal.density_Matthews            2.51 
_exptl_crystal.density_method              ? 
_exptl_crystal.density_percent_sol         50.94 
_exptl_crystal.description                 ? 
_exptl_crystal.F_000                       ? 
_exptl_crystal.id                          1 
_exptl_crystal.preparation                 ? 
_exptl_crystal.size_max                    ? 
_exptl_crystal.size_mid                    ? 
_exptl_crystal.size_min                    ? 
_exptl_crystal.size_rad                    ? 
_exptl_crystal.colour_lustre               ? 
_exptl_crystal.colour_modifier             ? 
_exptl_crystal.colour_primary              ? 
_exptl_crystal.density_meas                ? 
_exptl_crystal.density_meas_esd            ? 
_exptl_crystal.density_meas_gt             ? 
_exptl_crystal.density_meas_lt             ? 
_exptl_crystal.density_meas_temp           ? 
_exptl_crystal.density_meas_temp_esd       ? 
_exptl_crystal.density_meas_temp_gt        ? 
_exptl_crystal.density_meas_temp_lt        ? 
_exptl_crystal.pdbx_crystal_image_url      ? 
_exptl_crystal.pdbx_crystal_image_format   ? 
_exptl_crystal.pdbx_mosaicity              ? 
_exptl_crystal.pdbx_mosaicity_esd          ? 
# 
_exptl_crystal_grow.apparatus       ? 
_exptl_crystal_grow.atmosphere      ? 
_exptl_crystal_grow.crystal_id      1 
_exptl_crystal_grow.details         ? 
_exptl_crystal_grow.method          EVAPORATION 
_exptl_crystal_grow.method_ref      ? 
_exptl_crystal_grow.pH              ? 
_exptl_crystal_grow.pressure        ? 
_exptl_crystal_grow.pressure_esd    ? 
_exptl_crystal_grow.seeding         ? 
_exptl_crystal_grow.seeding_ref     ? 
_exptl_crystal_grow.temp            291 
_exptl_crystal_grow.temp_details    ? 
_exptl_crystal_grow.temp_esd        ? 
_exptl_crystal_grow.time            ? 
_exptl_crystal_grow.pdbx_details    '29-32% PEG3350, 0.1M Bis-Tris pH6.5' 
_exptl_crystal_grow.pdbx_pH_range   ? 
# 
_diffrn.ambient_environment              ? 
_diffrn.ambient_temp                     100 
_diffrn.ambient_temp_details             ? 
_diffrn.ambient_temp_esd                 ? 
_diffrn.crystal_id                       1 
_diffrn.crystal_support                  ? 
_diffrn.crystal_treatment                ? 
_diffrn.details                          ? 
_diffrn.id                               1 
_diffrn.ambient_pressure                 ? 
_diffrn.ambient_pressure_esd             ? 
_diffrn.ambient_pressure_gt              ? 
_diffrn.ambient_pressure_lt              ? 
_diffrn.ambient_temp_gt                  ? 
_diffrn.ambient_temp_lt                  ? 
_diffrn.pdbx_serial_crystal_experiment   N 
# 
_diffrn_detector.details                      ? 
_diffrn_detector.detector                     PIXEL 
_diffrn_detector.diffrn_id                    1 
_diffrn_detector.type                         'DECTRIS EIGER X 16M' 
_diffrn_detector.area_resol_mean              ? 
_diffrn_detector.dtime                        ? 
_diffrn_detector.pdbx_frames_total            ? 
_diffrn_detector.pdbx_collection_time_total   ? 
_diffrn_detector.pdbx_collection_date         2019-08-13 
_diffrn_detector.pdbx_frequency               ? 
# 
_diffrn_radiation.collimation                      ? 
_diffrn_radiation.diffrn_id                        1 
_diffrn_radiation.filter_edge                      ? 
_diffrn_radiation.inhomogeneity                    ? 
_diffrn_radiation.monochromator                    ? 
_diffrn_radiation.polarisn_norm                    ? 
_diffrn_radiation.polarisn_ratio                   ? 
_diffrn_radiation.probe                            ? 
_diffrn_radiation.type                             ? 
_diffrn_radiation.xray_symbol                      ? 
_diffrn_radiation.wavelength_id                    1 
_diffrn_radiation.pdbx_monochromatic_or_laue_m_l   M 
_diffrn_radiation.pdbx_wavelength_list             ? 
_diffrn_radiation.pdbx_wavelength                  ? 
_diffrn_radiation.pdbx_diffrn_protocol             'SINGLE WAVELENGTH' 
_diffrn_radiation.pdbx_analyzer                    ? 
_diffrn_radiation.pdbx_scattering_type             x-ray 
# 
_diffrn_radiation_wavelength.id           1 
_diffrn_radiation_wavelength.wavelength   1.0 
_diffrn_radiation_wavelength.wt           1.0 
# 
_diffrn_source.current                     ? 
_diffrn_source.details                     ? 
_diffrn_source.diffrn_id                   1 
_diffrn_source.power                       ? 
_diffrn_source.size                        ? 
_diffrn_source.source                      SYNCHROTRON 
_diffrn_source.target                      ? 
_diffrn_source.type                        'APS BEAMLINE 22-ID' 
_diffrn_source.voltage                     ? 
_diffrn_source.take-off_angle              ? 
_diffrn_source.pdbx_wavelength_list        1.0 
_diffrn_source.pdbx_wavelength             ? 
_diffrn_source.pdbx_synchrotron_beamline   22-ID 
_diffrn_source.pdbx_synchrotron_site       APS 
# 
_reflns.B_iso_Wilson_estimate                          ? 
_reflns.entry_id                                       7T91 
_reflns.data_reduction_details                         ? 
_reflns.data_reduction_method                          ? 
_reflns.d_resolution_high                              2.05 
_reflns.d_resolution_low                               57.79 
_reflns.details                                        ? 
_reflns.limit_h_max                                    ? 
_reflns.limit_h_min                                    ? 
_reflns.limit_k_max                                    ? 
_reflns.limit_k_min                                    ? 
_reflns.limit_l_max                                    ? 
_reflns.limit_l_min                                    ? 
_reflns.number_all                                     ? 
_reflns.number_obs                                     10542 
_reflns.observed_criterion                             ? 
_reflns.observed_criterion_F_max                       ? 
_reflns.observed_criterion_F_min                       ? 
_reflns.observed_criterion_I_max                       ? 
_reflns.observed_criterion_I_min                       ? 
_reflns.observed_criterion_sigma_F                     ? 
_reflns.observed_criterion_sigma_I                     ? 
_reflns.percent_possible_obs                           100 
_reflns.R_free_details                                 ? 
_reflns.Rmerge_F_all                                   ? 
_reflns.Rmerge_F_obs                                   ? 
_reflns.Friedel_coverage                               ? 
_reflns.number_gt                                      ? 
_reflns.threshold_expression                           ? 
_reflns.pdbx_redundancy                                11.4 
_reflns.pdbx_Rmerge_I_obs                              ? 
_reflns.pdbx_Rmerge_I_all                              ? 
_reflns.pdbx_Rsym_value                                ? 
_reflns.pdbx_netI_over_av_sigmaI                       ? 
_reflns.pdbx_netI_over_sigmaI                          17.3 
_reflns.pdbx_res_netI_over_av_sigmaI_2                 ? 
_reflns.pdbx_res_netI_over_sigmaI_2                    ? 
_reflns.pdbx_chi_squared                               ? 
_reflns.pdbx_scaling_rejects                           ? 
_reflns.pdbx_d_res_high_opt                            ? 
_reflns.pdbx_d_res_low_opt                             ? 
_reflns.pdbx_d_res_opt_method                          ? 
_reflns.phase_calculation_details                      ? 
_reflns.pdbx_Rrim_I_all                                ? 
_reflns.pdbx_Rpim_I_all                                0.034 
_reflns.pdbx_d_opt                                     ? 
_reflns.pdbx_number_measured_all                       ? 
_reflns.pdbx_diffrn_id                                 1 
_reflns.pdbx_ordinal                                   1 
_reflns.pdbx_CC_half                                   ? 
_reflns.pdbx_CC_star                                   ? 
_reflns.pdbx_R_split                                   ? 
_reflns.pdbx_aniso_diffraction_limit_axis_1_ortho[1]   ? 
_reflns.pdbx_aniso_diffraction_limit_axis_1_ortho[2]   ? 
_reflns.pdbx_aniso_diffraction_limit_axis_1_ortho[3]   ? 
_reflns.pdbx_aniso_diffraction_limit_axis_2_ortho[1]   ? 
_reflns.pdbx_aniso_diffraction_limit_axis_2_ortho[2]   ? 
_reflns.pdbx_aniso_diffraction_limit_axis_2_ortho[3]   ? 
_reflns.pdbx_aniso_diffraction_limit_axis_3_ortho[1]   ? 
_reflns.pdbx_aniso_diffraction_limit_axis_3_ortho[2]   ? 
_reflns.pdbx_aniso_diffraction_limit_axis_3_ortho[3]   ? 
_reflns.pdbx_aniso_diffraction_limit_1                 ? 
_reflns.pdbx_aniso_diffraction_limit_2                 ? 
_reflns.pdbx_aniso_diffraction_limit_3                 ? 
_reflns.pdbx_aniso_B_tensor_eigenvector_1_ortho[1]     ? 
_reflns.pdbx_aniso_B_tensor_eigenvector_1_ortho[2]     ? 
_reflns.pdbx_aniso_B_tensor_eigenvector_1_ortho[3]     ? 
_reflns.pdbx_aniso_B_tensor_eigenvector_2_ortho[1]     ? 
_reflns.pdbx_aniso_B_tensor_eigenvector_2_ortho[2]     ? 
_reflns.pdbx_aniso_B_tensor_eigenvector_2_ortho[3]     ? 
_reflns.pdbx_aniso_B_tensor_eigenvector_3_ortho[1]     ? 
_reflns.pdbx_aniso_B_tensor_eigenvector_3_ortho[2]     ? 
_reflns.pdbx_aniso_B_tensor_eigenvector_3_ortho[3]     ? 
_reflns.pdbx_aniso_B_tensor_eigenvalue_1               ? 
_reflns.pdbx_aniso_B_tensor_eigenvalue_2               ? 
_reflns.pdbx_aniso_B_tensor_eigenvalue_3               ? 
_reflns.pdbx_orthogonalization_convention              ? 
_reflns.pdbx_percent_possible_ellipsoidal              ? 
_reflns.pdbx_percent_possible_spherical                ? 
_reflns.pdbx_percent_possible_ellipsoidal_anomalous    ? 
_reflns.pdbx_percent_possible_spherical_anomalous      ? 
_reflns.pdbx_redundancy_anomalous                      ? 
_reflns.pdbx_CC_half_anomalous                         ? 
_reflns.pdbx_absDiff_over_sigma_anomalous              ? 
_reflns.pdbx_percent_possible_anomalous                ? 
_reflns.pdbx_observed_signal_threshold                 ? 
_reflns.pdbx_signal_type                               ? 
_reflns.pdbx_signal_details                            ? 
_reflns.pdbx_signal_software_id                        ? 
# 
_reflns_shell.d_res_high                                    2.05 
_reflns_shell.d_res_low                                     2.1 
_reflns_shell.meanI_over_sigI_all                           ? 
_reflns_shell.meanI_over_sigI_obs                           ? 
_reflns_shell.number_measured_all                           ? 
_reflns_shell.number_measured_obs                           ? 
_reflns_shell.number_possible                               ? 
_reflns_shell.number_unique_all                             ? 
_reflns_shell.number_unique_obs                             818 
_reflns_shell.percent_possible_all                          ? 
_reflns_shell.percent_possible_obs                          ? 
_reflns_shell.Rmerge_F_all                                  ? 
_reflns_shell.Rmerge_F_obs                                  ? 
_reflns_shell.Rmerge_I_all                                  ? 
_reflns_shell.Rmerge_I_obs                                  ? 
_reflns_shell.meanI_over_sigI_gt                            ? 
_reflns_shell.meanI_over_uI_all                             ? 
_reflns_shell.meanI_over_uI_gt                              ? 
_reflns_shell.number_measured_gt                            ? 
_reflns_shell.number_unique_gt                              ? 
_reflns_shell.percent_possible_gt                           ? 
_reflns_shell.Rmerge_F_gt                                   ? 
_reflns_shell.Rmerge_I_gt                                   ? 
_reflns_shell.pdbx_redundancy                               ? 
_reflns_shell.pdbx_Rsym_value                               ? 
_reflns_shell.pdbx_chi_squared                              ? 
_reflns_shell.pdbx_netI_over_sigmaI_all                     ? 
_reflns_shell.pdbx_netI_over_sigmaI_obs                     ? 
_reflns_shell.pdbx_Rrim_I_all                               ? 
_reflns_shell.pdbx_Rpim_I_all                               0.283 
_reflns_shell.pdbx_rejects                                  ? 
_reflns_shell.pdbx_ordinal                                  1 
_reflns_shell.pdbx_diffrn_id                                1 
_reflns_shell.pdbx_CC_half                                  ? 
_reflns_shell.pdbx_CC_star                                  ? 
_reflns_shell.pdbx_R_split                                  ? 
_reflns_shell.pdbx_percent_possible_ellipsoidal             ? 
_reflns_shell.pdbx_percent_possible_spherical               ? 
_reflns_shell.pdbx_percent_possible_ellipsoidal_anomalous   ? 
_reflns_shell.pdbx_percent_possible_spherical_anomalous     ? 
_reflns_shell.pdbx_redundancy_anomalous                     ? 
_reflns_shell.pdbx_CC_half_anomalous                        ? 
_reflns_shell.pdbx_absDiff_over_sigma_anomalous             ? 
_reflns_shell.pdbx_percent_possible_anomalous               ? 
# 
_refine.aniso_B[1][1]                            -0.6400 
_refine.aniso_B[1][2]                            -0.3200 
_refine.aniso_B[1][3]                            -0.0000 
_refine.aniso_B[2][2]                            -0.6400 
_refine.aniso_B[2][3]                            0.0000 
_refine.aniso_B[3][3]                            2.0700 
_refine.B_iso_max                                95.650 
_refine.B_iso_mean                               45.1750 
_refine.B_iso_min                                30.690 
_refine.correlation_coeff_Fo_to_Fc               0.9620 
_refine.correlation_coeff_Fo_to_Fc_free          0.9180 
_refine.details                                  
'HYDROGENS HAVE BEEN ADDED IN THE RIDING POSITIONS U VALUES      : REFINED INDIVIDUALLY' 
_refine.diff_density_max                         ? 
_refine.diff_density_max_esd                     ? 
_refine.diff_density_min                         ? 
_refine.diff_density_min_esd                     ? 
_refine.diff_density_rms                         ? 
_refine.diff_density_rms_esd                     ? 
_refine.entry_id                                 7T91 
_refine.pdbx_refine_id                           'X-RAY DIFFRACTION' 
_refine.ls_abs_structure_details                 ? 
_refine.ls_abs_structure_Flack                   ? 
_refine.ls_abs_structure_Flack_esd               ? 
_refine.ls_abs_structure_Rogers                  ? 
_refine.ls_abs_structure_Rogers_esd              ? 
_refine.ls_d_res_high                            2.0500 
_refine.ls_d_res_low                             57.7900 
_refine.ls_extinction_coef                       ? 
_refine.ls_extinction_coef_esd                   ? 
_refine.ls_extinction_expression                 ? 
_refine.ls_extinction_method                     ? 
_refine.ls_goodness_of_fit_all                   ? 
_refine.ls_goodness_of_fit_all_esd               ? 
_refine.ls_goodness_of_fit_obs                   ? 
_refine.ls_goodness_of_fit_obs_esd               ? 
_refine.ls_hydrogen_treatment                    ? 
_refine.ls_matrix_type                           ? 
_refine.ls_number_constraints                    ? 
_refine.ls_number_parameters                     ? 
_refine.ls_number_reflns_all                     ? 
_refine.ls_number_reflns_obs                     10027 
_refine.ls_number_reflns_R_free                  510 
_refine.ls_number_reflns_R_work                  ? 
_refine.ls_number_restraints                     ? 
_refine.ls_percent_reflns_obs                    99.9700 
_refine.ls_percent_reflns_R_free                 4.8000 
_refine.ls_R_factor_all                          ? 
_refine.ls_R_factor_obs                          0.1940 
_refine.ls_R_factor_R_free                       0.2357 
_refine.ls_R_factor_R_free_error                 ? 
_refine.ls_R_factor_R_free_error_details         ? 
_refine.ls_R_factor_R_work                       0.1915 
_refine.ls_R_Fsqd_factor_obs                     ? 
_refine.ls_R_I_factor_obs                        ? 
_refine.ls_redundancy_reflns_all                 ? 
_refine.ls_redundancy_reflns_obs                 ? 
_refine.ls_restrained_S_all                      ? 
_refine.ls_restrained_S_obs                      ? 
_refine.ls_shift_over_esd_max                    ? 
_refine.ls_shift_over_esd_mean                   ? 
_refine.ls_structure_factor_coef                 ? 
_refine.ls_weighting_details                     ? 
_refine.ls_weighting_scheme                      ? 
_refine.ls_wR_factor_all                         ? 
_refine.ls_wR_factor_obs                         ? 
_refine.ls_wR_factor_R_free                      ? 
_refine.ls_wR_factor_R_work                      ? 
_refine.occupancy_max                            ? 
_refine.occupancy_min                            ? 
_refine.solvent_model_details                    MASK 
_refine.solvent_model_param_bsol                 ? 
_refine.solvent_model_param_ksol                 ? 
_refine.pdbx_R_complete                          ? 
_refine.ls_R_factor_gt                           ? 
_refine.ls_goodness_of_fit_gt                    ? 
_refine.ls_goodness_of_fit_ref                   ? 
_refine.ls_shift_over_su_max                     ? 
_refine.ls_shift_over_su_max_lt                  ? 
_refine.ls_shift_over_su_mean                    ? 
_refine.ls_shift_over_su_mean_lt                 ? 
_refine.pdbx_ls_sigma_I                          ? 
_refine.pdbx_ls_sigma_F                          0.000 
_refine.pdbx_ls_sigma_Fsqd                       ? 
_refine.pdbx_data_cutoff_high_absF               ? 
_refine.pdbx_data_cutoff_high_rms_absF           ? 
_refine.pdbx_data_cutoff_low_absF                ? 
_refine.pdbx_isotropic_thermal_model             ? 
_refine.pdbx_ls_cross_valid_method               THROUGHOUT 
_refine.pdbx_method_to_determine_struct          'MOLECULAR REPLACEMENT' 
_refine.pdbx_starting_model                      2GLI 
_refine.pdbx_stereochemistry_target_values       'MAXIMUM LIKELIHOOD' 
_refine.pdbx_R_Free_selection_details            RANDOM 
_refine.pdbx_stereochem_target_val_spec_case     ? 
_refine.pdbx_overall_ESU_R                       0.1860 
_refine.pdbx_overall_ESU_R_Free                  0.1680 
_refine.pdbx_solvent_vdw_probe_radii             1.2000 
_refine.pdbx_solvent_ion_probe_radii             0.8000 
_refine.pdbx_solvent_shrinkage_radii             0.8000 
_refine.pdbx_real_space_R                        ? 
_refine.pdbx_density_correlation                 ? 
_refine.pdbx_pd_number_of_powder_patterns        ? 
_refine.pdbx_pd_number_of_points                 ? 
_refine.pdbx_pd_meas_number_of_points            ? 
_refine.pdbx_pd_proc_ls_prof_R_factor            ? 
_refine.pdbx_pd_proc_ls_prof_wR_factor           ? 
_refine.pdbx_pd_Marquardt_correlation_coeff      ? 
_refine.pdbx_pd_Fsqrd_R_factor                   ? 
_refine.pdbx_pd_ls_matrix_band_width             ? 
_refine.pdbx_overall_phase_error                 ? 
_refine.pdbx_overall_SU_R_free_Cruickshank_DPI   ? 
_refine.pdbx_overall_SU_R_free_Blow_DPI          ? 
_refine.pdbx_overall_SU_R_Blow_DPI               ? 
_refine.pdbx_TLS_residual_ADP_flag               ? 
_refine.pdbx_diffrn_id                           1 
_refine.overall_SU_B                             4.1320 
_refine.overall_SU_ML                            0.1140 
_refine.overall_SU_R_Cruickshank_DPI             ? 
_refine.overall_SU_R_free                        ? 
_refine.overall_FOM_free_R_set                   ? 
_refine.overall_FOM_work_R_set                   ? 
_refine.pdbx_average_fsc_overall                 ? 
_refine.pdbx_average_fsc_work                    ? 
_refine.pdbx_average_fsc_free                    ? 
# 
_refine_hist.pdbx_refine_id                   'X-RAY DIFFRACTION' 
_refine_hist.cycle_id                         final 
_refine_hist.details                          ? 
_refine_hist.d_res_high                       2.0500 
_refine_hist.d_res_low                        57.7900 
_refine_hist.number_atoms_solvent             72 
_refine_hist.number_atoms_total               1160 
_refine_hist.number_reflns_all                ? 
_refine_hist.number_reflns_obs                ? 
_refine_hist.number_reflns_R_free             ? 
_refine_hist.number_reflns_R_work             ? 
_refine_hist.R_factor_all                     ? 
_refine_hist.R_factor_obs                     ? 
_refine_hist.R_factor_R_free                  ? 
_refine_hist.R_factor_R_work                  ? 
_refine_hist.pdbx_number_residues_total       129 
_refine_hist.pdbx_B_iso_mean_ligand           39.66 
_refine_hist.pdbx_B_iso_mean_solvent          50.03 
_refine_hist.pdbx_number_atoms_protein        1084 
_refine_hist.pdbx_number_atoms_nucleic_acid   0 
_refine_hist.pdbx_number_atoms_ligand         4 
_refine_hist.pdbx_number_atoms_lipid          ? 
_refine_hist.pdbx_number_atoms_carb           ? 
_refine_hist.pdbx_pseudo_atom_details         ? 
# 
loop_
_refine_ls_restr.pdbx_refine_id 
_refine_ls_restr.criterion 
_refine_ls_restr.dev_ideal 
_refine_ls_restr.dev_ideal_target 
_refine_ls_restr.number 
_refine_ls_restr.rejects 
_refine_ls_restr.type 
_refine_ls_restr.weight 
_refine_ls_restr.pdbx_restraint_function 
'X-RAY DIFFRACTION' ? 0.005  0.013  1115 ? r_bond_refined_d       ? ? 
'X-RAY DIFFRACTION' ? 0.001  0.018  967  ? r_bond_other_d         ? ? 
'X-RAY DIFFRACTION' ? 1.240  1.639  1496 ? r_angle_refined_deg    ? ? 
'X-RAY DIFFRACTION' ? 1.266  1.590  2228 ? r_angle_other_deg      ? ? 
'X-RAY DIFFRACTION' ? 6.035  5.000  127  ? r_dihedral_angle_1_deg ? ? 
'X-RAY DIFFRACTION' ? 30.706 20.750 80   ? r_dihedral_angle_2_deg ? ? 
'X-RAY DIFFRACTION' ? 15.387 15.000 194  ? r_dihedral_angle_3_deg ? ? 
'X-RAY DIFFRACTION' ? 22.400 15.000 12   ? r_dihedral_angle_4_deg ? ? 
'X-RAY DIFFRACTION' ? 0.054  0.200  128  ? r_chiral_restr         ? ? 
'X-RAY DIFFRACTION' ? 0.004  0.020  1274 ? r_gen_planes_refined   ? ? 
'X-RAY DIFFRACTION' ? 0.001  0.020  294  ? r_gen_planes_other     ? ? 
# 
_refine_ls_shell.pdbx_refine_id                   'X-RAY DIFFRACTION' 
_refine_ls_shell.d_res_high                       2.0500 
_refine_ls_shell.d_res_low                        2.1030 
_refine_ls_shell.number_reflns_all                772 
_refine_ls_shell.number_reflns_obs                ? 
_refine_ls_shell.number_reflns_R_free             40 
_refine_ls_shell.number_reflns_R_work             732 
_refine_ls_shell.percent_reflns_obs               100.0000 
_refine_ls_shell.percent_reflns_R_free            ? 
_refine_ls_shell.R_factor_all                     ? 
_refine_ls_shell.R_factor_obs                     ? 
_refine_ls_shell.R_factor_R_free                  0.3050 
_refine_ls_shell.R_factor_R_free_error            0.0000 
_refine_ls_shell.R_factor_R_work                  0.2510 
_refine_ls_shell.redundancy_reflns_all            ? 
_refine_ls_shell.redundancy_reflns_obs            ? 
_refine_ls_shell.wR_factor_all                    ? 
_refine_ls_shell.wR_factor_obs                    ? 
_refine_ls_shell.wR_factor_R_free                 ? 
_refine_ls_shell.wR_factor_R_work                 ? 
_refine_ls_shell.pdbx_R_complete                  ? 
_refine_ls_shell.pdbx_total_number_of_bins_used   20 
_refine_ls_shell.pdbx_phase_error                 ? 
_refine_ls_shell.pdbx_fsc_work                    ? 
_refine_ls_shell.pdbx_fsc_free                    ? 
# 
_struct.entry_id                     7T91 
_struct.title                        'Crystal structure of Zinc finger motif 1 and 2 of GLI1 DNA binding region' 
_struct.pdbx_model_details           ? 
_struct.pdbx_formula_weight          ? 
_struct.pdbx_formula_weight_method   ? 
_struct.pdbx_model_type_details      ? 
_struct.pdbx_CASP_flag               N 
# 
_struct_keywords.entry_id        7T91 
_struct_keywords.text            'GLI1, DNA-binding, Zinc finger binding motif, Cancer, DNA BINDING PROTEIN' 
_struct_keywords.pdbx_keywords   'DNA BINDING PROTEIN' 
# 
loop_
_struct_asym.id 
_struct_asym.pdbx_blank_PDB_chainid_flag 
_struct_asym.pdbx_modified 
_struct_asym.entity_id 
_struct_asym.details 
A N N 1 ? 
B N N 1 ? 
C N N 2 ? 
D N N 2 ? 
E N N 2 ? 
F N N 2 ? 
G N N 3 ? 
H N N 3 ? 
# 
_struct_ref.id                         1 
_struct_ref.db_name                    UNP 
_struct_ref.db_code                    GLI1_HUMAN 
_struct_ref.pdbx_db_accession          P08151 
_struct_ref.pdbx_db_isoform            P08151-2 
_struct_ref.entity_id                  1 
_struct_ref.pdbx_seq_one_letter_code   ETDCRWDGCSQEFDSQEQLVHHINSEHIHGERKEFVCHWGGCSRELRPFKAQYMLVVHMRRHTGEKPHK 
_struct_ref.pdbx_align_begin           193 
# 
loop_
_struct_ref_seq.align_id 
_struct_ref_seq.ref_id 
_struct_ref_seq.pdbx_PDB_id_code 
_struct_ref_seq.pdbx_strand_id 
_struct_ref_seq.seq_align_beg 
_struct_ref_seq.pdbx_seq_align_beg_ins_code 
_struct_ref_seq.seq_align_end 
_struct_ref_seq.pdbx_seq_align_end_ins_code 
_struct_ref_seq.pdbx_db_accession 
_struct_ref_seq.db_align_beg 
_struct_ref_seq.pdbx_db_align_beg_ins_code 
_struct_ref_seq.db_align_end 
_struct_ref_seq.pdbx_db_align_end_ins_code 
_struct_ref_seq.pdbx_auth_seq_align_beg 
_struct_ref_seq.pdbx_auth_seq_align_end 
1 1 7T91 A 3 ? 71 ? P08151 193 ? 261 ? 234 302 
2 1 7T91 B 3 ? 71 ? P08151 193 ? 261 ? 234 302 
# 
loop_
_struct_ref_seq_dif.align_id 
_struct_ref_seq_dif.pdbx_pdb_id_code 
_struct_ref_seq_dif.mon_id 
_struct_ref_seq_dif.pdbx_pdb_strand_id 
_struct_ref_seq_dif.seq_num 
_struct_ref_seq_dif.pdbx_pdb_ins_code 
_struct_ref_seq_dif.pdbx_seq_db_name 
_struct_ref_seq_dif.pdbx_seq_db_accession_code 
_struct_ref_seq_dif.db_mon_id 
_struct_ref_seq_dif.pdbx_seq_db_seq_num 
_struct_ref_seq_dif.details 
_struct_ref_seq_dif.pdbx_auth_seq_num 
_struct_ref_seq_dif.pdbx_ordinal 
1 7T91 GLY A 1 ? UNP P08151 ? ? 'expression tag' 232 1 
1 7T91 SER A 2 ? UNP P08151 ? ? 'expression tag' 233 2 
2 7T91 GLY B 1 ? UNP P08151 ? ? 'expression tag' 232 3 
2 7T91 SER B 2 ? UNP P08151 ? ? 'expression tag' 233 4 
# 
_pdbx_struct_assembly.id                   1 
_pdbx_struct_assembly.details              author_and_software_defined_assembly 
_pdbx_struct_assembly.method_details       PISA 
_pdbx_struct_assembly.oligomeric_details   dimeric 
_pdbx_struct_assembly.oligomeric_count     2 
# 
loop_
_pdbx_struct_assembly_prop.biol_id 
_pdbx_struct_assembly_prop.type 
_pdbx_struct_assembly_prop.value 
_pdbx_struct_assembly_prop.details 
1 'ABSA (A^2)' 2570 ? 
1 MORE         -17  ? 
1 'SSA (A^2)'  8630 ? 
# 
_pdbx_struct_assembly_gen.assembly_id       1 
_pdbx_struct_assembly_gen.oper_expression   1 
_pdbx_struct_assembly_gen.asym_id_list      A,B,C,D,E,F,G,H 
# 
_pdbx_struct_assembly_auth_evidence.id                     1 
_pdbx_struct_assembly_auth_evidence.assembly_id            1 
_pdbx_struct_assembly_auth_evidence.experimental_support   none 
_pdbx_struct_assembly_auth_evidence.details                ? 
# 
_pdbx_struct_oper_list.id                   1 
_pdbx_struct_oper_list.type                 'identity operation' 
_pdbx_struct_oper_list.name                 1_555 
_pdbx_struct_oper_list.symmetry_operation   x,y,z 
_pdbx_struct_oper_list.matrix[1][1]         1.0000000000 
_pdbx_struct_oper_list.matrix[1][2]         0.0000000000 
_pdbx_struct_oper_list.matrix[1][3]         0.0000000000 
_pdbx_struct_oper_list.vector[1]            0.0000000000 
_pdbx_struct_oper_list.matrix[2][1]         0.0000000000 
_pdbx_struct_oper_list.matrix[2][2]         1.0000000000 
_pdbx_struct_oper_list.matrix[2][3]         0.0000000000 
_pdbx_struct_oper_list.vector[2]            0.0000000000 
_pdbx_struct_oper_list.matrix[3][1]         0.0000000000 
_pdbx_struct_oper_list.matrix[3][2]         0.0000000000 
_pdbx_struct_oper_list.matrix[3][3]         1.0000000000 
_pdbx_struct_oper_list.vector[3]            0.0000000000 
# 
loop_
_struct_conf.conf_type_id 
_struct_conf.id 
_struct_conf.pdbx_PDB_helix_id 
_struct_conf.beg_label_comp_id 
_struct_conf.beg_label_asym_id 
_struct_conf.beg_label_seq_id 
_struct_conf.pdbx_beg_PDB_ins_code 
_struct_conf.end_label_comp_id 
_struct_conf.end_label_asym_id 
_struct_conf.end_label_seq_id 
_struct_conf.pdbx_end_PDB_ins_code 
_struct_conf.beg_auth_comp_id 
_struct_conf.beg_auth_asym_id 
_struct_conf.beg_auth_seq_id 
_struct_conf.end_auth_comp_id 
_struct_conf.end_auth_asym_id 
_struct_conf.end_auth_seq_id 
_struct_conf.pdbx_PDB_helix_class 
_struct_conf.details 
_struct_conf.pdbx_PDB_helix_length 
HELX_P HELX_P1 AA1 SER A 17 ? HIS A 29 ? SER A 248 HIS A 260 1 ? 13 
HELX_P HELX_P2 AA2 ALA A 53 ? GLY A 66 ? ALA A 284 GLY A 297 1 ? 14 
HELX_P HELX_P3 AA3 SER B 17 ? HIS B 29 ? SER B 248 HIS B 260 1 ? 13 
HELX_P HELX_P4 AA4 ALA B 53 ? ARG B 62 ? ALA B 284 ARG B 293 1 ? 10 
# 
_struct_conf_type.id          HELX_P 
_struct_conf_type.criteria    ? 
_struct_conf_type.reference   ? 
# 
loop_
_struct_conn.id 
_struct_conn.conn_type_id 
_struct_conn.pdbx_leaving_atom_flag 
_struct_conn.pdbx_PDB_id 
_struct_conn.ptnr1_label_asym_id 
_struct_conn.ptnr1_label_comp_id 
_struct_conn.ptnr1_label_seq_id 
_struct_conn.ptnr1_label_atom_id 
_struct_conn.pdbx_ptnr1_label_alt_id 
_struct_conn.pdbx_ptnr1_PDB_ins_code 
_struct_conn.pdbx_ptnr1_standard_comp_id 
_struct_conn.ptnr1_symmetry 
_struct_conn.ptnr2_label_asym_id 
_struct_conn.ptnr2_label_comp_id 
_struct_conn.ptnr2_label_seq_id 
_struct_conn.ptnr2_label_atom_id 
_struct_conn.pdbx_ptnr2_label_alt_id 
_struct_conn.pdbx_ptnr2_PDB_ins_code 
_struct_conn.ptnr1_auth_asym_id 
_struct_conn.ptnr1_auth_comp_id 
_struct_conn.ptnr1_auth_seq_id 
_struct_conn.ptnr2_auth_asym_id 
_struct_conn.ptnr2_auth_comp_id 
_struct_conn.ptnr2_auth_seq_id 
_struct_conn.ptnr2_symmetry 
_struct_conn.pdbx_ptnr3_label_atom_id 
_struct_conn.pdbx_ptnr3_label_seq_id 
_struct_conn.pdbx_ptnr3_label_comp_id 
_struct_conn.pdbx_ptnr3_label_asym_id 
_struct_conn.pdbx_ptnr3_label_alt_id 
_struct_conn.pdbx_ptnr3_PDB_ins_code 
_struct_conn.details 
_struct_conn.pdbx_dist_value 
_struct_conn.pdbx_value_order 
_struct_conn.pdbx_role 
metalc1  metalc ? ? A CYS 6  SG  ? ? ? 1_555 C ZN . ZN ? ? A CYS 237 A ZN 401 1_555 ? ? ? ? ? ? ? 2.173 ? ? 
metalc2  metalc ? ? A CYS 11 SG  ? ? ? 1_555 C ZN . ZN ? ? A CYS 242 A ZN 401 1_555 ? ? ? ? ? ? ? 2.335 ? ? 
metalc3  metalc ? ? A HIS 24 NE2 ? ? ? 1_555 C ZN . ZN ? ? A HIS 255 A ZN 401 1_555 ? ? ? ? ? ? ? 1.991 ? ? 
metalc4  metalc ? ? A HIS 29 NE2 ? ? ? 1_555 C ZN . ZN ? ? A HIS 260 A ZN 401 1_555 ? ? ? ? ? ? ? 2.085 ? ? 
metalc5  metalc ? ? A CYS 39 SG  ? ? ? 1_555 D ZN . ZN ? ? A CYS 270 A ZN 402 1_555 ? ? ? ? ? ? ? 2.278 ? ? 
metalc6  metalc ? ? A CYS 44 SG  ? ? ? 1_555 D ZN . ZN ? ? A CYS 275 A ZN 402 1_555 ? ? ? ? ? ? ? 2.309 ? ? 
metalc7  metalc ? ? A HIS 60 NE2 ? ? ? 1_555 D ZN . ZN ? ? A HIS 291 A ZN 402 1_555 ? ? ? ? ? ? ? 2.122 ? ? 
metalc8  metalc ? ? A HIS 64 NE2 ? ? ? 1_555 D ZN . ZN ? ? A HIS 295 A ZN 402 1_555 ? ? ? ? ? ? ? 2.032 ? ? 
metalc9  metalc ? ? B CYS 6  SG  ? ? ? 1_555 E ZN . ZN ? ? B CYS 237 B ZN 401 1_555 ? ? ? ? ? ? ? 2.164 ? ? 
metalc10 metalc ? ? B CYS 11 SG  ? ? ? 1_555 E ZN . ZN ? ? B CYS 242 B ZN 401 1_555 ? ? ? ? ? ? ? 2.354 ? ? 
metalc11 metalc ? ? B HIS 24 NE2 ? ? ? 1_555 E ZN . ZN ? ? B HIS 255 B ZN 401 1_555 ? ? ? ? ? ? ? 2.004 ? ? 
metalc12 metalc ? ? B HIS 29 NE2 ? ? ? 1_555 E ZN . ZN ? ? B HIS 260 B ZN 401 1_555 ? ? ? ? ? ? ? 2.103 ? ? 
metalc13 metalc ? ? B CYS 39 SG  ? ? ? 1_555 F ZN . ZN ? ? B CYS 270 B ZN 402 1_555 ? ? ? ? ? ? ? 2.329 ? ? 
metalc14 metalc ? ? B CYS 44 SG  ? ? ? 1_555 F ZN . ZN ? ? B CYS 275 B ZN 402 1_555 ? ? ? ? ? ? ? 2.331 ? ? 
metalc15 metalc ? ? B HIS 60 NE2 ? ? ? 1_555 F ZN . ZN ? ? B HIS 291 B ZN 402 1_555 ? ? ? ? ? ? ? 1.973 ? ? 
metalc16 metalc ? ? B HIS 64 NE2 ? ? ? 1_555 F ZN . ZN ? ? B HIS 295 B ZN 402 1_555 ? ? ? ? ? ? ? 1.967 ? ? 
# 
_struct_conn_type.id          metalc 
_struct_conn_type.criteria    ? 
_struct_conn_type.reference   ? 
# 
loop_
_pdbx_struct_conn_angle.id 
_pdbx_struct_conn_angle.ptnr1_label_atom_id 
_pdbx_struct_conn_angle.ptnr1_label_alt_id 
_pdbx_struct_conn_angle.ptnr1_label_asym_id 
_pdbx_struct_conn_angle.ptnr1_label_comp_id 
_pdbx_struct_conn_angle.ptnr1_label_seq_id 
_pdbx_struct_conn_angle.ptnr1_auth_atom_id 
_pdbx_struct_conn_angle.ptnr1_auth_asym_id 
_pdbx_struct_conn_angle.ptnr1_auth_comp_id 
_pdbx_struct_conn_angle.ptnr1_auth_seq_id 
_pdbx_struct_conn_angle.ptnr1_PDB_ins_code 
_pdbx_struct_conn_angle.ptnr1_symmetry 
_pdbx_struct_conn_angle.ptnr2_label_atom_id 
_pdbx_struct_conn_angle.ptnr2_label_alt_id 
_pdbx_struct_conn_angle.ptnr2_label_asym_id 
_pdbx_struct_conn_angle.ptnr2_label_comp_id 
_pdbx_struct_conn_angle.ptnr2_label_seq_id 
_pdbx_struct_conn_angle.ptnr2_auth_atom_id 
_pdbx_struct_conn_angle.ptnr2_auth_asym_id 
_pdbx_struct_conn_angle.ptnr2_auth_comp_id 
_pdbx_struct_conn_angle.ptnr2_auth_seq_id 
_pdbx_struct_conn_angle.ptnr2_PDB_ins_code 
_pdbx_struct_conn_angle.ptnr2_symmetry 
_pdbx_struct_conn_angle.ptnr3_label_atom_id 
_pdbx_struct_conn_angle.ptnr3_label_alt_id 
_pdbx_struct_conn_angle.ptnr3_label_asym_id 
_pdbx_struct_conn_angle.ptnr3_label_comp_id 
_pdbx_struct_conn_angle.ptnr3_label_seq_id 
_pdbx_struct_conn_angle.ptnr3_auth_atom_id 
_pdbx_struct_conn_angle.ptnr3_auth_asym_id 
_pdbx_struct_conn_angle.ptnr3_auth_comp_id 
_pdbx_struct_conn_angle.ptnr3_auth_seq_id 
_pdbx_struct_conn_angle.ptnr3_PDB_ins_code 
_pdbx_struct_conn_angle.ptnr3_symmetry 
_pdbx_struct_conn_angle.value 
_pdbx_struct_conn_angle.value_esd 
1  SG  ? A CYS 6  ? A CYS 237 ? 1_555 ZN ? C ZN . ? A ZN 401 ? 1_555 SG  ? A CYS 11 ? A CYS 242 ? 1_555 117.3 ? 
2  SG  ? A CYS 6  ? A CYS 237 ? 1_555 ZN ? C ZN . ? A ZN 401 ? 1_555 NE2 ? A HIS 24 ? A HIS 255 ? 1_555 116.8 ? 
3  SG  ? A CYS 11 ? A CYS 242 ? 1_555 ZN ? C ZN . ? A ZN 401 ? 1_555 NE2 ? A HIS 24 ? A HIS 255 ? 1_555 100.9 ? 
4  SG  ? A CYS 6  ? A CYS 237 ? 1_555 ZN ? C ZN . ? A ZN 401 ? 1_555 NE2 ? A HIS 29 ? A HIS 260 ? 1_555 111.0 ? 
5  SG  ? A CYS 11 ? A CYS 242 ? 1_555 ZN ? C ZN . ? A ZN 401 ? 1_555 NE2 ? A HIS 29 ? A HIS 260 ? 1_555 108.6 ? 
6  NE2 ? A HIS 24 ? A HIS 255 ? 1_555 ZN ? C ZN . ? A ZN 401 ? 1_555 NE2 ? A HIS 29 ? A HIS 260 ? 1_555 100.7 ? 
7  SG  ? A CYS 39 ? A CYS 270 ? 1_555 ZN ? D ZN . ? A ZN 402 ? 1_555 SG  ? A CYS 44 ? A CYS 275 ? 1_555 117.9 ? 
8  SG  ? A CYS 39 ? A CYS 270 ? 1_555 ZN ? D ZN . ? A ZN 402 ? 1_555 NE2 ? A HIS 60 ? A HIS 291 ? 1_555 112.6 ? 
9  SG  ? A CYS 44 ? A CYS 275 ? 1_555 ZN ? D ZN . ? A ZN 402 ? 1_555 NE2 ? A HIS 60 ? A HIS 291 ? 1_555 103.9 ? 
10 SG  ? A CYS 39 ? A CYS 270 ? 1_555 ZN ? D ZN . ? A ZN 402 ? 1_555 NE2 ? A HIS 64 ? A HIS 295 ? 1_555 109.3 ? 
11 SG  ? A CYS 44 ? A CYS 275 ? 1_555 ZN ? D ZN . ? A ZN 402 ? 1_555 NE2 ? A HIS 64 ? A HIS 295 ? 1_555 110.4 ? 
12 NE2 ? A HIS 60 ? A HIS 291 ? 1_555 ZN ? D ZN . ? A ZN 402 ? 1_555 NE2 ? A HIS 64 ? A HIS 295 ? 1_555 101.4 ? 
13 SG  ? B CYS 6  ? B CYS 237 ? 1_555 ZN ? E ZN . ? B ZN 401 ? 1_555 SG  ? B CYS 11 ? B CYS 242 ? 1_555 116.2 ? 
14 SG  ? B CYS 6  ? B CYS 237 ? 1_555 ZN ? E ZN . ? B ZN 401 ? 1_555 NE2 ? B HIS 24 ? B HIS 255 ? 1_555 113.1 ? 
15 SG  ? B CYS 11 ? B CYS 242 ? 1_555 ZN ? E ZN . ? B ZN 401 ? 1_555 NE2 ? B HIS 24 ? B HIS 255 ? 1_555 104.9 ? 
16 SG  ? B CYS 6  ? B CYS 237 ? 1_555 ZN ? E ZN . ? B ZN 401 ? 1_555 NE2 ? B HIS 29 ? B HIS 260 ? 1_555 110.5 ? 
17 SG  ? B CYS 11 ? B CYS 242 ? 1_555 ZN ? E ZN . ? B ZN 401 ? 1_555 NE2 ? B HIS 29 ? B HIS 260 ? 1_555 107.2 ? 
18 NE2 ? B HIS 24 ? B HIS 255 ? 1_555 ZN ? E ZN . ? B ZN 401 ? 1_555 NE2 ? B HIS 29 ? B HIS 260 ? 1_555 104.0 ? 
19 SG  ? B CYS 39 ? B CYS 270 ? 1_555 ZN ? F ZN . ? B ZN 402 ? 1_555 SG  ? B CYS 44 ? B CYS 275 ? 1_555 119.5 ? 
20 SG  ? B CYS 39 ? B CYS 270 ? 1_555 ZN ? F ZN . ? B ZN 402 ? 1_555 NE2 ? B HIS 60 ? B HIS 291 ? 1_555 108.6 ? 
21 SG  ? B CYS 44 ? B CYS 275 ? 1_555 ZN ? F ZN . ? B ZN 402 ? 1_555 NE2 ? B HIS 60 ? B HIS 291 ? 1_555 108.2 ? 
22 SG  ? B CYS 39 ? B CYS 270 ? 1_555 ZN ? F ZN . ? B ZN 402 ? 1_555 NE2 ? B HIS 64 ? B HIS 295 ? 1_555 106.6 ? 
23 SG  ? B CYS 44 ? B CYS 275 ? 1_555 ZN ? F ZN . ? B ZN 402 ? 1_555 NE2 ? B HIS 64 ? B HIS 295 ? 1_555 112.0 ? 
24 NE2 ? B HIS 60 ? B HIS 291 ? 1_555 ZN ? F ZN . ? B ZN 402 ? 1_555 NE2 ? B HIS 64 ? B HIS 295 ? 1_555 100.3 ? 
# 
_pdbx_entry_details.entry_id                   7T91 
_pdbx_entry_details.has_ligand_of_interest     Y 
_pdbx_entry_details.compound_details           ? 
_pdbx_entry_details.source_details             ? 
_pdbx_entry_details.nonpolymer_details         ? 
_pdbx_entry_details.sequence_details           ? 
_pdbx_entry_details.has_protein_modification   N 
# 
_pdbx_validate_torsion.id              1 
_pdbx_validate_torsion.PDB_model_num   1 
_pdbx_validate_torsion.auth_comp_id    ASP 
_pdbx_validate_torsion.auth_asym_id    A 
_pdbx_validate_torsion.auth_seq_id     240 
_pdbx_validate_torsion.PDB_ins_code    ? 
_pdbx_validate_torsion.label_alt_id    ? 
_pdbx_validate_torsion.phi             -39.65 
_pdbx_validate_torsion.psi             120.04 
# 
_phasing.method   MR 
# 
loop_
_pdbx_unobs_or_zero_occ_residues.id 
_pdbx_unobs_or_zero_occ_residues.PDB_model_num 
_pdbx_unobs_or_zero_occ_residues.polymer_flag 
_pdbx_unobs_or_zero_occ_residues.occupancy_flag 
_pdbx_unobs_or_zero_occ_residues.auth_asym_id 
_pdbx_unobs_or_zero_occ_residues.auth_comp_id 
_pdbx_unobs_or_zero_occ_residues.auth_seq_id 
_pdbx_unobs_or_zero_occ_residues.PDB_ins_code 
_pdbx_unobs_or_zero_occ_residues.label_asym_id 
_pdbx_unobs_or_zero_occ_residues.label_comp_id 
_pdbx_unobs_or_zero_occ_residues.label_seq_id 
1  1 Y 1 A GLY 232 ? A GLY 1  
2  1 Y 1 A SER 233 ? A SER 2  
3  1 Y 1 A HIS 301 ? A HIS 70 
4  1 Y 1 A LYS 302 ? A LYS 71 
5  1 Y 1 B GLY 232 ? B GLY 1  
6  1 Y 1 B SER 233 ? B SER 2  
7  1 Y 1 B GLU 234 ? B GLU 3  
8  1 Y 1 B GLY 297 ? B GLY 66 
9  1 Y 1 B GLU 298 ? B GLU 67 
10 1 Y 1 B LYS 299 ? B LYS 68 
11 1 Y 1 B PRO 300 ? B PRO 69 
12 1 Y 1 B HIS 301 ? B HIS 70 
13 1 Y 1 B LYS 302 ? B LYS 71 
# 
loop_
_chem_comp_atom.comp_id 
_chem_comp_atom.atom_id 
_chem_comp_atom.type_symbol 
_chem_comp_atom.pdbx_aromatic_flag 
_chem_comp_atom.pdbx_stereo_config 
_chem_comp_atom.pdbx_ordinal 
ALA N    N  N N 1   
ALA CA   C  N S 2   
ALA C    C  N N 3   
ALA O    O  N N 4   
ALA CB   C  N N 5   
ALA OXT  O  N N 6   
ALA H    H  N N 7   
ALA H2   H  N N 8   
ALA HA   H  N N 9   
ALA HB1  H  N N 10  
ALA HB2  H  N N 11  
ALA HB3  H  N N 12  
ALA HXT  H  N N 13  
ARG N    N  N N 14  
ARG CA   C  N S 15  
ARG C    C  N N 16  
ARG O    O  N N 17  
ARG CB   C  N N 18  
ARG CG   C  N N 19  
ARG CD   C  N N 20  
ARG NE   N  N N 21  
ARG CZ   C  N N 22  
ARG NH1  N  N N 23  
ARG NH2  N  N N 24  
ARG OXT  O  N N 25  
ARG H    H  N N 26  
ARG H2   H  N N 27  
ARG HA   H  N N 28  
ARG HB2  H  N N 29  
ARG HB3  H  N N 30  
ARG HG2  H  N N 31  
ARG HG3  H  N N 32  
ARG HD2  H  N N 33  
ARG HD3  H  N N 34  
ARG HE   H  N N 35  
ARG HH11 H  N N 36  
ARG HH12 H  N N 37  
ARG HH21 H  N N 38  
ARG HH22 H  N N 39  
ARG HXT  H  N N 40  
ASN N    N  N N 41  
ASN CA   C  N S 42  
ASN C    C  N N 43  
ASN O    O  N N 44  
ASN CB   C  N N 45  
ASN CG   C  N N 46  
ASN OD1  O  N N 47  
ASN ND2  N  N N 48  
ASN OXT  O  N N 49  
ASN H    H  N N 50  
ASN H2   H  N N 51  
ASN HA   H  N N 52  
ASN HB2  H  N N 53  
ASN HB3  H  N N 54  
ASN HD21 H  N N 55  
ASN HD22 H  N N 56  
ASN HXT  H  N N 57  
ASP N    N  N N 58  
ASP CA   C  N S 59  
ASP C    C  N N 60  
ASP O    O  N N 61  
ASP CB   C  N N 62  
ASP CG   C  N N 63  
ASP OD1  O  N N 64  
ASP OD2  O  N N 65  
ASP OXT  O  N N 66  
ASP H    H  N N 67  
ASP H2   H  N N 68  
ASP HA   H  N N 69  
ASP HB2  H  N N 70  
ASP HB3  H  N N 71  
ASP HD2  H  N N 72  
ASP HXT  H  N N 73  
CYS N    N  N N 74  
CYS CA   C  N R 75  
CYS C    C  N N 76  
CYS O    O  N N 77  
CYS CB   C  N N 78  
CYS SG   S  N N 79  
CYS OXT  O  N N 80  
CYS H    H  N N 81  
CYS H2   H  N N 82  
CYS HA   H  N N 83  
CYS HB2  H  N N 84  
CYS HB3  H  N N 85  
CYS HG   H  N N 86  
CYS HXT  H  N N 87  
GLN N    N  N N 88  
GLN CA   C  N S 89  
GLN C    C  N N 90  
GLN O    O  N N 91  
GLN CB   C  N N 92  
GLN CG   C  N N 93  
GLN CD   C  N N 94  
GLN OE1  O  N N 95  
GLN NE2  N  N N 96  
GLN OXT  O  N N 97  
GLN H    H  N N 98  
GLN H2   H  N N 99  
GLN HA   H  N N 100 
GLN HB2  H  N N 101 
GLN HB3  H  N N 102 
GLN HG2  H  N N 103 
GLN HG3  H  N N 104 
GLN HE21 H  N N 105 
GLN HE22 H  N N 106 
GLN HXT  H  N N 107 
GLU N    N  N N 108 
GLU CA   C  N S 109 
GLU C    C  N N 110 
GLU O    O  N N 111 
GLU CB   C  N N 112 
GLU CG   C  N N 113 
GLU CD   C  N N 114 
GLU OE1  O  N N 115 
GLU OE2  O  N N 116 
GLU OXT  O  N N 117 
GLU H    H  N N 118 
GLU H2   H  N N 119 
GLU HA   H  N N 120 
GLU HB2  H  N N 121 
GLU HB3  H  N N 122 
GLU HG2  H  N N 123 
GLU HG3  H  N N 124 
GLU HE2  H  N N 125 
GLU HXT  H  N N 126 
GLY N    N  N N 127 
GLY CA   C  N N 128 
GLY C    C  N N 129 
GLY O    O  N N 130 
GLY OXT  O  N N 131 
GLY H    H  N N 132 
GLY H2   H  N N 133 
GLY HA2  H  N N 134 
GLY HA3  H  N N 135 
GLY HXT  H  N N 136 
HIS N    N  N N 137 
HIS CA   C  N S 138 
HIS C    C  N N 139 
HIS O    O  N N 140 
HIS CB   C  N N 141 
HIS CG   C  Y N 142 
HIS ND1  N  Y N 143 
HIS CD2  C  Y N 144 
HIS CE1  C  Y N 145 
HIS NE2  N  Y N 146 
HIS OXT  O  N N 147 
HIS H    H  N N 148 
HIS H2   H  N N 149 
HIS HA   H  N N 150 
HIS HB2  H  N N 151 
HIS HB3  H  N N 152 
HIS HD1  H  N N 153 
HIS HD2  H  N N 154 
HIS HE1  H  N N 155 
HIS HE2  H  N N 156 
HIS HXT  H  N N 157 
HOH O    O  N N 158 
HOH H1   H  N N 159 
HOH H2   H  N N 160 
ILE N    N  N N 161 
ILE CA   C  N S 162 
ILE C    C  N N 163 
ILE O    O  N N 164 
ILE CB   C  N S 165 
ILE CG1  C  N N 166 
ILE CG2  C  N N 167 
ILE CD1  C  N N 168 
ILE OXT  O  N N 169 
ILE H    H  N N 170 
ILE H2   H  N N 171 
ILE HA   H  N N 172 
ILE HB   H  N N 173 
ILE HG12 H  N N 174 
ILE HG13 H  N N 175 
ILE HG21 H  N N 176 
ILE HG22 H  N N 177 
ILE HG23 H  N N 178 
ILE HD11 H  N N 179 
ILE HD12 H  N N 180 
ILE HD13 H  N N 181 
ILE HXT  H  N N 182 
LEU N    N  N N 183 
LEU CA   C  N S 184 
LEU C    C  N N 185 
LEU O    O  N N 186 
LEU CB   C  N N 187 
LEU CG   C  N N 188 
LEU CD1  C  N N 189 
LEU CD2  C  N N 190 
LEU OXT  O  N N 191 
LEU H    H  N N 192 
LEU H2   H  N N 193 
LEU HA   H  N N 194 
LEU HB2  H  N N 195 
LEU HB3  H  N N 196 
LEU HG   H  N N 197 
LEU HD11 H  N N 198 
LEU HD12 H  N N 199 
LEU HD13 H  N N 200 
LEU HD21 H  N N 201 
LEU HD22 H  N N 202 
LEU HD23 H  N N 203 
LEU HXT  H  N N 204 
LYS N    N  N N 205 
LYS CA   C  N S 206 
LYS C    C  N N 207 
LYS O    O  N N 208 
LYS CB   C  N N 209 
LYS CG   C  N N 210 
LYS CD   C  N N 211 
LYS CE   C  N N 212 
LYS NZ   N  N N 213 
LYS OXT  O  N N 214 
LYS H    H  N N 215 
LYS H2   H  N N 216 
LYS HA   H  N N 217 
LYS HB2  H  N N 218 
LYS HB3  H  N N 219 
LYS HG2  H  N N 220 
LYS HG3  H  N N 221 
LYS HD2  H  N N 222 
LYS HD3  H  N N 223 
LYS HE2  H  N N 224 
LYS HE3  H  N N 225 
LYS HZ1  H  N N 226 
LYS HZ2  H  N N 227 
LYS HZ3  H  N N 228 
LYS HXT  H  N N 229 
MET N    N  N N 230 
MET CA   C  N S 231 
MET C    C  N N 232 
MET O    O  N N 233 
MET CB   C  N N 234 
MET CG   C  N N 235 
MET SD   S  N N 236 
MET CE   C  N N 237 
MET OXT  O  N N 238 
MET H    H  N N 239 
MET H2   H  N N 240 
MET HA   H  N N 241 
MET HB2  H  N N 242 
MET HB3  H  N N 243 
MET HG2  H  N N 244 
MET HG3  H  N N 245 
MET HE1  H  N N 246 
MET HE2  H  N N 247 
MET HE3  H  N N 248 
MET HXT  H  N N 249 
PHE N    N  N N 250 
PHE CA   C  N S 251 
PHE C    C  N N 252 
PHE O    O  N N 253 
PHE CB   C  N N 254 
PHE CG   C  Y N 255 
PHE CD1  C  Y N 256 
PHE CD2  C  Y N 257 
PHE CE1  C  Y N 258 
PHE CE2  C  Y N 259 
PHE CZ   C  Y N 260 
PHE OXT  O  N N 261 
PHE H    H  N N 262 
PHE H2   H  N N 263 
PHE HA   H  N N 264 
PHE HB2  H  N N 265 
PHE HB3  H  N N 266 
PHE HD1  H  N N 267 
PHE HD2  H  N N 268 
PHE HE1  H  N N 269 
PHE HE2  H  N N 270 
PHE HZ   H  N N 271 
PHE HXT  H  N N 272 
PRO N    N  N N 273 
PRO CA   C  N S 274 
PRO C    C  N N 275 
PRO O    O  N N 276 
PRO CB   C  N N 277 
PRO CG   C  N N 278 
PRO CD   C  N N 279 
PRO OXT  O  N N 280 
PRO H    H  N N 281 
PRO HA   H  N N 282 
PRO HB2  H  N N 283 
PRO HB3  H  N N 284 
PRO HG2  H  N N 285 
PRO HG3  H  N N 286 
PRO HD2  H  N N 287 
PRO HD3  H  N N 288 
PRO HXT  H  N N 289 
SER N    N  N N 290 
SER CA   C  N S 291 
SER C    C  N N 292 
SER O    O  N N 293 
SER CB   C  N N 294 
SER OG   O  N N 295 
SER OXT  O  N N 296 
SER H    H  N N 297 
SER H2   H  N N 298 
SER HA   H  N N 299 
SER HB2  H  N N 300 
SER HB3  H  N N 301 
SER HG   H  N N 302 
SER HXT  H  N N 303 
THR N    N  N N 304 
THR CA   C  N S 305 
THR C    C  N N 306 
THR O    O  N N 307 
THR CB   C  N R 308 
THR OG1  O  N N 309 
THR CG2  C  N N 310 
THR OXT  O  N N 311 
THR H    H  N N 312 
THR H2   H  N N 313 
THR HA   H  N N 314 
THR HB   H  N N 315 
THR HG1  H  N N 316 
THR HG21 H  N N 317 
THR HG22 H  N N 318 
THR HG23 H  N N 319 
THR HXT  H  N N 320 
TRP N    N  N N 321 
TRP CA   C  N S 322 
TRP C    C  N N 323 
TRP O    O  N N 324 
TRP CB   C  N N 325 
TRP CG   C  Y N 326 
TRP CD1  C  Y N 327 
TRP CD2  C  Y N 328 
TRP NE1  N  Y N 329 
TRP CE2  C  Y N 330 
TRP CE3  C  Y N 331 
TRP CZ2  C  Y N 332 
TRP CZ3  C  Y N 333 
TRP CH2  C  Y N 334 
TRP OXT  O  N N 335 
TRP H    H  N N 336 
TRP H2   H  N N 337 
TRP HA   H  N N 338 
TRP HB2  H  N N 339 
TRP HB3  H  N N 340 
TRP HD1  H  N N 341 
TRP HE1  H  N N 342 
TRP HE3  H  N N 343 
TRP HZ2  H  N N 344 
TRP HZ3  H  N N 345 
TRP HH2  H  N N 346 
TRP HXT  H  N N 347 
TYR N    N  N N 348 
TYR CA   C  N S 349 
TYR C    C  N N 350 
TYR O    O  N N 351 
TYR CB   C  N N 352 
TYR CG   C  Y N 353 
TYR CD1  C  Y N 354 
TYR CD2  C  Y N 355 
TYR CE1  C  Y N 356 
TYR CE2  C  Y N 357 
TYR CZ   C  Y N 358 
TYR OH   O  N N 359 
TYR OXT  O  N N 360 
TYR H    H  N N 361 
TYR H2   H  N N 362 
TYR HA   H  N N 363 
TYR HB2  H  N N 364 
TYR HB3  H  N N 365 
TYR HD1  H  N N 366 
TYR HD2  H  N N 367 
TYR HE1  H  N N 368 
TYR HE2  H  N N 369 
TYR HH   H  N N 370 
TYR HXT  H  N N 371 
VAL N    N  N N 372 
VAL CA   C  N S 373 
VAL C    C  N N 374 
VAL O    O  N N 375 
VAL CB   C  N N 376 
VAL CG1  C  N N 377 
VAL CG2  C  N N 378 
VAL OXT  O  N N 379 
VAL H    H  N N 380 
VAL H2   H  N N 381 
VAL HA   H  N N 382 
VAL HB   H  N N 383 
VAL HG11 H  N N 384 
VAL HG12 H  N N 385 
VAL HG13 H  N N 386 
VAL HG21 H  N N 387 
VAL HG22 H  N N 388 
VAL HG23 H  N N 389 
VAL HXT  H  N N 390 
ZN  ZN   ZN N N 391 
# 
loop_
_chem_comp_bond.comp_id 
_chem_comp_bond.atom_id_1 
_chem_comp_bond.atom_id_2 
_chem_comp_bond.value_order 
_chem_comp_bond.pdbx_aromatic_flag 
_chem_comp_bond.pdbx_stereo_config 
_chem_comp_bond.pdbx_ordinal 
ALA N   CA   sing N N 1   
ALA N   H    sing N N 2   
ALA N   H2   sing N N 3   
ALA CA  C    sing N N 4   
ALA CA  CB   sing N N 5   
ALA CA  HA   sing N N 6   
ALA C   O    doub N N 7   
ALA C   OXT  sing N N 8   
ALA CB  HB1  sing N N 9   
ALA CB  HB2  sing N N 10  
ALA CB  HB3  sing N N 11  
ALA OXT HXT  sing N N 12  
ARG N   CA   sing N N 13  
ARG N   H    sing N N 14  
ARG N   H2   sing N N 15  
ARG CA  C    sing N N 16  
ARG CA  CB   sing N N 17  
ARG CA  HA   sing N N 18  
ARG C   O    doub N N 19  
ARG C   OXT  sing N N 20  
ARG CB  CG   sing N N 21  
ARG CB  HB2  sing N N 22  
ARG CB  HB3  sing N N 23  
ARG CG  CD   sing N N 24  
ARG CG  HG2  sing N N 25  
ARG CG  HG3  sing N N 26  
ARG CD  NE   sing N N 27  
ARG CD  HD2  sing N N 28  
ARG CD  HD3  sing N N 29  
ARG NE  CZ   sing N N 30  
ARG NE  HE   sing N N 31  
ARG CZ  NH1  sing N N 32  
ARG CZ  NH2  doub N N 33  
ARG NH1 HH11 sing N N 34  
ARG NH1 HH12 sing N N 35  
ARG NH2 HH21 sing N N 36  
ARG NH2 HH22 sing N N 37  
ARG OXT HXT  sing N N 38  
ASN N   CA   sing N N 39  
ASN N   H    sing N N 40  
ASN N   H2   sing N N 41  
ASN CA  C    sing N N 42  
ASN CA  CB   sing N N 43  
ASN CA  HA   sing N N 44  
ASN C   O    doub N N 45  
ASN C   OXT  sing N N 46  
ASN CB  CG   sing N N 47  
ASN CB  HB2  sing N N 48  
ASN CB  HB3  sing N N 49  
ASN CG  OD1  doub N N 50  
ASN CG  ND2  sing N N 51  
ASN ND2 HD21 sing N N 52  
ASN ND2 HD22 sing N N 53  
ASN OXT HXT  sing N N 54  
ASP N   CA   sing N N 55  
ASP N   H    sing N N 56  
ASP N   H2   sing N N 57  
ASP CA  C    sing N N 58  
ASP CA  CB   sing N N 59  
ASP CA  HA   sing N N 60  
ASP C   O    doub N N 61  
ASP C   OXT  sing N N 62  
ASP CB  CG   sing N N 63  
ASP CB  HB2  sing N N 64  
ASP CB  HB3  sing N N 65  
ASP CG  OD1  doub N N 66  
ASP CG  OD2  sing N N 67  
ASP OD2 HD2  sing N N 68  
ASP OXT HXT  sing N N 69  
CYS N   CA   sing N N 70  
CYS N   H    sing N N 71  
CYS N   H2   sing N N 72  
CYS CA  C    sing N N 73  
CYS CA  CB   sing N N 74  
CYS CA  HA   sing N N 75  
CYS C   O    doub N N 76  
CYS C   OXT  sing N N 77  
CYS CB  SG   sing N N 78  
CYS CB  HB2  sing N N 79  
CYS CB  HB3  sing N N 80  
CYS SG  HG   sing N N 81  
CYS OXT HXT  sing N N 82  
GLN N   CA   sing N N 83  
GLN N   H    sing N N 84  
GLN N   H2   sing N N 85  
GLN CA  C    sing N N 86  
GLN CA  CB   sing N N 87  
GLN CA  HA   sing N N 88  
GLN C   O    doub N N 89  
GLN C   OXT  sing N N 90  
GLN CB  CG   sing N N 91  
GLN CB  HB2  sing N N 92  
GLN CB  HB3  sing N N 93  
GLN CG  CD   sing N N 94  
GLN CG  HG2  sing N N 95  
GLN CG  HG3  sing N N 96  
GLN CD  OE1  doub N N 97  
GLN CD  NE2  sing N N 98  
GLN NE2 HE21 sing N N 99  
GLN NE2 HE22 sing N N 100 
GLN OXT HXT  sing N N 101 
GLU N   CA   sing N N 102 
GLU N   H    sing N N 103 
GLU N   H2   sing N N 104 
GLU CA  C    sing N N 105 
GLU CA  CB   sing N N 106 
GLU CA  HA   sing N N 107 
GLU C   O    doub N N 108 
GLU C   OXT  sing N N 109 
GLU CB  CG   sing N N 110 
GLU CB  HB2  sing N N 111 
GLU CB  HB3  sing N N 112 
GLU CG  CD   sing N N 113 
GLU CG  HG2  sing N N 114 
GLU CG  HG3  sing N N 115 
GLU CD  OE1  doub N N 116 
GLU CD  OE2  sing N N 117 
GLU OE2 HE2  sing N N 118 
GLU OXT HXT  sing N N 119 
GLY N   CA   sing N N 120 
GLY N   H    sing N N 121 
GLY N   H2   sing N N 122 
GLY CA  C    sing N N 123 
GLY CA  HA2  sing N N 124 
GLY CA  HA3  sing N N 125 
GLY C   O    doub N N 126 
GLY C   OXT  sing N N 127 
GLY OXT HXT  sing N N 128 
HIS N   CA   sing N N 129 
HIS N   H    sing N N 130 
HIS N   H2   sing N N 131 
HIS CA  C    sing N N 132 
HIS CA  CB   sing N N 133 
HIS CA  HA   sing N N 134 
HIS C   O    doub N N 135 
HIS C   OXT  sing N N 136 
HIS CB  CG   sing N N 137 
HIS CB  HB2  sing N N 138 
HIS CB  HB3  sing N N 139 
HIS CG  ND1  sing Y N 140 
HIS CG  CD2  doub Y N 141 
HIS ND1 CE1  doub Y N 142 
HIS ND1 HD1  sing N N 143 
HIS CD2 NE2  sing Y N 144 
HIS CD2 HD2  sing N N 145 
HIS CE1 NE2  sing Y N 146 
HIS CE1 HE1  sing N N 147 
HIS NE2 HE2  sing N N 148 
HIS OXT HXT  sing N N 149 
HOH O   H1   sing N N 150 
HOH O   H2   sing N N 151 
ILE N   CA   sing N N 152 
ILE N   H    sing N N 153 
ILE N   H2   sing N N 154 
ILE CA  C    sing N N 155 
ILE CA  CB   sing N N 156 
ILE CA  HA   sing N N 157 
ILE C   O    doub N N 158 
ILE C   OXT  sing N N 159 
ILE CB  CG1  sing N N 160 
ILE CB  CG2  sing N N 161 
ILE CB  HB   sing N N 162 
ILE CG1 CD1  sing N N 163 
ILE CG1 HG12 sing N N 164 
ILE CG1 HG13 sing N N 165 
ILE CG2 HG21 sing N N 166 
ILE CG2 HG22 sing N N 167 
ILE CG2 HG23 sing N N 168 
ILE CD1 HD11 sing N N 169 
ILE CD1 HD12 sing N N 170 
ILE CD1 HD13 sing N N 171 
ILE OXT HXT  sing N N 172 
LEU N   CA   sing N N 173 
LEU N   H    sing N N 174 
LEU N   H2   sing N N 175 
LEU CA  C    sing N N 176 
LEU CA  CB   sing N N 177 
LEU CA  HA   sing N N 178 
LEU C   O    doub N N 179 
LEU C   OXT  sing N N 180 
LEU CB  CG   sing N N 181 
LEU CB  HB2  sing N N 182 
LEU CB  HB3  sing N N 183 
LEU CG  CD1  sing N N 184 
LEU CG  CD2  sing N N 185 
LEU CG  HG   sing N N 186 
LEU CD1 HD11 sing N N 187 
LEU CD1 HD12 sing N N 188 
LEU CD1 HD13 sing N N 189 
LEU CD2 HD21 sing N N 190 
LEU CD2 HD22 sing N N 191 
LEU CD2 HD23 sing N N 192 
LEU OXT HXT  sing N N 193 
LYS N   CA   sing N N 194 
LYS N   H    sing N N 195 
LYS N   H2   sing N N 196 
LYS CA  C    sing N N 197 
LYS CA  CB   sing N N 198 
LYS CA  HA   sing N N 199 
LYS C   O    doub N N 200 
LYS C   OXT  sing N N 201 
LYS CB  CG   sing N N 202 
LYS CB  HB2  sing N N 203 
LYS CB  HB3  sing N N 204 
LYS CG  CD   sing N N 205 
LYS CG  HG2  sing N N 206 
LYS CG  HG3  sing N N 207 
LYS CD  CE   sing N N 208 
LYS CD  HD2  sing N N 209 
LYS CD  HD3  sing N N 210 
LYS CE  NZ   sing N N 211 
LYS CE  HE2  sing N N 212 
LYS CE  HE3  sing N N 213 
LYS NZ  HZ1  sing N N 214 
LYS NZ  HZ2  sing N N 215 
LYS NZ  HZ3  sing N N 216 
LYS OXT HXT  sing N N 217 
MET N   CA   sing N N 218 
MET N   H    sing N N 219 
MET N   H2   sing N N 220 
MET CA  C    sing N N 221 
MET CA  CB   sing N N 222 
MET CA  HA   sing N N 223 
MET C   O    doub N N 224 
MET C   OXT  sing N N 225 
MET CB  CG   sing N N 226 
MET CB  HB2  sing N N 227 
MET CB  HB3  sing N N 228 
MET CG  SD   sing N N 229 
MET CG  HG2  sing N N 230 
MET CG  HG3  sing N N 231 
MET SD  CE   sing N N 232 
MET CE  HE1  sing N N 233 
MET CE  HE2  sing N N 234 
MET CE  HE3  sing N N 235 
MET OXT HXT  sing N N 236 
PHE N   CA   sing N N 237 
PHE N   H    sing N N 238 
PHE N   H2   sing N N 239 
PHE CA  C    sing N N 240 
PHE CA  CB   sing N N 241 
PHE CA  HA   sing N N 242 
PHE C   O    doub N N 243 
PHE C   OXT  sing N N 244 
PHE CB  CG   sing N N 245 
PHE CB  HB2  sing N N 246 
PHE CB  HB3  sing N N 247 
PHE CG  CD1  doub Y N 248 
PHE CG  CD2  sing Y N 249 
PHE CD1 CE1  sing Y N 250 
PHE CD1 HD1  sing N N 251 
PHE CD2 CE2  doub Y N 252 
PHE CD2 HD2  sing N N 253 
PHE CE1 CZ   doub Y N 254 
PHE CE1 HE1  sing N N 255 
PHE CE2 CZ   sing Y N 256 
PHE CE2 HE2  sing N N 257 
PHE CZ  HZ   sing N N 258 
PHE OXT HXT  sing N N 259 
PRO N   CA   sing N N 260 
PRO N   CD   sing N N 261 
PRO N   H    sing N N 262 
PRO CA  C    sing N N 263 
PRO CA  CB   sing N N 264 
PRO CA  HA   sing N N 265 
PRO C   O    doub N N 266 
PRO C   OXT  sing N N 267 
PRO CB  CG   sing N N 268 
PRO CB  HB2  sing N N 269 
PRO CB  HB3  sing N N 270 
PRO CG  CD   sing N N 271 
PRO CG  HG2  sing N N 272 
PRO CG  HG3  sing N N 273 
PRO CD  HD2  sing N N 274 
PRO CD  HD3  sing N N 275 
PRO OXT HXT  sing N N 276 
SER N   CA   sing N N 277 
SER N   H    sing N N 278 
SER N   H2   sing N N 279 
SER CA  C    sing N N 280 
SER CA  CB   sing N N 281 
SER CA  HA   sing N N 282 
SER C   O    doub N N 283 
SER C   OXT  sing N N 284 
SER CB  OG   sing N N 285 
SER CB  HB2  sing N N 286 
SER CB  HB3  sing N N 287 
SER OG  HG   sing N N 288 
SER OXT HXT  sing N N 289 
THR N   CA   sing N N 290 
THR N   H    sing N N 291 
THR N   H2   sing N N 292 
THR CA  C    sing N N 293 
THR CA  CB   sing N N 294 
THR CA  HA   sing N N 295 
THR C   O    doub N N 296 
THR C   OXT  sing N N 297 
THR CB  OG1  sing N N 298 
THR CB  CG2  sing N N 299 
THR CB  HB   sing N N 300 
THR OG1 HG1  sing N N 301 
THR CG2 HG21 sing N N 302 
THR CG2 HG22 sing N N 303 
THR CG2 HG23 sing N N 304 
THR OXT HXT  sing N N 305 
TRP N   CA   sing N N 306 
TRP N   H    sing N N 307 
TRP N   H2   sing N N 308 
TRP CA  C    sing N N 309 
TRP CA  CB   sing N N 310 
TRP CA  HA   sing N N 311 
TRP C   O    doub N N 312 
TRP C   OXT  sing N N 313 
TRP CB  CG   sing N N 314 
TRP CB  HB2  sing N N 315 
TRP CB  HB3  sing N N 316 
TRP CG  CD1  doub Y N 317 
TRP CG  CD2  sing Y N 318 
TRP CD1 NE1  sing Y N 319 
TRP CD1 HD1  sing N N 320 
TRP CD2 CE2  doub Y N 321 
TRP CD2 CE3  sing Y N 322 
TRP NE1 CE2  sing Y N 323 
TRP NE1 HE1  sing N N 324 
TRP CE2 CZ2  sing Y N 325 
TRP CE3 CZ3  doub Y N 326 
TRP CE3 HE3  sing N N 327 
TRP CZ2 CH2  doub Y N 328 
TRP CZ2 HZ2  sing N N 329 
TRP CZ3 CH2  sing Y N 330 
TRP CZ3 HZ3  sing N N 331 
TRP CH2 HH2  sing N N 332 
TRP OXT HXT  sing N N 333 
TYR N   CA   sing N N 334 
TYR N   H    sing N N 335 
TYR N   H2   sing N N 336 
TYR CA  C    sing N N 337 
TYR CA  CB   sing N N 338 
TYR CA  HA   sing N N 339 
TYR C   O    doub N N 340 
TYR C   OXT  sing N N 341 
TYR CB  CG   sing N N 342 
TYR CB  HB2  sing N N 343 
TYR CB  HB3  sing N N 344 
TYR CG  CD1  doub Y N 345 
TYR CG  CD2  sing Y N 346 
TYR CD1 CE1  sing Y N 347 
TYR CD1 HD1  sing N N 348 
TYR CD2 CE2  doub Y N 349 
TYR CD2 HD2  sing N N 350 
TYR CE1 CZ   doub Y N 351 
TYR CE1 HE1  sing N N 352 
TYR CE2 CZ   sing Y N 353 
TYR CE2 HE2  sing N N 354 
TYR CZ  OH   sing N N 355 
TYR OH  HH   sing N N 356 
TYR OXT HXT  sing N N 357 
VAL N   CA   sing N N 358 
VAL N   H    sing N N 359 
VAL N   H2   sing N N 360 
VAL CA  C    sing N N 361 
VAL CA  CB   sing N N 362 
VAL CA  HA   sing N N 363 
VAL C   O    doub N N 364 
VAL C   OXT  sing N N 365 
VAL CB  CG1  sing N N 366 
VAL CB  CG2  sing N N 367 
VAL CB  HB   sing N N 368 
VAL CG1 HG11 sing N N 369 
VAL CG1 HG12 sing N N 370 
VAL CG1 HG13 sing N N 371 
VAL CG2 HG21 sing N N 372 
VAL CG2 HG22 sing N N 373 
VAL CG2 HG23 sing N N 374 
VAL OXT HXT  sing N N 375 
# 
_pdbx_audit_support.funding_organization   'National Institutes of Health/National Cancer Institute (NIH/NCI)' 
_pdbx_audit_support.country                'United States' 
_pdbx_audit_support.grant_number           5RO1CA183921-05 
_pdbx_audit_support.ordinal                1 
# 
_pdbx_initial_refinement_model.id               1 
_pdbx_initial_refinement_model.entity_id_list   ? 
_pdbx_initial_refinement_model.type             'experimental model' 
_pdbx_initial_refinement_model.source_name      PDB 
_pdbx_initial_refinement_model.accession_code   2GLI 
_pdbx_initial_refinement_model.details          ? 
# 
_atom_sites.entry_id                    7T91 
_atom_sites.Cartn_transf_matrix[1][1]   ? 
_atom_sites.Cartn_transf_matrix[1][2]   ? 
_atom_sites.Cartn_transf_matrix[1][3]   ? 
_atom_sites.Cartn_transf_matrix[2][1]   ? 
_atom_sites.Cartn_transf_matrix[2][2]   ? 
_atom_sites.Cartn_transf_matrix[2][3]   ? 
_atom_sites.Cartn_transf_matrix[3][1]   ? 
_atom_sites.Cartn_transf_matrix[3][2]   ? 
_atom_sites.Cartn_transf_matrix[3][3]   ? 
_atom_sites.Cartn_transf_vector[1]      ? 
_atom_sites.Cartn_transf_vector[2]      ? 
_atom_sites.Cartn_transf_vector[3]      ? 
_atom_sites.fract_transf_matrix[1][1]   0.00692923 
_atom_sites.fract_transf_matrix[1][2]   -0.00322036 
_atom_sites.fract_transf_matrix[1][3]   -0.01552586 
_atom_sites.fract_transf_matrix[2][1]   0.01473945 
_atom_sites.fract_transf_matrix[2][2]   0.00776805 
_atom_sites.fract_transf_matrix[2][3]   -0.00467644 
_atom_sites.fract_transf_matrix[3][1]   0.00793697 
_atom_sites.fract_transf_matrix[3][2]   -0.01149244 
_atom_sites.fract_transf_matrix[3][3]   0.00592604 
_atom_sites.fract_transf_vector[1]      0.867891 
_atom_sites.fract_transf_vector[2]      0.288676 
_atom_sites.fract_transf_vector[3]      0.152234 
_atom_sites.solution_primary            ? 
_atom_sites.solution_secondary          ? 
_atom_sites.solution_hydrogens          ? 
_atom_sites.special_details             ? 
# 
loop_
_atom_type.symbol 
C  
N  
O  
S  
ZN 
# 
loop_
_atom_site.group_PDB 
_atom_site.id 
_atom_site.type_symbol 
_atom_site.label_atom_id 
_atom_site.label_alt_id 
_atom_site.label_comp_id 
_atom_site.label_asym_id 
_atom_site.label_entity_id 
_atom_site.label_seq_id 
_atom_site.pdbx_PDB_ins_code 
_atom_site.Cartn_x 
_atom_site.Cartn_y 
_atom_site.Cartn_z 
_atom_site.occupancy 
_atom_site.B_iso_or_equiv 
_atom_site.pdbx_formal_charge 
_atom_site.auth_seq_id 
_atom_site.auth_comp_id 
_atom_site.auth_asym_id 
_atom_site.auth_atom_id 
_atom_site.pdbx_PDB_model_num 
ATOM   1    N  N   . GLU A 1 3  ? -15.122 13.415  -10.777 1.00 73.83 ? 234 GLU A N   1 
ATOM   2    C  CA  . GLU A 1 3  ? -15.321 14.863  -11.067 1.00 71.26 ? 234 GLU A CA  1 
ATOM   3    C  C   . GLU A 1 3  ? -15.381 15.653  -9.753  1.00 66.16 ? 234 GLU A C   1 
ATOM   4    O  O   . GLU A 1 3  ? -14.650 16.656  -9.669  1.00 64.62 ? 234 GLU A O   1 
ATOM   5    C  CB  . GLU A 1 3  ? -16.579 15.100  -11.910 1.00 80.10 ? 234 GLU A CB  1 
ATOM   6    C  CG  . GLU A 1 3  ? -16.512 14.479  -13.298 1.00 85.39 ? 234 GLU A CG  1 
ATOM   7    C  CD  . GLU A 1 3  ? -17.728 14.709  -14.185 1.00 91.70 ? 234 GLU A CD  1 
ATOM   8    O  OE1 . GLU A 1 3  ? -18.852 14.812  -13.645 1.00 95.65 ? 234 GLU A OE1 1 
ATOM   9    O  OE2 . GLU A 1 3  ? -17.553 14.783  -15.420 1.00 90.78 ? 234 GLU A OE2 1 
ATOM   10   N  N   . THR A 1 4  ? -16.208 15.240  -8.775  1.00 57.95 ? 235 THR A N   1 
ATOM   11   C  CA  . THR A 1 4  ? -16.399 15.970  -7.486  1.00 51.92 ? 235 THR A CA  1 
ATOM   12   C  C   . THR A 1 4  ? -16.302 15.060  -6.246  1.00 48.05 ? 235 THR A C   1 
ATOM   13   O  O   . THR A 1 4  ? -16.082 15.621  -5.167  1.00 49.04 ? 235 THR A O   1 
ATOM   14   C  CB  . THR A 1 4  ? -17.723 16.756  -7.473  1.00 53.32 ? 235 THR A CB  1 
ATOM   15   O  OG1 . THR A 1 4  ? -18.838 15.870  -7.393  1.00 49.46 ? 235 THR A OG1 1 
ATOM   16   C  CG2 . THR A 1 4  ? -17.890 17.636  -8.694  1.00 56.68 ? 235 THR A CG2 1 
ATOM   17   N  N   . ASP A 1 5  ? -16.459 13.733  -6.357  1.00 48.01 ? 236 ASP A N   1 
ATOM   18   C  CA  . ASP A 1 5  ? -16.589 12.825  -5.182  1.00 48.01 ? 236 ASP A CA  1 
ATOM   19   C  C   . ASP A 1 5  ? -15.400 11.865  -5.067  1.00 43.69 ? 236 ASP A C   1 
ATOM   20   O  O   . ASP A 1 5  ? -15.053 11.224  -6.058  1.00 45.55 ? 236 ASP A O   1 
ATOM   21   C  CB  . ASP A 1 5  ? -17.889 12.034  -5.258  1.00 51.28 ? 236 ASP A CB  1 
ATOM   22   C  CG  . ASP A 1 5  ? -19.093 12.949  -5.348  1.00 51.04 ? 236 ASP A CG  1 
ATOM   23   O  OD1 . ASP A 1 5  ? -18.993 14.099  -4.862  1.00 54.29 ? 236 ASP A OD1 1 
ATOM   24   O  OD2 . ASP A 1 5  ? -20.107 12.512  -5.913  1.00 52.38 ? 236 ASP A OD2 1 
ATOM   25   N  N   . CYS A 1 6  ? -14.845 11.729  -3.861  1.00 44.05 ? 237 CYS A N   1 
ATOM   26   C  CA  . CYS A 1 6  ? -13.666 10.867  -3.584  1.00 43.91 ? 237 CYS A CA  1 
ATOM   27   C  C   . CYS A 1 6  ? -14.118 9.407   -3.439  1.00 43.78 ? 237 CYS A C   1 
ATOM   28   O  O   . CYS A 1 6  ? -15.116 9.175   -2.745  1.00 45.77 ? 237 CYS A O   1 
ATOM   29   C  CB  . CYS A 1 6  ? -12.940 11.343  -2.335  1.00 43.45 ? 237 CYS A CB  1 
ATOM   30   S  SG  . CYS A 1 6  ? -11.380 10.471  -2.057  1.00 39.79 ? 237 CYS A SG  1 
ATOM   31   N  N   . ARG A 1 7  ? -13.418 8.470   -4.083  1.00 44.63 ? 238 ARG A N   1 
ATOM   32   C  CA  . ARG A 1 7  ? -13.674 7.007   -3.968  1.00 47.61 ? 238 ARG A CA  1 
ATOM   33   C  C   . ARG A 1 7  ? -12.437 6.310   -3.394  1.00 43.65 ? 238 ARG A C   1 
ATOM   34   O  O   . ARG A 1 7  ? -12.327 5.088   -3.555  1.00 47.53 ? 238 ARG A O   1 
ATOM   35   C  CB  . ARG A 1 7  ? -14.033 6.392   -5.325  1.00 49.76 ? 238 ARG A CB  1 
ATOM   36   C  CG  . ARG A 1 7  ? -15.009 7.219   -6.152  1.00 57.44 ? 238 ARG A CG  1 
ATOM   37   C  CD  . ARG A 1 7  ? -15.925 6.423   -7.072  1.00 64.71 ? 238 ARG A CD  1 
ATOM   38   N  NE  . ARG A 1 7  ? -15.721 4.975   -7.047  1.00 71.51 ? 238 ARG A NE  1 
ATOM   39   C  CZ  . ARG A 1 7  ? -16.691 4.059   -7.007  1.00 73.20 ? 238 ARG A CZ  1 
ATOM   40   N  NH1 . ARG A 1 7  ? -17.967 4.413   -6.977  1.00 74.01 ? 238 ARG A NH1 1 
ATOM   41   N  NH2 . ARG A 1 7  ? -16.375 2.774   -6.985  1.00 72.86 ? 238 ARG A NH2 1 
ATOM   42   N  N   . TRP A 1 8  ? -11.533 7.059   -2.763  1.00 45.69 ? 239 TRP A N   1 
ATOM   43   C  CA  . TRP A 1 8  ? -10.322 6.487   -2.120  1.00 44.04 ? 239 TRP A CA  1 
ATOM   44   C  C   . TRP A 1 8  ? -10.775 5.571   -0.978  1.00 46.21 ? 239 TRP A C   1 
ATOM   45   O  O   . TRP A 1 8  ? -11.572 6.041   -0.175  1.00 48.30 ? 239 TRP A O   1 
ATOM   46   C  CB  . TRP A 1 8  ? -9.409  7.601   -1.622  1.00 42.62 ? 239 TRP A CB  1 
ATOM   47   C  CG  . TRP A 1 8  ? -8.050  7.110   -1.229  1.00 42.08 ? 239 TRP A CG  1 
ATOM   48   C  CD1 . TRP A 1 8  ? -7.662  6.656   -0.005  1.00 42.71 ? 239 TRP A CD1 1 
ATOM   49   C  CD2 . TRP A 1 8  ? -6.890  7.014   -2.075  1.00 41.29 ? 239 TRP A CD2 1 
ATOM   50   N  NE1 . TRP A 1 8  ? -6.338  6.304   -0.029  1.00 38.75 ? 239 TRP A NE1 1 
ATOM   51   C  CE2 . TRP A 1 8  ? -5.838  6.506   -1.282  1.00 39.82 ? 239 TRP A CE2 1 
ATOM   52   C  CE3 . TRP A 1 8  ? -6.632  7.310   -3.416  1.00 40.27 ? 239 TRP A CE3 1 
ATOM   53   C  CZ2 . TRP A 1 8  ? -4.554  6.294   -1.787  1.00 40.35 ? 239 TRP A CZ2 1 
ATOM   54   C  CZ3 . TRP A 1 8  ? -5.369  7.090   -3.918  1.00 39.53 ? 239 TRP A CZ3 1 
ATOM   55   C  CH2 . TRP A 1 8  ? -4.342  6.597   -3.112  1.00 40.02 ? 239 TRP A CH2 1 
ATOM   56   N  N   . ASP A 1 9  ? -10.324 4.313   -0.957  1.00 48.39 ? 240 ASP A N   1 
ATOM   57   C  CA  . ASP A 1 9  ? -10.761 3.268   0.012   1.00 52.99 ? 240 ASP A CA  1 
ATOM   58   C  C   . ASP A 1 9  ? -10.926 3.877   1.410   1.00 52.60 ? 240 ASP A C   1 
ATOM   59   O  O   . ASP A 1 9  ? -9.943  4.420   1.948   1.00 56.40 ? 240 ASP A O   1 
ATOM   60   C  CB  . ASP A 1 9  ? -9.769  2.106   0.043   1.00 60.52 ? 240 ASP A CB  1 
ATOM   61   C  CG  . ASP A 1 9  ? -10.122 0.981   1.009   1.00 59.40 ? 240 ASP A CG  1 
ATOM   62   O  OD1 . ASP A 1 9  ? -11.234 0.999   1.563   1.00 61.38 ? 240 ASP A OD1 1 
ATOM   63   O  OD2 . ASP A 1 9  ? -9.278  0.090   1.185   1.00 55.55 ? 240 ASP A OD2 1 
ATOM   64   N  N   . GLY A 1 10 ? -12.136 3.801   1.962   1.00 53.29 ? 241 GLY A N   1 
ATOM   65   C  CA  . GLY A 1 10 ? -12.438 4.227   3.343   1.00 56.49 ? 241 GLY A CA  1 
ATOM   66   C  C   . GLY A 1 10 ? -12.600 5.731   3.437   1.00 58.98 ? 241 GLY A C   1 
ATOM   67   O  O   . GLY A 1 10 ? -12.463 6.278   4.548   1.00 60.06 ? 241 GLY A O   1 
ATOM   68   N  N   . CYS A 1 11 ? -12.846 6.387   2.303   1.00 51.74 ? 242 CYS A N   1 
ATOM   69   C  CA  . CYS A 1 11 ? -13.154 7.834   2.243   1.00 53.07 ? 242 CYS A CA  1 
ATOM   70   C  C   . CYS A 1 11 ? -14.478 8.024   1.501   1.00 54.50 ? 242 CYS A C   1 
ATOM   71   O  O   . CYS A 1 11 ? -14.666 7.402   0.443   1.00 65.18 ? 242 CYS A O   1 
ATOM   72   C  CB  . CYS A 1 11 ? -12.054 8.624   1.547   1.00 49.38 ? 242 CYS A CB  1 
ATOM   73   S  SG  . CYS A 1 11 ? -12.325 10.407  1.675   1.00 43.61 ? 242 CYS A SG  1 
ATOM   74   N  N   . SER A 1 12 ? -15.356 8.863   2.034   1.00 56.80 ? 243 SER A N   1 
ATOM   75   C  CA  . SER A 1 12 ? -16.624 9.252   1.368   1.00 64.52 ? 243 SER A CA  1 
ATOM   76   C  C   . SER A 1 12 ? -16.820 10.770  1.445   1.00 61.18 ? 243 SER A C   1 
ATOM   77   O  O   . SER A 1 12 ? -17.977 11.214  1.598   1.00 64.69 ? 243 SER A O   1 
ATOM   78   C  CB  . SER A 1 12 ? -17.774 8.504   1.977   1.00 64.17 ? 243 SER A CB  1 
ATOM   79   O  OG  . SER A 1 12 ? -17.856 8.766   3.367   1.00 67.05 ? 243 SER A OG  1 
ATOM   80   N  N   . GLN A 1 13 ? -15.738 11.545  1.363   1.00 56.94 ? 244 GLN A N   1 
ATOM   81   C  CA  . GLN A 1 13 ? -15.850 13.014  1.211   1.00 55.16 ? 244 GLN A CA  1 
ATOM   82   C  C   . GLN A 1 13 ? -16.483 13.258  -0.162  1.00 54.57 ? 244 GLN A C   1 
ATOM   83   O  O   . GLN A 1 13 ? -16.076 12.571  -1.133  1.00 43.28 ? 244 GLN A O   1 
ATOM   84   C  CB  . GLN A 1 13 ? -14.499 13.714  1.359   1.00 60.03 ? 244 GLN A CB  1 
ATOM   85   C  CG  . GLN A 1 13 ? -13.882 13.579  2.743   1.00 60.33 ? 244 GLN A CG  1 
ATOM   86   C  CD  . GLN A 1 13 ? -14.327 14.667  3.688   1.00 63.21 ? 244 GLN A CD  1 
ATOM   87   O  OE1 . GLN A 1 13 ? -14.026 15.843  3.496   1.00 68.35 ? 244 GLN A OE1 1 
ATOM   88   N  NE2 . GLN A 1 13 ? -15.038 14.275  4.733   1.00 66.81 ? 244 GLN A NE2 1 
ATOM   89   N  N   . GLU A 1 14 ? -17.479 14.146  -0.211  1.00 52.40 ? 245 GLU A N   1 
ATOM   90   C  CA  . GLU A 1 14 ? -18.122 14.655  -1.451  1.00 52.44 ? 245 GLU A CA  1 
ATOM   91   C  C   . GLU A 1 14 ? -17.856 16.159  -1.503  1.00 46.61 ? 245 GLU A C   1 
ATOM   92   O  O   . GLU A 1 14 ? -17.775 16.774  -0.433  1.00 50.11 ? 245 GLU A O   1 
ATOM   93   C  CB  . GLU A 1 14 ? -19.619 14.329  -1.467  1.00 50.99 ? 245 GLU A CB  1 
ATOM   94   C  CG  . GLU A 1 14 ? -19.907 12.843  -1.320  1.00 55.35 ? 245 GLU A CG  1 
ATOM   95   C  CD  . GLU A 1 14 ? -21.277 12.358  -1.780  1.00 54.61 ? 245 GLU A CD  1 
ATOM   96   O  OE1 . GLU A 1 14 ? -22.271 13.086  -1.584  1.00 49.34 ? 245 GLU A OE1 1 
ATOM   97   O  OE2 . GLU A 1 14 ? -21.341 11.247  -2.345  1.00 56.33 ? 245 GLU A OE2 1 
ATOM   98   N  N   . PHE A 1 15 ? -17.665 16.714  -2.697  1.00 45.83 ? 246 PHE A N   1 
ATOM   99   C  CA  . PHE A 1 15 ? -17.319 18.142  -2.892  1.00 48.40 ? 246 PHE A CA  1 
ATOM   100  C  C   . PHE A 1 15 ? -18.196 18.749  -3.984  1.00 49.28 ? 246 PHE A C   1 
ATOM   101  O  O   . PHE A 1 15 ? -18.861 17.999  -4.731  1.00 44.39 ? 246 PHE A O   1 
ATOM   102  C  CB  . PHE A 1 15 ? -15.833 18.290  -3.227  1.00 50.92 ? 246 PHE A CB  1 
ATOM   103  C  CG  . PHE A 1 15 ? -14.914 17.758  -2.161  1.00 47.29 ? 246 PHE A CG  1 
ATOM   104  C  CD1 . PHE A 1 15 ? -14.541 18.551  -1.090  1.00 49.07 ? 246 PHE A CD1 1 
ATOM   105  C  CD2 . PHE A 1 15 ? -14.437 16.456  -2.221  1.00 45.79 ? 246 PHE A CD2 1 
ATOM   106  C  CE1 . PHE A 1 15 ? -13.700 18.057  -0.103  1.00 48.44 ? 246 PHE A CE1 1 
ATOM   107  C  CE2 . PHE A 1 15 ? -13.603 15.961  -1.230  1.00 47.53 ? 246 PHE A CE2 1 
ATOM   108  C  CZ  . PHE A 1 15 ? -13.238 16.761  -0.172  1.00 47.92 ? 246 PHE A CZ  1 
ATOM   109  N  N   . ASP A 1 16 ? -18.164 20.080  -4.076  1.00 54.41 ? 247 ASP A N   1 
ATOM   110  C  CA  . ASP A 1 16 ? -18.956 20.875  -5.049  1.00 58.33 ? 247 ASP A CA  1 
ATOM   111  C  C   . ASP A 1 16 ? -18.168 21.058  -6.349  1.00 58.77 ? 247 ASP A C   1 
ATOM   112  O  O   . ASP A 1 16 ? -18.819 21.274  -7.389  1.00 59.26 ? 247 ASP A O   1 
ATOM   113  C  CB  . ASP A 1 16 ? -19.329 22.241  -4.476  1.00 61.98 ? 247 ASP A CB  1 
ATOM   114  C  CG  . ASP A 1 16 ? -20.405 22.179  -3.408  1.00 65.35 ? 247 ASP A CG  1 
ATOM   115  O  OD1 . ASP A 1 16 ? -20.897 21.061  -3.124  1.00 67.48 ? 247 ASP A OD1 1 
ATOM   116  O  OD2 . ASP A 1 16 ? -20.739 23.249  -2.869  1.00 71.50 ? 247 ASP A OD2 1 
ATOM   117  N  N   . SER A 1 17 ? -16.833 21.018  -6.295  1.00 52.39 ? 248 SER A N   1 
ATOM   118  C  CA  . SER A 1 17 ? -15.957 21.358  -7.447  1.00 54.05 ? 248 SER A CA  1 
ATOM   119  C  C   . SER A 1 17 ? -14.848 20.317  -7.623  1.00 53.39 ? 248 SER A C   1 
ATOM   120  O  O   . SER A 1 17 ? -14.443 19.665  -6.628  1.00 48.24 ? 248 SER A O   1 
ATOM   121  C  CB  . SER A 1 17 ? -15.377 22.736  -7.297  1.00 59.03 ? 248 SER A CB  1 
ATOM   122  O  OG  . SER A 1 17 ? -14.407 22.775  -6.253  1.00 59.07 ? 248 SER A OG  1 
ATOM   123  N  N   . GLN A 1 18 ? -14.375 20.187  -8.860  1.00 51.06 ? 249 GLN A N   1 
ATOM   124  C  CA  . GLN A 1 18 ? -13.199 19.362  -9.223  1.00 55.56 ? 249 GLN A CA  1 
ATOM   125  C  C   . GLN A 1 18 ? -11.981 19.861  -8.434  1.00 52.81 ? 249 GLN A C   1 
ATOM   126  O  O   . GLN A 1 18 ? -11.237 19.014  -7.926  1.00 49.92 ? 249 GLN A O   1 
ATOM   127  C  CB  . GLN A 1 18 ? -12.965 19.424  -10.733 1.00 57.85 ? 249 GLN A CB  1 
ATOM   128  C  CG  . GLN A 1 18 ? -11.902 18.455  -11.220 1.00 59.57 ? 249 GLN A CG  1 
ATOM   129  C  CD  . GLN A 1 18 ? -11.222 18.937  -12.478 1.00 64.04 ? 249 GLN A CD  1 
ATOM   130  O  OE1 . GLN A 1 18 ? -10.801 20.089  -12.571 1.00 72.07 ? 249 GLN A OE1 1 
ATOM   131  N  NE2 . GLN A 1 18 ? -11.101 18.055  -13.455 1.00 62.95 ? 249 GLN A NE2 1 
ATOM   132  N  N   . GLU A 1 19 ? -11.791 21.180  -8.336  1.00 54.84 ? 250 GLU A N   1 
ATOM   133  C  CA  . GLU A 1 19 ? -10.652 21.807  -7.609  1.00 55.65 ? 250 GLU A CA  1 
ATOM   134  C  C   . GLU A 1 19 ? -10.628 21.320  -6.156  1.00 52.67 ? 250 GLU A C   1 
ATOM   135  O  O   . GLU A 1 19 ? -9.533  20.960  -5.659  1.00 49.37 ? 250 GLU A O   1 
ATOM   136  C  CB  . GLU A 1 19 ? -10.750 23.334  -7.638  1.00 62.47 ? 250 GLU A CB  1 
ATOM   137  C  CG  . GLU A 1 19 ? -10.041 23.966  -8.820  1.00 66.00 ? 250 GLU A CG  1 
ATOM   138  C  CD  . GLU A 1 19 ? -9.743  25.444  -8.637  1.00 73.21 ? 250 GLU A CD  1 
ATOM   139  O  OE1 . GLU A 1 19 ? -10.669 26.187  -8.247  1.00 77.70 ? 250 GLU A OE1 1 
ATOM   140  O  OE2 . GLU A 1 19 ? -8.581  25.851  -8.867  1.00 78.46 ? 250 GLU A OE2 1 
ATOM   141  N  N   . GLN A 1 20 ? -11.784 21.324  -5.489  1.00 49.17 ? 251 GLN A N   1 
ATOM   142  C  CA  . GLN A 1 20 ? -11.915 20.841  -4.089  1.00 50.10 ? 251 GLN A CA  1 
ATOM   143  C  C   . GLN A 1 20 ? -11.492 19.365  -4.017  1.00 43.28 ? 251 GLN A C   1 
ATOM   144  O  O   . GLN A 1 20 ? -10.799 19.010  -3.054  1.00 41.71 ? 251 GLN A O   1 
ATOM   145  C  CB  . GLN A 1 20 ? -13.340 21.030  -3.566  1.00 51.66 ? 251 GLN A CB  1 
ATOM   146  C  CG  . GLN A 1 20 ? -13.687 22.475  -3.240  1.00 57.99 ? 251 GLN A CG  1 
ATOM   147  C  CD  . GLN A 1 20 ? -15.167 22.675  -3.010  1.00 59.46 ? 251 GLN A CD  1 
ATOM   148  O  OE1 . GLN A 1 20 ? -16.007 21.928  -3.510  1.00 65.33 ? 251 GLN A OE1 1 
ATOM   149  N  NE2 . GLN A 1 20 ? -15.505 23.699  -2.247  1.00 64.15 ? 251 GLN A NE2 1 
ATOM   150  N  N   . LEU A 1 21 ? -11.912 18.535  -4.976  1.00 41.39 ? 252 LEU A N   1 
ATOM   151  C  CA  . LEU A 1 21 ? -11.584 17.081  -4.979  1.00 41.10 ? 252 LEU A CA  1 
ATOM   152  C  C   . LEU A 1 21 ? -10.079 16.896  -5.198  1.00 41.72 ? 252 LEU A C   1 
ATOM   153  O  O   . LEU A 1 21 ? -9.474  16.113  -4.447  1.00 40.22 ? 252 LEU A O   1 
ATOM   154  C  CB  . LEU A 1 21 ? -12.380 16.337  -6.053  1.00 42.39 ? 252 LEU A CB  1 
ATOM   155  C  CG  . LEU A 1 21 ? -12.035 14.855  -6.214  1.00 41.20 ? 252 LEU A CG  1 
ATOM   156  C  CD1 . LEU A 1 21 ? -12.307 14.086  -4.923  1.00 44.81 ? 252 LEU A CD1 1 
ATOM   157  C  CD2 . LEU A 1 21 ? -12.799 14.235  -7.372  1.00 42.87 ? 252 LEU A CD2 1 
ATOM   158  N  N   . VAL A 1 22 ? -9.510  17.561  -6.203  1.00 41.10 ? 253 VAL A N   1 
ATOM   159  C  CA  . VAL A 1 22 ? -8.046  17.517  -6.507  1.00 45.87 ? 253 VAL A CA  1 
ATOM   160  C  C   . VAL A 1 22 ? -7.262  17.871  -5.238  1.00 42.59 ? 253 VAL A C   1 
ATOM   161  O  O   . VAL A 1 22 ? -6.324  17.127  -4.903  1.00 41.49 ? 253 VAL A O   1 
ATOM   162  C  CB  . VAL A 1 22 ? -7.668  18.443  -7.680  1.00 46.73 ? 253 VAL A CB  1 
ATOM   163  C  CG1 . VAL A 1 22 ? -6.163  18.656  -7.774  1.00 47.43 ? 253 VAL A CG1 1 
ATOM   164  C  CG2 . VAL A 1 22 ? -8.213  17.922  -9.001  1.00 49.08 ? 253 VAL A CG2 1 
ATOM   165  N  N   . HIS A 1 23 ? -7.611  18.977  -4.575  1.00 40.62 ? 254 HIS A N   1 
ATOM   166  C  CA  . HIS A 1 23 ? -6.935  19.444  -3.337  1.00 44.33 ? 254 HIS A CA  1 
ATOM   167  C  C   . HIS A 1 23 ? -7.087  18.387  -2.231  1.00 44.47 ? 254 HIS A C   1 
ATOM   168  O  O   . HIS A 1 23 ? -6.083  18.104  -1.541  1.00 40.21 ? 254 HIS A O   1 
ATOM   169  C  CB  . HIS A 1 23 ? -7.465  20.812  -2.889  1.00 47.79 ? 254 HIS A CB  1 
ATOM   170  C  CG  . HIS A 1 23 ? -7.003  21.179  -1.521  1.00 48.76 ? 254 HIS A CG  1 
ATOM   171  N  ND1 . HIS A 1 23 ? -5.761  21.740  -1.292  1.00 49.62 ? 254 HIS A ND1 1 
ATOM   172  C  CD2 . HIS A 1 23 ? -7.579  21.017  -0.310  1.00 48.26 ? 254 HIS A CD2 1 
ATOM   173  C  CE1 . HIS A 1 23 ? -5.600  21.926  0.001   1.00 49.09 ? 254 HIS A CE1 1 
ATOM   174  N  NE2 . HIS A 1 23 ? -6.698  21.486  0.623   1.00 51.18 ? 254 HIS A NE2 1 
ATOM   175  N  N   . HIS A 1 24 ? -8.293  17.830  -2.053  1.00 41.10 ? 255 HIS A N   1 
ATOM   176  C  CA  . HIS A 1 24 ? -8.563  16.768  -1.045  1.00 40.90 ? 255 HIS A CA  1 
ATOM   177  C  C   . HIS A 1 24 ? -7.612  15.581  -1.276  1.00 36.97 ? 255 HIS A C   1 
ATOM   178  O  O   . HIS A 1 24 ? -6.960  15.129  -0.309  1.00 34.89 ? 255 HIS A O   1 
ATOM   179  C  CB  . HIS A 1 24 ? -10.038 16.334  -1.062  1.00 40.74 ? 255 HIS A CB  1 
ATOM   180  C  CG  . HIS A 1 24 ? -10.291 15.059  -0.319  1.00 39.84 ? 255 HIS A CG  1 
ATOM   181  N  ND1 . HIS A 1 24 ? -10.261 14.992  1.058   1.00 39.82 ? 255 HIS A ND1 1 
ATOM   182  C  CD2 . HIS A 1 24 ? -10.572 13.808  -0.755  1.00 38.80 ? 255 HIS A CD2 1 
ATOM   183  C  CE1 . HIS A 1 24 ? -10.508 13.753  1.440   1.00 41.67 ? 255 HIS A CE1 1 
ATOM   184  N  NE2 . HIS A 1 24 ? -10.696 12.999  0.336   1.00 37.07 ? 255 HIS A NE2 1 
ATOM   185  N  N   . ILE A 1 25 ? -7.531  15.076  -2.504  1.00 37.37 ? 256 ILE A N   1 
ATOM   186  C  CA  . ILE A 1 25 ? -6.748  13.840  -2.801  1.00 38.18 ? 256 ILE A CA  1 
ATOM   187  C  C   . ILE A 1 25 ? -5.277  14.093  -2.442  1.00 39.26 ? 256 ILE A C   1 
ATOM   188  O  O   . ILE A 1 25 ? -4.671  13.237  -1.753  1.00 35.74 ? 256 ILE A O   1 
ATOM   189  C  CB  . ILE A 1 25 ? -6.931  13.410  -4.267  1.00 38.36 ? 256 ILE A CB  1 
ATOM   190  C  CG1 . ILE A 1 25 ? -8.363  12.953  -4.545  1.00 38.48 ? 256 ILE A CG1 1 
ATOM   191  C  CG2 . ILE A 1 25 ? -5.933  12.324  -4.646  1.00 39.96 ? 256 ILE A CG2 1 
ATOM   192  C  CD1 . ILE A 1 25 ? -8.709  12.919  -6.014  1.00 38.39 ? 256 ILE A CD1 1 
ATOM   193  N  N   . ASN A 1 26 ? -4.732  15.242  -2.862  1.00 37.06 ? 257 ASN A N   1 
ATOM   194  C  CA  . ASN A 1 26 ? -3.302  15.598  -2.649  1.00 39.35 ? 257 ASN A CA  1 
ATOM   195  C  C   . ASN A 1 26 ? -3.039  15.767  -1.147  1.00 40.24 ? 257 ASN A C   1 
ATOM   196  O  O   . ASN A 1 26 ? -2.041  15.185  -0.622  1.00 36.61 ? 257 ASN A O   1 
ATOM   197  C  CB  . ASN A 1 26 ? -2.909  16.836  -3.463  1.00 39.51 ? 257 ASN A CB  1 
ATOM   198  C  CG  . ASN A 1 26 ? -2.621  16.520  -4.916  1.00 41.59 ? 257 ASN A CG  1 
ATOM   199  O  OD1 . ASN A 1 26 ? -1.892  15.581  -5.220  1.00 42.51 ? 257 ASN A OD1 1 
ATOM   200  N  ND2 . ASN A 1 26 ? -3.166  17.310  -5.823  1.00 42.41 ? 257 ASN A ND2 1 
ATOM   201  N  N   . SER A 1 27 ? -3.907  16.527  -0.477  1.00 40.07 ? 258 SER A N   1 
ATOM   202  C  CA  . SER A 1 27 ? -3.811  16.858  0.966   1.00 42.75 ? 258 SER A CA  1 
ATOM   203  C  C   . SER A 1 27 ? -3.928  15.602  1.838   1.00 44.52 ? 258 SER A C   1 
ATOM   204  O  O   . SER A 1 27 ? -3.123  15.459  2.784   1.00 42.10 ? 258 SER A O   1 
ATOM   205  C  CB  . SER A 1 27 ? -4.849  17.877  1.351   1.00 43.67 ? 258 SER A CB  1 
ATOM   206  O  OG  . SER A 1 27 ? -4.457  18.496  2.558   1.00 51.37 ? 258 SER A OG  1 
ATOM   207  N  N   . GLU A 1 28 ? -4.888  14.722  1.555   1.00 42.40 ? 259 GLU A N   1 
ATOM   208  C  CA  . GLU A 1 28 ? -5.255  13.622  2.484   1.00 43.58 ? 259 GLU A CA  1 
ATOM   209  C  C   . GLU A 1 28 ? -4.693  12.271  2.023   1.00 43.37 ? 259 GLU A C   1 
ATOM   210  O  O   . GLU A 1 28 ? -4.295  11.489  2.901   1.00 47.05 ? 259 GLU A O   1 
ATOM   211  C  CB  . GLU A 1 28 ? -6.773  13.545  2.640   1.00 47.74 ? 259 GLU A CB  1 
ATOM   212  C  CG  . GLU A 1 28 ? -7.390  14.821  3.196   1.00 52.98 ? 259 GLU A CG  1 
ATOM   213  C  CD  . GLU A 1 28 ? -6.972  15.184  4.614   1.00 57.66 ? 259 GLU A CD  1 
ATOM   214  O  OE1 . GLU A 1 28 ? -6.836  14.267  5.450   1.00 57.67 ? 259 GLU A OE1 1 
ATOM   215  O  OE2 . GLU A 1 28 ? -6.771  16.386  4.872   1.00 66.54 ? 259 GLU A OE2 1 
ATOM   216  N  N   . HIS A 1 29 ? -4.702  11.954  0.726   1.00 40.76 ? 260 HIS A N   1 
ATOM   217  C  CA  . HIS A 1 29 ? -4.397  10.574  0.251   1.00 43.07 ? 260 HIS A CA  1 
ATOM   218  C  C   . HIS A 1 29 ? -2.954  10.449  -0.264  1.00 41.24 ? 260 HIS A C   1 
ATOM   219  O  O   . HIS A 1 29 ? -2.372  9.346   -0.129  1.00 38.64 ? 260 HIS A O   1 
ATOM   220  C  CB  . HIS A 1 29 ? -5.480  10.122  -0.734  1.00 41.85 ? 260 HIS A CB  1 
ATOM   221  C  CG  . HIS A 1 29 ? -6.835  10.144  -0.101  1.00 44.83 ? 260 HIS A CG  1 
ATOM   222  N  ND1 . HIS A 1 29 ? -7.045  9.702   1.192   1.00 42.16 ? 260 HIS A ND1 1 
ATOM   223  C  CD2 . HIS A 1 29 ? -8.030  10.603  -0.537  1.00 44.97 ? 260 HIS A CD2 1 
ATOM   224  C  CE1 . HIS A 1 29 ? -8.317  9.866   1.514   1.00 45.32 ? 260 HIS A CE1 1 
ATOM   225  N  NE2 . HIS A 1 29 ? -8.942  10.399  0.466   1.00 43.91 ? 260 HIS A NE2 1 
ATOM   226  N  N   . ILE A 1 30 ? -2.396  11.509  -0.834  1.00 38.15 ? 261 ILE A N   1 
ATOM   227  C  CA  . ILE A 1 30 ? -1.011  11.495  -1.384  1.00 41.97 ? 261 ILE A CA  1 
ATOM   228  C  C   . ILE A 1 30 ? -0.037  11.971  -0.301  1.00 39.80 ? 261 ILE A C   1 
ATOM   229  O  O   . ILE A 1 30 ? 0.898   11.220  0.006   1.00 40.90 ? 261 ILE A O   1 
ATOM   230  C  CB  . ILE A 1 30 ? -0.897  12.344  -2.663  1.00 42.82 ? 261 ILE A CB  1 
ATOM   231  C  CG1 . ILE A 1 30 ? -1.893  11.905  -3.744  1.00 44.78 ? 261 ILE A CG1 1 
ATOM   232  C  CG2 . ILE A 1 30 ? 0.540   12.321  -3.168  1.00 43.71 ? 261 ILE A CG2 1 
ATOM   233  C  CD1 . ILE A 1 30 ? -1.794  10.438  -4.121  1.00 48.97 ? 261 ILE A CD1 1 
ATOM   234  N  N   . HIS A 1 31 ? -0.251  13.165  0.257   1.00 43.44 ? 262 HIS A N   1 
ATOM   235  C  CA  . HIS A 1 31 ? 0.742   13.868  1.117   1.00 43.21 ? 262 HIS A CA  1 
ATOM   236  C  C   . HIS A 1 31 ? 0.326   13.866  2.586   1.00 46.30 ? 262 HIS A C   1 
ATOM   237  O  O   . HIS A 1 31 ? 1.145   14.284  3.419   1.00 48.73 ? 262 HIS A O   1 
ATOM   238  C  CB  . HIS A 1 31 ? 0.977   15.281  0.596   1.00 43.98 ? 262 HIS A CB  1 
ATOM   239  C  CG  . HIS A 1 31 ? 1.565   15.290  -0.768  1.00 39.26 ? 262 HIS A CG  1 
ATOM   240  N  ND1 . HIS A 1 31 ? 2.855   14.844  -1.012  1.00 41.54 ? 262 HIS A ND1 1 
ATOM   241  C  CD2 . HIS A 1 31 ? 1.064   15.684  -1.953  1.00 40.61 ? 262 HIS A CD2 1 
ATOM   242  C  CE1 . HIS A 1 31 ? 3.115   14.960  -2.295  1.00 38.22 ? 262 HIS A CE1 1 
ATOM   243  N  NE2 . HIS A 1 31 ? 2.029   15.462  -2.898  1.00 42.63 ? 262 HIS A NE2 1 
ATOM   244  N  N   . GLY A 1 32 ? -0.872  13.384  2.902   1.00 42.94 ? 263 GLY A N   1 
ATOM   245  C  CA  . GLY A 1 32 ? -1.345  13.281  4.292   1.00 49.79 ? 263 GLY A CA  1 
ATOM   246  C  C   . GLY A 1 32 ? -0.670  12.142  5.041   1.00 51.70 ? 263 GLY A C   1 
ATOM   247  O  O   . GLY A 1 32 ? -0.015  11.287  4.390   1.00 49.09 ? 263 GLY A O   1 
ATOM   248  N  N   . GLU A 1 33 ? -0.817  12.136  6.368   1.00 51.75 ? 264 GLU A N   1 
ATOM   249  C  CA  . GLU A 1 33 ? -0.432  11.008  7.257   1.00 55.51 ? 264 GLU A CA  1 
ATOM   250  C  C   . GLU A 1 33 ? -0.864  9.700   6.584   1.00 53.20 ? 264 GLU A C   1 
ATOM   251  O  O   . GLU A 1 33 ? -2.041  9.586   6.208   1.00 47.75 ? 264 GLU A O   1 
ATOM   252  C  CB  . GLU A 1 33 ? -1.094  11.164  8.631   1.00 58.56 ? 264 GLU A CB  1 
ATOM   253  C  CG  . GLU A 1 33 ? -0.488  10.285  9.710   1.00 62.48 ? 264 GLU A CG  1 
ATOM   254  C  CD  . GLU A 1 33 ? -1.330  10.168  10.971  1.00 67.99 ? 264 GLU A CD  1 
ATOM   255  O  OE1 . GLU A 1 33 ? -2.403  9.539   10.904  1.00 70.52 ? 264 GLU A OE1 1 
ATOM   256  O  OE2 . GLU A 1 33 ? -0.914  10.711  12.014  1.00 73.09 ? 264 GLU A OE2 1 
ATOM   257  N  N   . ARG A 1 34 ? 0.052   8.747   6.413   1.00 51.29 ? 265 ARG A N   1 
ATOM   258  C  CA  . ARG A 1 34 ? -0.263  7.463   5.736   1.00 45.62 ? 265 ARG A CA  1 
ATOM   259  C  C   . ARG A 1 34 ? -1.251  6.656   6.589   1.00 46.74 ? 265 ARG A C   1 
ATOM   260  O  O   . ARG A 1 34 ? -0.942  6.405   7.769   1.00 43.64 ? 265 ARG A O   1 
ATOM   261  C  CB  . ARG A 1 34 ? 1.012   6.664   5.493   1.00 44.86 ? 265 ARG A CB  1 
ATOM   262  C  CG  . ARG A 1 34 ? 0.755   5.309   4.852   1.00 42.08 ? 265 ARG A CG  1 
ATOM   263  C  CD  . ARG A 1 34 ? 2.085   4.695   4.488   1.00 41.67 ? 265 ARG A CD  1 
ATOM   264  N  NE  . ARG A 1 34 ? 1.927   3.396   3.882   1.00 40.93 ? 265 ARG A NE  1 
ATOM   265  C  CZ  . ARG A 1 34 ? 2.929   2.597   3.552   1.00 42.10 ? 265 ARG A CZ  1 
ATOM   266  N  NH1 . ARG A 1 34 ? 4.172   2.964   3.796   1.00 43.70 ? 265 ARG A NH1 1 
ATOM   267  N  NH2 . ARG A 1 34 ? 2.679   1.421   3.008   1.00 43.66 ? 265 ARG A NH2 1 
ATOM   268  N  N   . LYS A 1 35 ? -2.382  6.250   5.997   1.00 42.35 ? 266 LYS A N   1 
ATOM   269  C  CA  . LYS A 1 35 ? -3.494  5.524   6.666   1.00 46.31 ? 266 LYS A CA  1 
ATOM   270  C  C   . LYS A 1 35 ? -3.750  4.178   5.987   1.00 44.61 ? 266 LYS A C   1 
ATOM   271  O  O   . LYS A 1 35 ? -4.743  3.530   6.381   1.00 44.07 ? 266 LYS A O   1 
ATOM   272  C  CB  . LYS A 1 35 ? -4.802  6.319   6.597   1.00 51.99 ? 266 LYS A CB  1 
ATOM   273  C  CG  . LYS A 1 35 ? -4.700  7.783   6.984   1.00 57.37 ? 266 LYS A CG  1 
ATOM   274  C  CD  . LYS A 1 35 ? -5.127  8.078   8.404   1.00 64.82 ? 266 LYS A CD  1 
ATOM   275  C  CE  . LYS A 1 35 ? -4.962  9.543   8.750   1.00 68.67 ? 266 LYS A CE  1 
ATOM   276  N  NZ  . LYS A 1 35 ? -5.932  9.977   9.779   1.00 71.26 ? 266 LYS A NZ  1 
ATOM   277  N  N   . GLU A 1 36 ? -2.911  3.784   5.014   1.00 39.22 ? 267 GLU A N   1 
ATOM   278  C  CA  . GLU A 1 36 ? -3.025  2.496   4.283   1.00 39.50 ? 267 GLU A CA  1 
ATOM   279  C  C   . GLU A 1 36 ? -1.666  1.790   4.335   1.00 38.03 ? 267 GLU A C   1 
ATOM   280  O  O   . GLU A 1 36 ? -0.650  2.412   3.944   1.00 35.74 ? 267 GLU A O   1 
ATOM   281  C  CB  . GLU A 1 36 ? -3.490  2.704   2.837   1.00 41.94 ? 267 GLU A CB  1 
ATOM   282  C  CG  . GLU A 1 36 ? -4.889  3.293   2.724   1.00 43.54 ? 267 GLU A CG  1 
ATOM   283  C  CD  . GLU A 1 36 ? -4.936  4.789   2.484   1.00 46.64 ? 267 GLU A CD  1 
ATOM   284  O  OE1 . GLU A 1 36 ? -4.019  5.310   1.835   1.00 49.73 ? 267 GLU A OE1 1 
ATOM   285  O  OE2 . GLU A 1 36 ? -5.896  5.433   2.934   1.00 51.98 ? 267 GLU A OE2 1 
ATOM   286  N  N   . PHE A 1 37 ? -1.660  0.558   4.843   1.00 36.64 ? 268 PHE A N   1 
ATOM   287  C  CA  . PHE A 1 37 ? -0.468  -0.325  4.962   1.00 37.74 ? 268 PHE A CA  1 
ATOM   288  C  C   . PHE A 1 37 ? -0.833  -1.675  4.340   1.00 37.58 ? 268 PHE A C   1 
ATOM   289  O  O   . PHE A 1 37 ? -1.534  -2.479  4.995   1.00 40.15 ? 268 PHE A O   1 
ATOM   290  C  CB  . PHE A 1 37 ? -0.012  -0.392  6.422   1.00 36.07 ? 268 PHE A CB  1 
ATOM   291  C  CG  . PHE A 1 37 ? 0.537   0.914   6.926   1.00 40.22 ? 268 PHE A CG  1 
ATOM   292  C  CD1 . PHE A 1 37 ? -0.305  1.885   7.444   1.00 39.57 ? 268 PHE A CD1 1 
ATOM   293  C  CD2 . PHE A 1 37 ? 1.893   1.204   6.808   1.00 44.08 ? 268 PHE A CD2 1 
ATOM   294  C  CE1 . PHE A 1 37 ? 0.195   3.115   7.848   1.00 40.52 ? 268 PHE A CE1 1 
ATOM   295  C  CE2 . PHE A 1 37 ? 2.391   2.429   7.218   1.00 42.31 ? 268 PHE A CE2 1 
ATOM   296  C  CZ  . PHE A 1 37 ? 1.544   3.379   7.745   1.00 41.49 ? 268 PHE A CZ  1 
ATOM   297  N  N   . VAL A 1 38 ? -0.419  -1.886  3.086   1.00 37.07 ? 269 VAL A N   1 
ATOM   298  C  CA  . VAL A 1 38 ? -0.791  -3.074  2.254   1.00 36.84 ? 269 VAL A CA  1 
ATOM   299  C  C   . VAL A 1 38 ? 0.262   -4.162  2.446   1.00 35.29 ? 269 VAL A C   1 
ATOM   300  O  O   . VAL A 1 38 ? 1.474   -3.831  2.450   1.00 36.27 ? 269 VAL A O   1 
ATOM   301  C  CB  . VAL A 1 38 ? -0.931  -2.717  0.761   1.00 39.07 ? 269 VAL A CB  1 
ATOM   302  C  CG1 . VAL A 1 38 ? -1.270  -3.933  -0.088  1.00 41.05 ? 269 VAL A CG1 1 
ATOM   303  C  CG2 . VAL A 1 38 ? -1.959  -1.623  0.541   1.00 41.48 ? 269 VAL A CG2 1 
ATOM   304  N  N   . CYS A 1 39 ? -0.186  -5.411  2.559   1.00 36.79 ? 270 CYS A N   1 
ATOM   305  C  CA  . CYS A 1 39 ? 0.675   -6.616  2.482   1.00 37.25 ? 270 CYS A CA  1 
ATOM   306  C  C   . CYS A 1 39 ? 0.780   -7.058  1.018   1.00 39.35 ? 270 CYS A C   1 
ATOM   307  O  O   . CYS A 1 39 ? -0.236  -7.543  0.483   1.00 36.50 ? 270 CYS A O   1 
ATOM   308  C  CB  . CYS A 1 39 ? 0.123   -7.779  3.294   1.00 38.19 ? 270 CYS A CB  1 
ATOM   309  S  SG  . CYS A 1 39 ? 1.200   -9.233  3.189   1.00 38.19 ? 270 CYS A SG  1 
ATOM   310  N  N   . HIS A 1 40 ? 1.957   -6.912  0.400   1.00 39.56 ? 271 HIS A N   1 
ATOM   311  C  CA  . HIS A 1 40 ? 2.203   -7.284  -1.022  1.00 39.42 ? 271 HIS A CA  1 
ATOM   312  C  C   . HIS A 1 40 ? 2.741   -8.719  -1.124  1.00 41.62 ? 271 HIS A C   1 
ATOM   313  O  O   . HIS A 1 40 ? 3.298   -9.066  -2.194  1.00 40.76 ? 271 HIS A O   1 
ATOM   314  C  CB  . HIS A 1 40 ? 3.123   -6.244  -1.681  1.00 39.95 ? 271 HIS A CB  1 
ATOM   315  C  CG  . HIS A 1 40 ? 2.511   -4.885  -1.795  1.00 37.97 ? 271 HIS A CG  1 
ATOM   316  N  ND1 . HIS A 1 40 ? 1.628   -4.559  -2.795  1.00 37.62 ? 271 HIS A ND1 1 
ATOM   317  C  CD2 . HIS A 1 40 ? 2.648   -3.774  -1.039  1.00 38.50 ? 271 HIS A CD2 1 
ATOM   318  C  CE1 . HIS A 1 40 ? 1.248   -3.305  -2.663  1.00 36.69 ? 271 HIS A CE1 1 
ATOM   319  N  NE2 . HIS A 1 40 ? 1.857   -2.800  -1.583  1.00 38.88 ? 271 HIS A NE2 1 
ATOM   320  N  N   . TRP A 1 41 ? 2.560   -9.540  -0.082  1.00 40.47 ? 272 TRP A N   1 
ATOM   321  C  CA  . TRP A 1 41 ? 2.949   -10.976 -0.081  1.00 41.56 ? 272 TRP A CA  1 
ATOM   322  C  C   . TRP A 1 41 ? 2.078   -11.746 -1.080  1.00 45.51 ? 272 TRP A C   1 
ATOM   323  O  O   . TRP A 1 41 ? 0.849   -11.783 -0.879  1.00 47.87 ? 272 TRP A O   1 
ATOM   324  C  CB  . TRP A 1 41 ? 2.830   -11.569 1.321   1.00 41.32 ? 272 TRP A CB  1 
ATOM   325  C  CG  . TRP A 1 41 ? 3.474   -12.911 1.500   1.00 39.38 ? 272 TRP A CG  1 
ATOM   326  C  CD1 . TRP A 1 41 ? 2.897   -14.134 1.325   1.00 41.00 ? 272 TRP A CD1 1 
ATOM   327  C  CD2 . TRP A 1 41 ? 4.831   -13.167 1.905   1.00 38.73 ? 272 TRP A CD2 1 
ATOM   328  N  NE1 . TRP A 1 41 ? 3.797   -15.130 1.599   1.00 41.57 ? 272 TRP A NE1 1 
ATOM   329  C  CE2 . TRP A 1 41 ? 4.989   -14.570 1.966   1.00 39.94 ? 272 TRP A CE2 1 
ATOM   330  C  CE3 . TRP A 1 41 ? 5.924   -12.357 2.225   1.00 39.85 ? 272 TRP A CE3 1 
ATOM   331  C  CZ2 . TRP A 1 41 ? 6.189   -15.173 2.348   1.00 40.74 ? 272 TRP A CZ2 1 
ATOM   332  C  CZ3 . TRP A 1 41 ? 7.118   -12.951 2.584   1.00 38.57 ? 272 TRP A CZ3 1 
ATOM   333  C  CH2 . TRP A 1 41 ? 7.239   -14.339 2.659   1.00 39.05 ? 272 TRP A CH2 1 
ATOM   334  N  N   . GLY A 1 42 ? 2.698   -12.333 -2.108  1.00 48.76 ? 273 GLY A N   1 
ATOM   335  C  CA  . GLY A 1 42 ? 2.011   -13.115 -3.156  1.00 50.29 ? 273 GLY A CA  1 
ATOM   336  C  C   . GLY A 1 42 ? 1.129   -14.195 -2.556  1.00 50.45 ? 273 GLY A C   1 
ATOM   337  O  O   . GLY A 1 42 ? 1.630   -14.958 -1.709  1.00 53.48 ? 273 GLY A O   1 
ATOM   338  N  N   . GLY A 1 43 ? -0.146  -14.232 -2.954  1.00 52.68 ? 274 GLY A N   1 
ATOM   339  C  CA  . GLY A 1 43 ? -1.136  -15.227 -2.498  1.00 52.47 ? 274 GLY A CA  1 
ATOM   340  C  C   . GLY A 1 43 ? -1.742  -14.882 -1.148  1.00 53.38 ? 274 GLY A C   1 
ATOM   341  O  O   . GLY A 1 43 ? -2.483  -15.733 -0.615  1.00 53.41 ? 274 GLY A O   1 
ATOM   342  N  N   . CYS A 1 44 ? -1.449  -13.696 -0.592  1.00 48.73 ? 275 CYS A N   1 
ATOM   343  C  CA  . CYS A 1 44 ? -1.971  -13.264 0.737   1.00 47.94 ? 275 CYS A CA  1 
ATOM   344  C  C   . CYS A 1 44 ? -3.502  -13.162 0.660   1.00 48.00 ? 275 CYS A C   1 
ATOM   345  O  O   . CYS A 1 44 ? -3.996  -12.470 -0.251  1.00 49.23 ? 275 CYS A O   1 
ATOM   346  C  CB  . CYS A 1 44 ? -1.361  -11.941 1.191   1.00 45.69 ? 275 CYS A CB  1 
ATOM   347  S  SG  . CYS A 1 44 ? -2.121  -11.278 2.696   1.00 45.02 ? 275 CYS A SG  1 
ATOM   348  N  N   . SER A 1 45 ? -4.209  -13.818 1.587   1.00 48.60 ? 276 SER A N   1 
ATOM   349  C  CA  . SER A 1 45 ? -5.690  -13.980 1.576   1.00 54.33 ? 276 SER A CA  1 
ATOM   350  C  C   . SER A 1 45 ? -6.390  -12.635 1.806   1.00 56.33 ? 276 SER A C   1 
ATOM   351  O  O   . SER A 1 45 ? -7.595  -12.543 1.501   1.00 55.16 ? 276 SER A O   1 
ATOM   352  C  CB  . SER A 1 45 ? -6.132  -15.010 2.581   1.00 55.96 ? 276 SER A CB  1 
ATOM   353  O  OG  . SER A 1 45 ? -5.727  -14.655 3.892   1.00 57.48 ? 276 SER A OG  1 
ATOM   354  N  N   . ARG A 1 46 ? -5.659  -11.629 2.299   1.00 55.07 ? 277 ARG A N   1 
ATOM   355  C  CA  . ARG A 1 46 ? -6.134  -10.227 2.443   1.00 52.71 ? 277 ARG A CA  1 
ATOM   356  C  C   . ARG A 1 46 ? -6.490  -9.625  1.079   1.00 51.70 ? 277 ARG A C   1 
ATOM   357  O  O   . ARG A 1 46 ? -7.338  -8.708  1.052   1.00 51.77 ? 277 ARG A O   1 
ATOM   358  C  CB  . ARG A 1 46 ? -5.047  -9.349  3.064   1.00 56.42 ? 277 ARG A CB  1 
ATOM   359  C  CG  . ARG A 1 46 ? -4.636  -9.741  4.473   1.00 58.15 ? 277 ARG A CG  1 
ATOM   360  C  CD  . ARG A 1 46 ? -5.328  -8.920  5.532   1.00 61.40 ? 277 ARG A CD  1 
ATOM   361  N  NE  . ARG A 1 46 ? -5.257  -7.485  5.316   1.00 56.85 ? 277 ARG A NE  1 
ATOM   362  C  CZ  . ARG A 1 46 ? -5.945  -6.595  6.020   1.00 57.50 ? 277 ARG A CZ  1 
ATOM   363  N  NH1 . ARG A 1 46 ? -6.746  -6.994  6.995   1.00 57.95 ? 277 ARG A NH1 1 
ATOM   364  N  NH2 . ARG A 1 46 ? -5.830  -5.310  5.749   1.00 61.19 ? 277 ARG A NH2 1 
ATOM   365  N  N   . GLU A 1 47 ? -5.819  -10.057 0.006   1.00 53.64 ? 278 GLU A N   1 
ATOM   366  C  CA  . GLU A 1 47 ? -6.052  -9.563  -1.381  1.00 57.82 ? 278 GLU A CA  1 
ATOM   367  C  C   . GLU A 1 47 ? -5.747  -8.058  -1.436  1.00 56.79 ? 278 GLU A C   1 
ATOM   368  O  O   . GLU A 1 47 ? -6.527  -7.297  -2.063  1.00 53.33 ? 278 GLU A O   1 
ATOM   369  C  CB  . GLU A 1 47 ? -7.487  -9.879  -1.824  1.00 63.65 ? 278 GLU A CB  1 
ATOM   370  C  CG  . GLU A 1 47 ? -7.827  -11.363 -1.781  1.00 69.99 ? 278 GLU A CG  1 
ATOM   371  C  CD  . GLU A 1 47 ? -9.308  -11.707 -1.674  1.00 77.13 ? 278 GLU A CD  1 
ATOM   372  O  OE1 . GLU A 1 47 ? -10.144 -10.782 -1.737  1.00 81.73 ? 278 GLU A OE1 1 
ATOM   373  O  OE2 . GLU A 1 47 ? -9.622  -12.905 -1.515  1.00 79.18 ? 278 GLU A OE2 1 
ATOM   374  N  N   . LEU A 1 48 ? -4.664  -7.638  -0.769  1.00 51.03 ? 279 LEU A N   1 
ATOM   375  C  CA  . LEU A 1 48 ? -4.102  -6.258  -0.817  1.00 47.49 ? 279 LEU A CA  1 
ATOM   376  C  C   . LEU A 1 48 ? -5.023  -5.261  -0.102  1.00 41.87 ? 279 LEU A C   1 
ATOM   377  O  O   . LEU A 1 48 ? -4.777  -4.040  -0.235  1.00 42.09 ? 279 LEU A O   1 
ATOM   378  C  CB  . LEU A 1 48 ? -3.863  -5.859  -2.278  1.00 46.65 ? 279 LEU A CB  1 
ATOM   379  C  CG  . LEU A 1 48 ? -3.016  -6.844  -3.088  1.00 51.72 ? 279 LEU A CG  1 
ATOM   380  C  CD1 . LEU A 1 48 ? -3.194  -6.624  -4.587  1.00 50.83 ? 279 LEU A CD1 1 
ATOM   381  C  CD2 . LEU A 1 48 ? -1.550  -6.739  -2.699  1.00 52.15 ? 279 LEU A CD2 1 
ATOM   382  N  N   . ARG A 1 49 ? -6.002  -5.740  0.671   1.00 43.51 ? 280 ARG A N   1 
ATOM   383  C  CA  . ARG A 1 49 ? -6.850  -4.875  1.540   1.00 47.12 ? 280 ARG A CA  1 
ATOM   384  C  C   . ARG A 1 49 ? -5.951  -4.214  2.582   1.00 43.18 ? 280 ARG A C   1 
ATOM   385  O  O   . ARG A 1 49 ? -5.274  -4.901  3.343   1.00 43.00 ? 280 ARG A O   1 
ATOM   386  C  CB  . ARG A 1 49 ? -7.948  -5.685  2.240   1.00 51.83 ? 280 ARG A CB  1 
ATOM   387  C  CG  . ARG A 1 49 ? -9.079  -6.146  1.329   1.00 61.36 ? 280 ARG A CG  1 
ATOM   388  C  CD  . ARG A 1 49 ? -10.060 -7.082  2.026   1.00 66.09 ? 280 ARG A CD  1 
ATOM   389  N  NE  . ARG A 1 49 ? -10.368 -6.639  3.387   1.00 69.92 ? 280 ARG A NE  1 
ATOM   390  C  CZ  . ARG A 1 49 ? -10.065 -7.295  4.513   1.00 75.96 ? 280 ARG A CZ  1 
ATOM   391  N  NH1 . ARG A 1 49 ? -9.454  -8.471  4.474   1.00 77.49 ? 280 ARG A NH1 1 
ATOM   392  N  NH2 . ARG A 1 49 ? -10.390 -6.771  5.686   1.00 72.76 ? 280 ARG A NH2 1 
ATOM   393  N  N   . PRO A 1 50 ? -5.927  -2.870  2.678   1.00 42.68 ? 281 PRO A N   1 
ATOM   394  C  CA  . PRO A 1 50 ? -4.971  -2.189  3.556   1.00 41.10 ? 281 PRO A CA  1 
ATOM   395  C  C   . PRO A 1 50 ? -5.272  -2.311  5.059   1.00 45.03 ? 281 PRO A C   1 
ATOM   396  O  O   . PRO A 1 50 ? -6.421  -2.417  5.426   1.00 44.07 ? 281 PRO A O   1 
ATOM   397  C  CB  . PRO A 1 50 ? -5.083  -0.724  3.128   1.00 41.75 ? 281 PRO A CB  1 
ATOM   398  C  CG  . PRO A 1 50 ? -6.489  -0.596  2.565   1.00 43.78 ? 281 PRO A CG  1 
ATOM   399  C  CD  . PRO A 1 50 ? -6.811  -1.944  1.957   1.00 43.34 ? 281 PRO A CD  1 
ATOM   400  N  N   . PHE A 1 51 ? -4.224  -2.325  5.891   1.00 42.42 ? 282 PHE A N   1 
ATOM   401  C  CA  . PHE A 1 51 ? -4.298  -2.082  7.354   1.00 41.23 ? 282 PHE A CA  1 
ATOM   402  C  C   . PHE A 1 51 ? -4.256  -0.571  7.598   1.00 40.80 ? 282 PHE A C   1 
ATOM   403  O  O   . PHE A 1 51 ? -3.623  0.141   6.800   1.00 40.41 ? 282 PHE A O   1 
ATOM   404  C  CB  . PHE A 1 51 ? -3.143  -2.770  8.091   1.00 39.68 ? 282 PHE A CB  1 
ATOM   405  C  CG  . PHE A 1 51 ? -3.186  -4.275  8.107   1.00 40.79 ? 282 PHE A CG  1 
ATOM   406  C  CD1 . PHE A 1 51 ? -3.955  -4.953  9.041   1.00 40.18 ? 282 PHE A CD1 1 
ATOM   407  C  CD2 . PHE A 1 51 ? -2.443  -5.017  7.200   1.00 42.13 ? 282 PHE A CD2 1 
ATOM   408  C  CE1 . PHE A 1 51 ? -3.987  -6.337  9.060   1.00 40.03 ? 282 PHE A CE1 1 
ATOM   409  C  CE2 . PHE A 1 51 ? -2.489  -6.403  7.210   1.00 41.11 ? 282 PHE A CE2 1 
ATOM   410  C  CZ  . PHE A 1 51 ? -3.251  -7.060  8.146   1.00 40.86 ? 282 PHE A CZ  1 
ATOM   411  N  N   . LYS A 1 52 ? -4.847  -0.111  8.707   1.00 42.74 ? 283 LYS A N   1 
ATOM   412  C  CA  . LYS A 1 52 ? -4.922  1.326   9.087   1.00 45.95 ? 283 LYS A CA  1 
ATOM   413  C  C   . LYS A 1 52 ? -3.579  1.812   9.638   1.00 41.93 ? 283 LYS A C   1 
ATOM   414  O  O   . LYS A 1 52 ? -3.353  3.035   9.621   1.00 42.36 ? 283 LYS A O   1 
ATOM   415  C  CB  . LYS A 1 52 ? -6.007  1.562   10.145  1.00 52.55 ? 283 LYS A CB  1 
ATOM   416  C  CG  . LYS A 1 52 ? -7.431  1.348   9.659   1.00 60.72 ? 283 LYS A CG  1 
ATOM   417  C  CD  . LYS A 1 52 ? -7.948  2.470   8.784   1.00 66.42 ? 283 LYS A CD  1 
ATOM   418  C  CE  . LYS A 1 52 ? -9.159  2.079   7.963   1.00 70.12 ? 283 LYS A CE  1 
ATOM   419  N  NZ  . LYS A 1 52 ? -10.388 2.021   8.789   1.00 72.67 ? 283 LYS A NZ  1 
ATOM   420  N  N   . ALA A 1 53 ? -2.731  0.907   10.136  1.00 41.77 ? 284 ALA A N   1 
ATOM   421  C  CA  . ALA A 1 53 ? -1.527  1.271   10.918  1.00 39.54 ? 284 ALA A CA  1 
ATOM   422  C  C   . ALA A 1 53 ? -0.369  0.319   10.601  1.00 36.35 ? 284 ALA A C   1 
ATOM   423  O  O   . ALA A 1 53 ? -0.622  -0.868  10.381  1.00 33.55 ? 284 ALA A O   1 
ATOM   424  C  CB  . ALA A 1 53 ? -1.867  1.254   12.387  1.00 38.84 ? 284 ALA A CB  1 
ATOM   425  N  N   . GLN A 1 54 ? 0.863   0.832   10.613  1.00 36.37 ? 285 GLN A N   1 
ATOM   426  C  CA  . GLN A 1 54 ? 2.080   0.026   10.329  1.00 36.23 ? 285 GLN A CA  1 
ATOM   427  C  C   . GLN A 1 54 ? 2.173   -1.155  11.307  1.00 38.06 ? 285 GLN A C   1 
ATOM   428  O  O   . GLN A 1 54 ? 2.532   -2.261  10.837  1.00 35.86 ? 285 GLN A O   1 
ATOM   429  C  CB  . GLN A 1 54 ? 3.343   0.884   10.397  1.00 39.30 ? 285 GLN A CB  1 
ATOM   430  C  CG  . GLN A 1 54 ? 4.612   0.128   10.011  1.00 40.25 ? 285 GLN A CG  1 
ATOM   431  C  CD  . GLN A 1 54 ? 5.829   1.019   10.064  1.00 44.55 ? 285 GLN A CD  1 
ATOM   432  O  OE1 . GLN A 1 54 ? 6.330   1.354   11.132  1.00 47.41 ? 285 GLN A OE1 1 
ATOM   433  N  NE2 . GLN A 1 54 ? 6.305   1.426   8.903   1.00 44.87 ? 285 GLN A NE2 1 
ATOM   434  N  N   . TYR A 1 55 ? 1.885   -0.950  12.606  1.00 37.06 ? 286 TYR A N   1 
ATOM   435  C  CA  . TYR A 1 55 ? 2.061   -2.004  13.651  1.00 38.72 ? 286 TYR A CA  1 
ATOM   436  C  C   . TYR A 1 55 ? 1.182   -3.210  13.305  1.00 35.48 ? 286 TYR A C   1 
ATOM   437  O  O   . TYR A 1 55 ? 1.580   -4.344  13.566  1.00 36.34 ? 286 TYR A O   1 
ATOM   438  C  CB  . TYR A 1 55 ? 1.800   -1.480  15.068  1.00 39.79 ? 286 TYR A CB  1 
ATOM   439  C  CG  . TYR A 1 55 ? 0.342   -1.309  15.425  1.00 38.88 ? 286 TYR A CG  1 
ATOM   440  C  CD1 . TYR A 1 55 ? -0.437  -2.398  15.779  1.00 38.79 ? 286 TYR A CD1 1 
ATOM   441  C  CD2 . TYR A 1 55 ? -0.263  -0.062  15.396  1.00 37.85 ? 286 TYR A CD2 1 
ATOM   442  C  CE1 . TYR A 1 55 ? -1.780  -2.258  16.083  1.00 40.33 ? 286 TYR A CE1 1 
ATOM   443  C  CE2 . TYR A 1 55 ? -1.607  0.098   15.707  1.00 39.17 ? 286 TYR A CE2 1 
ATOM   444  C  CZ  . TYR A 1 55 ? -2.367  -1.007  16.047  1.00 38.12 ? 286 TYR A CZ  1 
ATOM   445  O  OH  . TYR A 1 55 ? -3.686  -0.877  16.368  1.00 41.69 ? 286 TYR A OH  1 
ATOM   446  N  N   . MET A 1 56 ? 0.022   -2.975  12.695  1.00 35.47 ? 287 MET A N   1 
ATOM   447  C  CA  . MET A 1 56 ? -0.906  -4.048  12.269  1.00 35.78 ? 287 MET A CA  1 
ATOM   448  C  C   . MET A 1 56 ? -0.274  -4.867  11.132  1.00 34.67 ? 287 MET A C   1 
ATOM   449  O  O   . MET A 1 56 ? -0.441  -6.089  11.131  1.00 35.20 ? 287 MET A O   1 
ATOM   450  C  CB  . MET A 1 56 ? -2.233  -3.469  11.773  1.00 37.28 ? 287 MET A CB  1 
ATOM   451  C  CG  . MET A 1 56 ? -2.976  -2.654  12.807  1.00 39.34 ? 287 MET A CG  1 
ATOM   452  S  SD  . MET A 1 56 ? -4.355  -1.795  12.015  1.00 43.15 ? 287 MET A SD  1 
ATOM   453  C  CE  . MET A 1 56 ? -5.014  -0.849  13.390  1.00 44.84 ? 287 MET A CE  1 
ATOM   454  N  N   . LEU A 1 57 ? 0.396   -4.230  10.173  1.00 35.25 ? 288 LEU A N   1 
ATOM   455  C  CA  . LEU A 1 57 ? 1.084   -4.967  9.071   1.00 34.91 ? 288 LEU A CA  1 
ATOM   456  C  C   . LEU A 1 57 ? 2.228   -5.798  9.661   1.00 33.36 ? 288 LEU A C   1 
ATOM   457  O  O   . LEU A 1 57 ? 2.396   -6.982  9.249   1.00 36.44 ? 288 LEU A O   1 
ATOM   458  C  CB  . LEU A 1 57 ? 1.572   -3.969  8.015   1.00 33.43 ? 288 LEU A CB  1 
ATOM   459  C  CG  . LEU A 1 57 ? 2.340   -4.574  6.839   1.00 34.94 ? 288 LEU A CG  1 
ATOM   460  C  CD1 . LEU A 1 57 ? 1.495   -5.583  6.083   1.00 36.19 ? 288 LEU A CD1 1 
ATOM   461  C  CD2 . LEU A 1 57 ? 2.823   -3.482  5.900   1.00 36.28 ? 288 LEU A CD2 1 
ATOM   462  N  N   . VAL A 1 58 ? 2.983   -5.221  10.599  1.00 34.67 ? 289 VAL A N   1 
ATOM   463  C  CA  . VAL A 1 58 ? 4.120   -5.914  11.271  1.00 37.64 ? 289 VAL A CA  1 
ATOM   464  C  C   . VAL A 1 58 ? 3.609   -7.212  11.919  1.00 40.15 ? 289 VAL A C   1 
ATOM   465  O  O   . VAL A 1 58 ? 4.210   -8.280  11.671  1.00 40.11 ? 289 VAL A O   1 
ATOM   466  C  CB  . VAL A 1 58 ? 4.843   -5.000  12.278  1.00 38.03 ? 289 VAL A CB  1 
ATOM   467  C  CG1 . VAL A 1 58 ? 5.852   -5.778  13.119  1.00 37.84 ? 289 VAL A CG1 1 
ATOM   468  C  CG2 . VAL A 1 58 ? 5.538   -3.838  11.570  1.00 40.51 ? 289 VAL A CG2 1 
ATOM   469  N  N   . VAL A 1 59 ? 2.526   -7.170  12.696  1.00 40.99 ? 290 VAL A N   1 
ATOM   470  C  CA  . VAL A 1 59 ? 2.028   -8.405  13.369  1.00 38.65 ? 290 VAL A CA  1 
ATOM   471  C  C   . VAL A 1 59 ? 1.526   -9.385  12.298  1.00 38.82 ? 290 VAL A C   1 
ATOM   472  O  O   . VAL A 1 59 ? 1.847   -10.575 12.407  1.00 37.12 ? 290 VAL A O   1 
ATOM   473  C  CB  . VAL A 1 59 ? 0.993   -8.112  14.475  1.00 43.13 ? 290 VAL A CB  1 
ATOM   474  C  CG1 . VAL A 1 59 ? 1.545   -7.165  15.528  1.00 44.18 ? 290 VAL A CG1 1 
ATOM   475  C  CG2 . VAL A 1 59 ? -0.311  -7.597  13.927  1.00 46.60 ? 290 VAL A CG2 1 
ATOM   476  N  N   . HIS A 1 60 ? 0.821   -8.896  11.271  1.00 38.63 ? 291 HIS A N   1 
ATOM   477  C  CA  . HIS A 1 60 ? 0.301   -9.714  10.146  1.00 37.90 ? 291 HIS A CA  1 
ATOM   478  C  C   . HIS A 1 60 ? 1.434   -10.510 9.472   1.00 37.14 ? 291 HIS A C   1 
ATOM   479  O  O   . HIS A 1 60 ? 1.192   -11.687 9.140   1.00 35.46 ? 291 HIS A O   1 
ATOM   480  C  CB  . HIS A 1 60 ? -0.473  -8.846  9.147   1.00 38.00 ? 291 HIS A CB  1 
ATOM   481  C  CG  . HIS A 1 60 ? -0.828  -9.571  7.892   1.00 37.75 ? 291 HIS A CG  1 
ATOM   482  N  ND1 . HIS A 1 60 ? -1.922  -10.400 7.806   1.00 35.82 ? 291 HIS A ND1 1 
ATOM   483  C  CD2 . HIS A 1 60 ? -0.229  -9.609  6.680   1.00 40.08 ? 291 HIS A CD2 1 
ATOM   484  C  CE1 . HIS A 1 60 ? -1.990  -10.917 6.601   1.00 35.97 ? 291 HIS A CE1 1 
ATOM   485  N  NE2 . HIS A 1 60 ? -0.962  -10.452 5.883   1.00 38.39 ? 291 HIS A NE2 1 
ATOM   486  N  N   . MET A 1 61 ? 2.606   -9.904  9.254   1.00 36.55 ? 292 MET A N   1 
ATOM   487  C  CA  . MET A 1 61 ? 3.764   -10.555 8.574   1.00 40.66 ? 292 MET A CA  1 
ATOM   488  C  C   . MET A 1 61 ? 4.113   -11.896 9.233   1.00 41.04 ? 292 MET A C   1 
ATOM   489  O  O   . MET A 1 61 ? 4.624   -12.771 8.529   1.00 40.07 ? 292 MET A O   1 
ATOM   490  C  CB  . MET A 1 61 ? 5.028   -9.693  8.648   1.00 44.71 ? 292 MET A CB  1 
ATOM   491  C  CG  . MET A 1 61 ? 5.238   -8.776  7.493   1.00 48.49 ? 292 MET A CG  1 
ATOM   492  S  SD  . MET A 1 61 ? 4.785   -9.497  5.890   1.00 64.08 ? 292 MET A SD  1 
ATOM   493  C  CE  . MET A 1 61 ? 3.311   -8.532  5.764   1.00 30.69 ? 292 MET A CE  1 
ATOM   494  N  N   . ARG A 1 62 ? 3.908   -12.048 10.540  1.00 43.18 ? 293 ARG A N   1 
ATOM   495  C  CA  . ARG A 1 62 ? 4.301   -13.289 11.264  1.00 45.58 ? 293 ARG A CA  1 
ATOM   496  C  C   . ARG A 1 62 ? 3.513   -14.493 10.730  1.00 44.75 ? 293 ARG A C   1 
ATOM   497  O  O   . ARG A 1 62 ? 3.978   -15.634 10.928  1.00 48.57 ? 293 ARG A O   1 
ATOM   498  C  CB  . ARG A 1 62 ? 4.131   -13.100 12.771  1.00 48.16 ? 293 ARG A CB  1 
ATOM   499  C  CG  . ARG A 1 62 ? 5.088   -12.067 13.338  1.00 50.09 ? 293 ARG A CG  1 
ATOM   500  C  CD  . ARG A 1 62 ? 4.924   -11.901 14.829  1.00 54.07 ? 293 ARG A CD  1 
ATOM   501  N  NE  . ARG A 1 62 ? 5.622   -10.692 15.238  1.00 56.64 ? 293 ARG A NE  1 
ATOM   502  C  CZ  . ARG A 1 62 ? 5.156   -9.788  16.095  1.00 53.11 ? 293 ARG A CZ  1 
ATOM   503  N  NH1 . ARG A 1 62 ? 3.973   -9.946  16.664  1.00 50.24 ? 293 ARG A NH1 1 
ATOM   504  N  NH2 . ARG A 1 62 ? 5.894   -8.732  16.387  1.00 55.78 ? 293 ARG A NH2 1 
ATOM   505  N  N   . ARG A 1 63 ? 2.387   -14.259 10.055  1.00 42.81 ? 294 ARG A N   1 
ATOM   506  C  CA  . ARG A 1 63 ? 1.573   -15.326 9.419   1.00 46.94 ? 294 ARG A CA  1 
ATOM   507  C  C   . ARG A 1 63 ? 2.255   -15.840 8.144   1.00 48.64 ? 294 ARG A C   1 
ATOM   508  O  O   . ARG A 1 63 ? 2.022   -16.998 7.764   1.00 48.19 ? 294 ARG A O   1 
ATOM   509  C  CB  . ARG A 1 63 ? 0.184   -14.791 9.088   1.00 48.08 ? 294 ARG A CB  1 
ATOM   510  C  CG  . ARG A 1 63 ? -0.586  -14.345 10.319  1.00 52.69 ? 294 ARG A CG  1 
ATOM   511  C  CD  . ARG A 1 63 ? -2.029  -14.115 9.964   1.00 52.06 ? 294 ARG A CD  1 
ATOM   512  N  NE  . ARG A 1 63 ? -2.895  -14.165 11.128  1.00 54.81 ? 294 ARG A NE  1 
ATOM   513  C  CZ  . ARG A 1 63 ? -4.220  -14.119 11.054  1.00 54.48 ? 294 ARG A CZ  1 
ATOM   514  N  NH1 . ARG A 1 63 ? -4.805  -14.028 9.870   1.00 53.00 ? 294 ARG A NH1 1 
ATOM   515  N  NH2 . ARG A 1 63 ? -4.949  -14.159 12.155  1.00 51.97 ? 294 ARG A NH2 1 
ATOM   516  N  N   . HIS A 1 64 ? 3.060   -15.004 7.496   1.00 44.10 ? 295 HIS A N   1 
ATOM   517  C  CA  . HIS A 1 64 ? 3.824   -15.380 6.285   1.00 43.27 ? 295 HIS A CA  1 
ATOM   518  C  C   . HIS A 1 64 ? 5.179   -15.965 6.699   1.00 45.41 ? 295 HIS A C   1 
ATOM   519  O  O   . HIS A 1 64 ? 5.685   -16.793 5.955   1.00 48.86 ? 295 HIS A O   1 
ATOM   520  C  CB  . HIS A 1 64 ? 3.934   -14.172 5.348   1.00 43.07 ? 295 HIS A CB  1 
ATOM   521  C  CG  . HIS A 1 64 ? 2.616   -13.690 4.847   1.00 40.52 ? 295 HIS A CG  1 
ATOM   522  N  ND1 . HIS A 1 64 ? 1.686   -14.538 4.273   1.00 44.91 ? 295 HIS A ND1 1 
ATOM   523  C  CD2 . HIS A 1 64 ? 2.065   -12.457 4.828   1.00 42.33 ? 295 HIS A CD2 1 
ATOM   524  C  CE1 . HIS A 1 64 ? 0.618   -13.850 3.912   1.00 42.43 ? 295 HIS A CE1 1 
ATOM   525  N  NE2 . HIS A 1 64 ? 0.823   -12.566 4.247   1.00 41.76 ? 295 HIS A NE2 1 
ATOM   526  N  N   . THR A 1 65 ? 5.757   -15.546 7.826   1.00 45.59 ? 296 THR A N   1 
ATOM   527  C  CA  . THR A 1 65 ? 7.127   -15.959 8.238   1.00 48.59 ? 296 THR A CA  1 
ATOM   528  C  C   . THR A 1 65 ? 7.067   -17.188 9.155   1.00 50.90 ? 296 THR A C   1 
ATOM   529  O  O   . THR A 1 65 ? 8.004   -17.994 9.079   1.00 51.44 ? 296 THR A O   1 
ATOM   530  C  CB  . THR A 1 65 ? 7.929   -14.813 8.873   1.00 47.00 ? 296 THR A CB  1 
ATOM   531  O  OG1 . THR A 1 65 ? 7.361   -14.422 10.123  1.00 46.44 ? 296 THR A OG1 1 
ATOM   532  C  CG2 . THR A 1 65 ? 8.025   -13.599 7.978   1.00 49.48 ? 296 THR A CG2 1 
ATOM   533  N  N   . GLY A 1 66 ? 6.033   -17.313 9.997   1.00 57.02 ? 297 GLY A N   1 
ATOM   534  C  CA  . GLY A 1 66 ? 5.959   -18.327 11.072  1.00 55.78 ? 297 GLY A CA  1 
ATOM   535  C  C   . GLY A 1 66 ? 6.613   -17.857 12.369  1.00 58.96 ? 297 GLY A C   1 
ATOM   536  O  O   . GLY A 1 66 ? 6.639   -18.656 13.321  1.00 60.61 ? 297 GLY A O   1 
ATOM   537  N  N   . GLU A 1 67 ? 7.120   -16.615 12.420  1.00 61.12 ? 298 GLU A N   1 
ATOM   538  C  CA  . GLU A 1 67 ? 7.799   -16.013 13.606  1.00 60.29 ? 298 GLU A CA  1 
ATOM   539  C  C   . GLU A 1 67 ? 6.831   -16.021 14.801  1.00 66.05 ? 298 GLU A C   1 
ATOM   540  O  O   . GLU A 1 67 ? 5.702   -15.527 14.636  1.00 54.60 ? 298 GLU A O   1 
ATOM   541  C  CB  . GLU A 1 67 ? 8.253   -14.583 13.293  1.00 60.34 ? 298 GLU A CB  1 
ATOM   542  C  CG  . GLU A 1 67 ? 9.106   -13.936 14.380  1.00 59.23 ? 298 GLU A CG  1 
ATOM   543  C  CD  . GLU A 1 67 ? 9.279   -12.423 14.298  1.00 64.26 ? 298 GLU A CD  1 
ATOM   544  O  OE1 . GLU A 1 67 ? 8.585   -11.775 13.477  1.00 61.99 ? 298 GLU A OE1 1 
ATOM   545  O  OE2 . GLU A 1 67 ? 10.114  -11.883 15.061  1.00 61.97 ? 298 GLU A OE2 1 
ATOM   546  N  N   . LYS A 1 68 ? 7.256   -16.551 15.957  1.00 71.65 ? 299 LYS A N   1 
ATOM   547  C  CA  . LYS A 1 68 ? 6.441   -16.570 17.207  1.00 74.89 ? 299 LYS A CA  1 
ATOM   548  C  C   . LYS A 1 68 ? 6.426   -15.159 17.794  1.00 72.80 ? 299 LYS A C   1 
ATOM   549  O  O   . LYS A 1 68 ? 7.436   -14.461 17.737  1.00 69.34 ? 299 LYS A O   1 
ATOM   550  C  CB  . LYS A 1 68 ? 6.972   -17.608 18.206  1.00 78.93 ? 299 LYS A CB  1 
ATOM   551  C  CG  . LYS A 1 68 ? 8.152   -17.179 19.078  1.00 84.17 ? 299 LYS A CG  1 
ATOM   552  C  CD  . LYS A 1 68 ? 8.122   -17.768 20.484  1.00 85.24 ? 299 LYS A CD  1 
ATOM   553  C  CE  . LYS A 1 68 ? 9.342   -17.423 21.314  1.00 85.79 ? 299 LYS A CE  1 
ATOM   554  N  NZ  . LYS A 1 68 ? 9.214   -16.104 21.979  1.00 84.00 ? 299 LYS A NZ  1 
ATOM   555  N  N   . PRO A 1 69 ? 5.288   -14.687 18.361  1.00 74.36 ? 300 PRO A N   1 
ATOM   556  C  CA  . PRO A 1 69 ? 5.211   -13.340 18.936  1.00 73.03 ? 300 PRO A CA  1 
ATOM   557  C  C   . PRO A 1 69 ? 6.053   -13.166 20.212  1.00 73.55 ? 300 PRO A C   1 
ATOM   558  O  O   . PRO A 1 69 ? 6.671   -14.103 20.732  1.00 74.21 ? 300 PRO A O   1 
ATOM   559  C  CB  . PRO A 1 69 ? 3.714   -13.162 19.243  1.00 70.80 ? 300 PRO A CB  1 
ATOM   560  C  CG  . PRO A 1 69 ? 3.202   -14.574 19.429  1.00 73.50 ? 300 PRO A CG  1 
ATOM   561  C  CD  . PRO A 1 69 ? 4.013   -15.415 18.465  1.00 73.83 ? 300 PRO A CD  1 
ATOM   562  N  N   . THR B 1 4  ? 11.281  -19.604 4.292   1.00 52.29 ? 235 THR B N   1 
ATOM   563  C  CA  . THR B 1 4  ? 12.578  -18.849 4.225   1.00 51.70 ? 235 THR B CA  1 
ATOM   564  C  C   . THR B 1 4  ? 12.695  -17.971 2.968   1.00 51.98 ? 235 THR B C   1 
ATOM   565  O  O   . THR B 1 4  ? 13.736  -17.301 2.843   1.00 49.35 ? 235 THR B O   1 
ATOM   566  C  CB  . THR B 1 4  ? 13.783  -19.799 4.254   1.00 56.53 ? 235 THR B CB  1 
ATOM   567  O  OG1 . THR B 1 4  ? 13.743  -20.600 3.072   1.00 59.56 ? 235 THR B OG1 1 
ATOM   568  C  CG2 . THR B 1 4  ? 13.813  -20.683 5.482   1.00 58.32 ? 235 THR B CG2 1 
ATOM   569  N  N   . ASP B 1 5  ? 11.718  -17.963 2.055   1.00 49.84 ? 236 ASP B N   1 
ATOM   570  C  CA  . ASP B 1 5  ? 11.799  -17.151 0.809   1.00 49.25 ? 236 ASP B CA  1 
ATOM   571  C  C   . ASP B 1 5  ? 10.769  -16.024 0.822   1.00 46.48 ? 236 ASP B C   1 
ATOM   572  O  O   . ASP B 1 5  ? 9.641   -16.241 1.307   1.00 48.17 ? 236 ASP B O   1 
ATOM   573  C  CB  . ASP B 1 5  ? 11.594  -18.017 -0.425  1.00 48.99 ? 236 ASP B CB  1 
ATOM   574  C  CG  . ASP B 1 5  ? 12.479  -19.241 -0.385  1.00 48.24 ? 236 ASP B CG  1 
ATOM   575  O  OD1 . ASP B 1 5  ? 13.564  -19.173 0.257   1.00 48.39 ? 236 ASP B OD1 1 
ATOM   576  O  OD2 . ASP B 1 5  ? 12.077  -20.242 -0.978  1.00 48.77 ? 236 ASP B OD2 1 
ATOM   577  N  N   . CYS B 1 6  ? 11.145  -14.877 0.258   1.00 47.04 ? 237 CYS B N   1 
ATOM   578  C  CA  . CYS B 1 6  ? 10.301  -13.663 0.226   1.00 48.40 ? 237 CYS B CA  1 
ATOM   579  C  C   . CYS B 1 6  ? 9.346   -13.726 -0.971  1.00 48.45 ? 237 CYS B C   1 
ATOM   580  O  O   . CYS B 1 6  ? 9.826   -13.891 -2.096  1.00 50.33 ? 237 CYS B O   1 
ATOM   581  C  CB  . CYS B 1 6  ? 11.145  -12.403 0.145   1.00 47.30 ? 237 CYS B CB  1 
ATOM   582  S  SG  . CYS B 1 6  ? 10.149  -10.927 0.455   1.00 42.58 ? 237 CYS B SG  1 
ATOM   583  N  N   . ARG B 1 7  ? 8.047   -13.560 -0.731  1.00 50.40 ? 238 ARG B N   1 
ATOM   584  C  CA  . ARG B 1 7  ? 7.005   -13.518 -1.786  1.00 50.32 ? 238 ARG B CA  1 
ATOM   585  C  C   . ARG B 1 7  ? 6.429   -12.103 -1.894  1.00 47.34 ? 238 ARG B C   1 
ATOM   586  O  O   . ARG B 1 7  ? 5.393   -11.945 -2.550  1.00 46.53 ? 238 ARG B O   1 
ATOM   587  C  CB  . ARG B 1 7  ? 5.901   -14.529 -1.473  1.00 57.09 ? 238 ARG B CB  1 
ATOM   588  C  CG  . ARG B 1 7  ? 6.360   -15.980 -1.463  1.00 61.19 ? 238 ARG B CG  1 
ATOM   589  C  CD  . ARG B 1 7  ? 5.900   -16.742 -2.692  1.00 71.64 ? 238 ARG B CD  1 
ATOM   590  N  NE  . ARG B 1 7  ? 4.449   -16.885 -2.755  1.00 75.51 ? 238 ARG B NE  1 
ATOM   591  C  CZ  . ARG B 1 7  ? 3.789   -17.605 -3.662  1.00 80.49 ? 238 ARG B CZ  1 
ATOM   592  N  NH1 . ARG B 1 7  ? 4.442   -18.268 -4.604  1.00 84.51 ? 238 ARG B NH1 1 
ATOM   593  N  NH2 . ARG B 1 7  ? 2.470   -17.657 -3.619  1.00 84.28 ? 238 ARG B NH2 1 
ATOM   594  N  N   . TRP B 1 8  ? 7.069   -11.107 -1.281  1.00 47.15 ? 239 TRP B N   1 
ATOM   595  C  CA  . TRP B 1 8  ? 6.660   -9.688  -1.430  1.00 49.28 ? 239 TRP B CA  1 
ATOM   596  C  C   . TRP B 1 8  ? 6.766   -9.347  -2.922  1.00 54.56 ? 239 TRP B C   1 
ATOM   597  O  O   . TRP B 1 8  ? 7.866   -9.496  -3.474  1.00 58.54 ? 239 TRP B O   1 
ATOM   598  C  CB  . TRP B 1 8  ? 7.519   -8.781  -0.545  1.00 43.67 ? 239 TRP B CB  1 
ATOM   599  C  CG  . TRP B 1 8  ? 7.002   -7.385  -0.356  1.00 41.99 ? 239 TRP B CG  1 
ATOM   600  C  CD1 . TRP B 1 8  ? 7.291   -6.295  -1.127  1.00 44.07 ? 239 TRP B CD1 1 
ATOM   601  C  CD2 . TRP B 1 8  ? 6.156   -6.902  0.708   1.00 41.74 ? 239 TRP B CD2 1 
ATOM   602  N  NE1 . TRP B 1 8  ? 6.670   -5.182  -0.633  1.00 43.77 ? 239 TRP B NE1 1 
ATOM   603  C  CE2 . TRP B 1 8  ? 5.972   -5.518  0.496   1.00 43.09 ? 239 TRP B CE2 1 
ATOM   604  C  CE3 . TRP B 1 8  ? 5.538   -7.495  1.813   1.00 42.55 ? 239 TRP B CE3 1 
ATOM   605  C  CZ2 . TRP B 1 8  ? 5.180   -4.732  1.335   1.00 43.60 ? 239 TRP B CZ2 1 
ATOM   606  C  CZ3 . TRP B 1 8  ? 4.766   -6.717  2.653   1.00 42.07 ? 239 TRP B CZ3 1 
ATOM   607  C  CH2 . TRP B 1 8  ? 4.582   -5.354  2.406   1.00 42.00 ? 239 TRP B CH2 1 
ATOM   608  N  N   . ASP B 1 9  ? 5.654   -8.977  -3.558  1.00 56.29 ? 240 ASP B N   1 
ATOM   609  C  CA  . ASP B 1 9  ? 5.589   -8.736  -5.026  1.00 62.99 ? 240 ASP B CA  1 
ATOM   610  C  C   . ASP B 1 9  ? 6.753   -7.828  -5.435  1.00 58.26 ? 240 ASP B C   1 
ATOM   611  O  O   . ASP B 1 9  ? 6.952   -6.789  -4.787  1.00 64.34 ? 240 ASP B O   1 
ATOM   612  C  CB  . ASP B 1 9  ? 4.226   -8.173  -5.440  1.00 69.28 ? 240 ASP B CB  1 
ATOM   613  C  CG  . ASP B 1 9  ? 3.090   -9.178  -5.304  1.00 70.16 ? 240 ASP B CG  1 
ATOM   614  O  OD1 . ASP B 1 9  ? 3.389   -10.385 -5.139  1.00 66.71 ? 240 ASP B OD1 1 
ATOM   615  O  OD2 . ASP B 1 9  ? 1.915   -8.747  -5.342  1.00 75.71 ? 240 ASP B OD2 1 
ATOM   616  N  N   . GLY B 1 10 ? 7.521   -8.247  -6.444  1.00 59.46 ? 241 GLY B N   1 
ATOM   617  C  CA  . GLY B 1 10 ? 8.703   -7.525  -6.959  1.00 58.10 ? 241 GLY B CA  1 
ATOM   618  C  C   . GLY B 1 10 ? 9.999   -8.006  -6.325  1.00 54.91 ? 241 GLY B C   1 
ATOM   619  O  O   . GLY B 1 10 ? 11.076  -7.587  -6.795  1.00 56.98 ? 241 GLY B O   1 
ATOM   620  N  N   . CYS B 1 11 ? 9.924   -8.859  -5.297  1.00 49.70 ? 242 CYS B N   1 
ATOM   621  C  CA  . CYS B 1 11 ? 11.114  -9.328  -4.543  1.00 48.37 ? 242 CYS B CA  1 
ATOM   622  C  C   . CYS B 1 11 ? 11.450  -10.778 -4.912  1.00 46.72 ? 242 CYS B C   1 
ATOM   623  O  O   . CYS B 1 11 ? 10.552  -11.632 -4.837  1.00 49.93 ? 242 CYS B O   1 
ATOM   624  C  CB  . CYS B 1 11 ? 10.923  -9.202  -3.039  1.00 43.38 ? 242 CYS B CB  1 
ATOM   625  S  SG  . CYS B 1 11 ? 12.493  -9.391  -2.168  1.00 41.52 ? 242 CYS B SG  1 
ATOM   626  N  N   . SER B 1 12 ? 12.714  -11.026 -5.265  1.00 48.60 ? 243 SER B N   1 
ATOM   627  C  CA  . SER B 1 12 ? 13.232  -12.337 -5.744  1.00 54.94 ? 243 SER B CA  1 
ATOM   628  C  C   . SER B 1 12 ? 14.057  -13.024 -4.640  1.00 57.43 ? 243 SER B C   1 
ATOM   629  O  O   . SER B 1 12 ? 14.662  -14.067 -4.936  1.00 58.07 ? 243 SER B O   1 
ATOM   630  C  CB  . SER B 1 12 ? 14.065  -12.194 -7.013  1.00 54.39 ? 243 SER B CB  1 
ATOM   631  O  OG  . SER B 1 12 ? 13.810  -10.990 -7.733  1.00 53.78 ? 243 SER B OG  1 
ATOM   632  N  N   . GLN B 1 13 ? 14.093  -12.472 -3.422  1.00 50.57 ? 244 GLN B N   1 
ATOM   633  C  CA  . GLN B 1 13 ? 15.073  -12.867 -2.375  1.00 49.74 ? 244 GLN B CA  1 
ATOM   634  C  C   . GLN B 1 13 ? 14.692  -14.233 -1.783  1.00 49.23 ? 244 GLN B C   1 
ATOM   635  O  O   . GLN B 1 13 ? 13.515  -14.418 -1.420  1.00 42.06 ? 244 GLN B O   1 
ATOM   636  C  CB  . GLN B 1 13 ? 15.154  -11.792 -1.295  1.00 54.39 ? 244 GLN B CB  1 
ATOM   637  C  CG  . GLN B 1 13 ? 15.780  -10.492 -1.773  1.00 58.34 ? 244 GLN B CG  1 
ATOM   638  C  CD  . GLN B 1 13 ? 17.201  -10.361 -1.293  1.00 62.33 ? 244 GLN B CD  1 
ATOM   639  O  OE1 . GLN B 1 13 ? 18.079  -11.130 -1.683  1.00 67.05 ? 244 GLN B OE1 1 
ATOM   640  N  NE2 . GLN B 1 13 ? 17.438  -9.389  -0.426  1.00 64.62 ? 244 GLN B NE2 1 
ATOM   641  N  N   . GLU B 1 14 ? 15.675  -15.134 -1.690  1.00 43.58 ? 245 GLU B N   1 
ATOM   642  C  CA  . GLU B 1 14 ? 15.560  -16.501 -1.114  1.00 46.20 ? 245 GLU B CA  1 
ATOM   643  C  C   . GLU B 1 14 ? 16.629  -16.612 -0.021  1.00 42.27 ? 245 GLU B C   1 
ATOM   644  O  O   . GLU B 1 14 ? 17.721  -16.077 -0.226  1.00 44.77 ? 245 GLU B O   1 
ATOM   645  C  CB  . GLU B 1 14 ? 15.702  -17.562 -2.218  1.00 45.46 ? 245 GLU B CB  1 
ATOM   646  C  CG  . GLU B 1 14 ? 14.479  -17.664 -3.127  1.00 47.10 ? 245 GLU B CG  1 
ATOM   647  C  CD  . GLU B 1 14 ? 14.439  -18.786 -4.169  1.00 46.66 ? 245 GLU B CD  1 
ATOM   648  O  OE1 . GLU B 1 14 ? 15.475  -19.406 -4.423  1.00 42.95 ? 245 GLU B OE1 1 
ATOM   649  O  OE2 . GLU B 1 14 ? 13.348  -19.032 -4.736  1.00 50.03 ? 245 GLU B OE2 1 
ATOM   650  N  N   . PHE B 1 15 ? 16.315  -17.235 1.119   1.00 42.81 ? 246 PHE B N   1 
ATOM   651  C  CA  . PHE B 1 15 ? 17.201  -17.265 2.311   1.00 44.87 ? 246 PHE B CA  1 
ATOM   652  C  C   . PHE B 1 15 ? 17.330  -18.695 2.850   1.00 46.31 ? 246 PHE B C   1 
ATOM   653  O  O   . PHE B 1 15 ? 16.522  -19.563 2.481   1.00 41.87 ? 246 PHE B O   1 
ATOM   654  C  CB  . PHE B 1 15 ? 16.691  -16.299 3.386   1.00 45.65 ? 246 PHE B CB  1 
ATOM   655  C  CG  . PHE B 1 15 ? 16.544  -14.872 2.920   1.00 45.60 ? 246 PHE B CG  1 
ATOM   656  C  CD1 . PHE B 1 15 ? 17.649  -14.049 2.796   1.00 46.15 ? 246 PHE B CD1 1 
ATOM   657  C  CD2 . PHE B 1 15 ? 15.303  -14.356 2.576   1.00 45.36 ? 246 PHE B CD2 1 
ATOM   658  C  CE1 . PHE B 1 15 ? 17.517  -12.740 2.360   1.00 48.00 ? 246 PHE B CE1 1 
ATOM   659  C  CE2 . PHE B 1 15 ? 15.173  -13.047 2.133   1.00 46.29 ? 246 PHE B CE2 1 
ATOM   660  C  CZ  . PHE B 1 15 ? 16.279  -12.240 2.025   1.00 45.24 ? 246 PHE B CZ  1 
ATOM   661  N  N   . ASP B 1 16 ? 18.315  -18.906 3.731   1.00 51.18 ? 247 ASP B N   1 
ATOM   662  C  CA  . ASP B 1 16 ? 18.598  -20.207 4.396   1.00 55.87 ? 247 ASP B CA  1 
ATOM   663  C  C   . ASP B 1 16 ? 17.663  -20.430 5.593   1.00 55.60 ? 247 ASP B C   1 
ATOM   664  O  O   . ASP B 1 16 ? 17.376  -21.605 5.901   1.00 50.61 ? 247 ASP B O   1 
ATOM   665  C  CB  . ASP B 1 16 ? 20.051  -20.275 4.875   1.00 60.89 ? 247 ASP B CB  1 
ATOM   666  C  CG  . ASP B 1 16 ? 21.062  -20.263 3.743   1.00 68.44 ? 247 ASP B CG  1 
ATOM   667  O  OD1 . ASP B 1 16 ? 20.642  -20.430 2.571   1.00 68.18 ? 247 ASP B OD1 1 
ATOM   668  O  OD2 . ASP B 1 16 ? 22.260  -20.085 4.040   1.00 71.35 ? 247 ASP B OD2 1 
ATOM   669  N  N   . SER B 1 17 ? 17.229  -19.366 6.275   1.00 49.75 ? 248 SER B N   1 
ATOM   670  C  CA  . SER B 1 17 ? 16.585  -19.482 7.610   1.00 50.36 ? 248 SER B CA  1 
ATOM   671  C  C   . SER B 1 17 ? 15.432  -18.486 7.769   1.00 47.28 ? 248 SER B C   1 
ATOM   672  O  O   . SER B 1 17 ? 15.442  -17.441 7.103   1.00 42.78 ? 248 SER B O   1 
ATOM   673  C  CB  . SER B 1 17 ? 17.606  -19.313 8.704   1.00 48.08 ? 248 SER B CB  1 
ATOM   674  O  OG  . SER B 1 17 ? 18.091  -17.978 8.744   1.00 47.09 ? 248 SER B OG  1 
ATOM   675  N  N   . GLN B 1 18 ? 14.473  -18.829 8.631   1.00 47.86 ? 249 GLN B N   1 
ATOM   676  C  CA  . GLN B 1 18 ? 13.349  -17.953 9.042   1.00 48.83 ? 249 GLN B CA  1 
ATOM   677  C  C   . GLN B 1 18 ? 13.923  -16.632 9.565   1.00 43.93 ? 249 GLN B C   1 
ATOM   678  O  O   . GLN B 1 18 ? 13.425  -15.566 9.172   1.00 42.07 ? 249 GLN B O   1 
ATOM   679  C  CB  . GLN B 1 18 ? 12.502  -18.658 10.105  1.00 52.70 ? 249 GLN B CB  1 
ATOM   680  C  CG  . GLN B 1 18 ? 11.313  -17.841 10.587  1.00 56.52 ? 249 GLN B CG  1 
ATOM   681  C  CD  . GLN B 1 18 ? 10.571  -18.524 11.712  1.00 58.17 ? 249 GLN B CD  1 
ATOM   682  O  OE1 . GLN B 1 18 ? 11.060  -18.624 12.833  1.00 67.54 ? 249 GLN B OE1 1 
ATOM   683  N  NE2 . GLN B 1 18 ? 9.377   -19.006 11.419  1.00 59.44 ? 249 GLN B NE2 1 
ATOM   684  N  N   . GLU B 1 19 ? 14.942  -16.697 10.423  1.00 42.61 ? 250 GLU B N   1 
ATOM   685  C  CA  . GLU B 1 19 ? 15.519  -15.494 11.076  1.00 46.42 ? 250 GLU B CA  1 
ATOM   686  C  C   . GLU B 1 19 ? 15.997  -14.508 9.996   1.00 45.06 ? 250 GLU B C   1 
ATOM   687  O  O   . GLU B 1 19 ? 15.824  -13.283 10.198  1.00 45.70 ? 250 GLU B O   1 
ATOM   688  C  CB  . GLU B 1 19 ? 16.605  -15.918 12.064  1.00 52.80 ? 250 GLU B CB  1 
ATOM   689  C  CG  . GLU B 1 19 ? 17.595  -14.824 12.399  1.00 59.16 ? 250 GLU B CG  1 
ATOM   690  C  CD  . GLU B 1 19 ? 18.647  -15.267 13.397  1.00 66.30 ? 250 GLU B CD  1 
ATOM   691  O  OE1 . GLU B 1 19 ? 18.533  -14.886 14.578  1.00 70.03 ? 250 GLU B OE1 1 
ATOM   692  O  OE2 . GLU B 1 19 ? 19.572  -15.997 12.988  1.00 73.48 ? 250 GLU B OE2 1 
ATOM   693  N  N   . GLN B 1 20 ? 16.547  -14.998 8.878   1.00 39.94 ? 251 GLN B N   1 
ATOM   694  C  CA  . GLN B 1 20 ? 17.030  -14.127 7.766   1.00 38.25 ? 251 GLN B CA  1 
ATOM   695  C  C   . GLN B 1 20 ? 15.827  -13.522 7.040   1.00 36.65 ? 251 GLN B C   1 
ATOM   696  O  O   . GLN B 1 20 ? 15.860  -12.313 6.757   1.00 40.85 ? 251 GLN B O   1 
ATOM   697  C  CB  . GLN B 1 20 ? 17.930  -14.900 6.801   1.00 39.81 ? 251 GLN B CB  1 
ATOM   698  C  CG  . GLN B 1 20 ? 19.266  -15.280 7.424   1.00 38.57 ? 251 GLN B CG  1 
ATOM   699  C  CD  . GLN B 1 20 ? 20.059  -16.222 6.553   1.00 41.41 ? 251 GLN B CD  1 
ATOM   700  O  OE1 . GLN B 1 20 ? 19.657  -16.567 5.444   1.00 42.49 ? 251 GLN B OE1 1 
ATOM   701  N  NE2 . GLN B 1 20 ? 21.212  -16.634 7.055   1.00 43.51 ? 251 GLN B NE2 1 
ATOM   702  N  N   . LEU B 1 21 ? 14.799  -14.323 6.762   1.00 37.62 ? 252 LEU B N   1 
ATOM   703  C  CA  . LEU B 1 21 ? 13.565  -13.821 6.115   1.00 37.90 ? 252 LEU B CA  1 
ATOM   704  C  C   . LEU B 1 21 ? 12.940  -12.727 6.993   1.00 39.12 ? 252 LEU B C   1 
ATOM   705  O  O   . LEU B 1 21 ? 12.591  -11.667 6.441   1.00 36.59 ? 252 LEU B O   1 
ATOM   706  C  CB  . LEU B 1 21 ? 12.595  -14.975 5.875   1.00 39.99 ? 252 LEU B CB  1 
ATOM   707  C  CG  . LEU B 1 21 ? 11.264  -14.568 5.257   1.00 35.68 ? 252 LEU B CG  1 
ATOM   708  C  CD1 . LEU B 1 21 ? 11.479  -13.878 3.920   1.00 40.36 ? 252 LEU B CD1 1 
ATOM   709  C  CD2 . LEU B 1 21 ? 10.360  -15.768 5.122   1.00 39.71 ? 252 LEU B CD2 1 
ATOM   710  N  N   . VAL B 1 22 ? 12.827  -12.966 8.304   1.00 38.49 ? 253 VAL B N   1 
ATOM   711  C  CA  . VAL B 1 22 ? 12.212  -12.014 9.279   1.00 39.23 ? 253 VAL B CA  1 
ATOM   712  C  C   . VAL B 1 22 ? 12.965  -10.679 9.203   1.00 38.61 ? 253 VAL B C   1 
ATOM   713  O  O   . VAL B 1 22 ? 12.312  -9.631  9.030   1.00 39.67 ? 253 VAL B O   1 
ATOM   714  C  CB  . VAL B 1 22 ? 12.194  -12.587 10.712  1.00 38.92 ? 253 VAL B CB  1 
ATOM   715  C  CG1 . VAL B 1 22 ? 11.768  -11.547 11.749  1.00 42.18 ? 253 VAL B CG1 1 
ATOM   716  C  CG2 . VAL B 1 22 ? 11.300  -13.810 10.812  1.00 40.23 ? 253 VAL B CG2 1 
ATOM   717  N  N   . HIS B 1 23 ? 14.293  -10.706 9.313   1.00 38.30 ? 254 HIS B N   1 
ATOM   718  C  CA  . HIS B 1 23 ? 15.147  -9.492  9.278   1.00 39.26 ? 254 HIS B CA  1 
ATOM   719  C  C   . HIS B 1 23 ? 14.981  -8.783  7.924   1.00 39.38 ? 254 HIS B C   1 
ATOM   720  O  O   . HIS B 1 23 ? 14.811  -7.534  7.915   1.00 38.58 ? 254 HIS B O   1 
ATOM   721  C  CB  . HIS B 1 23 ? 16.604  -9.861  9.592   1.00 44.92 ? 254 HIS B CB  1 
ATOM   722  C  CG  . HIS B 1 23 ? 17.526  -8.702  9.451   1.00 47.02 ? 254 HIS B CG  1 
ATOM   723  N  ND1 . HIS B 1 23 ? 18.031  -8.024  10.541  1.00 49.93 ? 254 HIS B ND1 1 
ATOM   724  C  CD2 . HIS B 1 23 ? 17.990  -8.063  8.355   1.00 47.64 ? 254 HIS B CD2 1 
ATOM   725  C  CE1 . HIS B 1 23 ? 18.793  -7.038  10.123  1.00 46.43 ? 254 HIS B CE1 1 
ATOM   726  N  NE2 . HIS B 1 23 ? 18.776  -7.036  8.787   1.00 50.61 ? 254 HIS B NE2 1 
ATOM   727  N  N   . HIS B 1 24 ? 15.006  -9.542  6.822   1.00 36.78 ? 255 HIS B N   1 
ATOM   728  C  CA  . HIS B 1 24 ? 14.802  -9.026  5.445   1.00 35.73 ? 255 HIS B CA  1 
ATOM   729  C  C   . HIS B 1 24 ? 13.476  -8.253  5.363   1.00 35.68 ? 255 HIS B C   1 
ATOM   730  O  O   . HIS B 1 24 ? 13.496  -7.082  4.931   1.00 39.17 ? 255 HIS B O   1 
ATOM   731  C  CB  . HIS B 1 24 ? 14.847  -10.167 4.414   1.00 37.07 ? 255 HIS B CB  1 
ATOM   732  C  CG  . HIS B 1 24 ? 14.321  -9.770  3.078   1.00 34.01 ? 255 HIS B CG  1 
ATOM   733  N  ND1 . HIS B 1 24 ? 15.009  -8.900  2.266   1.00 34.63 ? 255 HIS B ND1 1 
ATOM   734  C  CD2 . HIS B 1 24 ? 13.179  -10.090 2.423   1.00 36.25 ? 255 HIS B CD2 1 
ATOM   735  C  CE1 . HIS B 1 24 ? 14.324  -8.696  1.160   1.00 36.18 ? 255 HIS B CE1 1 
ATOM   736  N  NE2 . HIS B 1 24 ? 13.188  -9.419  1.223   1.00 34.53 ? 255 HIS B NE2 1 
ATOM   737  N  N   . ILE B 1 25 ? 12.358  -8.889  5.706   1.00 37.46 ? 256 ILE B N   1 
ATOM   738  C  CA  . ILE B 1 25 ? 11.002  -8.271  5.565   1.00 39.41 ? 256 ILE B CA  1 
ATOM   739  C  C   . ILE B 1 25 ? 10.960  -6.962  6.374   1.00 37.40 ? 256 ILE B C   1 
ATOM   740  O  O   . ILE B 1 25 ? 10.502  -5.931  5.829   1.00 37.70 ? 256 ILE B O   1 
ATOM   741  C  CB  . ILE B 1 25 ? 9.888   -9.245  5.985   1.00 39.70 ? 256 ILE B CB  1 
ATOM   742  C  CG1 . ILE B 1 25 ? 9.773   -10.426 5.019   1.00 41.10 ? 256 ILE B CG1 1 
ATOM   743  C  CG2 . ILE B 1 25 ? 8.565   -8.506  6.108   1.00 40.34 ? 256 ILE B CG2 1 
ATOM   744  C  CD1 . ILE B 1 25 ? 8.846   -11.497 5.501   1.00 41.13 ? 256 ILE B CD1 1 
ATOM   745  N  N   . ASN B 1 26 ? 11.455  -6.982  7.614   1.00 38.89 ? 257 ASN B N   1 
ATOM   746  C  CA  . ASN B 1 26 ? 11.488  -5.779  8.492   1.00 41.58 ? 257 ASN B CA  1 
ATOM   747  C  C   . ASN B 1 26 ? 12.349  -4.684  7.862   1.00 41.51 ? 257 ASN B C   1 
ATOM   748  O  O   . ASN B 1 26 ? 11.846  -3.534  7.806   1.00 38.67 ? 257 ASN B O   1 
ATOM   749  C  CB  . ASN B 1 26 ? 11.900  -6.120  9.922   1.00 44.44 ? 257 ASN B CB  1 
ATOM   750  C  CG  . ASN B 1 26 ? 10.739  -6.711  10.687  1.00 51.00 ? 257 ASN B CG  1 
ATOM   751  O  OD1 . ASN B 1 26 ? 9.651   -6.135  10.710  1.00 57.62 ? 257 ASN B OD1 1 
ATOM   752  N  ND2 . ASN B 1 26 ? 10.941  -7.873  11.289  1.00 50.54 ? 257 ASN B ND2 1 
ATOM   753  N  N   . SER B 1 27 ? 13.546  -5.033  7.363   1.00 40.66 ? 258 SER B N   1 
ATOM   754  C  CA  . SER B 1 27 ? 14.578  -4.107  6.827   1.00 45.10 ? 258 SER B CA  1 
ATOM   755  C  C   . SER B 1 27 ? 14.126  -3.472  5.507   1.00 43.07 ? 258 SER B C   1 
ATOM   756  O  O   . SER B 1 27 ? 14.299  -2.252  5.349   1.00 43.67 ? 258 SER B O   1 
ATOM   757  C  CB  . SER B 1 27 ? 15.903  -4.820  6.602   1.00 49.93 ? 258 SER B CB  1 
ATOM   758  O  OG  . SER B 1 27 ? 16.283  -5.568  7.740   1.00 56.93 ? 258 SER B OG  1 
ATOM   759  N  N   . GLU B 1 28 ? 13.612  -4.279  4.581   1.00 42.79 ? 259 GLU B N   1 
ATOM   760  C  CA  . GLU B 1 28 ? 13.358  -3.866  3.175   1.00 46.55 ? 259 GLU B CA  1 
ATOM   761  C  C   . GLU B 1 28 ? 11.903  -3.431  2.983   1.00 44.29 ? 259 GLU B C   1 
ATOM   762  O  O   . GLU B 1 28 ? 11.696  -2.395  2.334   1.00 49.02 ? 259 GLU B O   1 
ATOM   763  C  CB  . GLU B 1 28 ? 13.708  -5.005  2.216   1.00 48.98 ? 259 GLU B CB  1 
ATOM   764  C  CG  . GLU B 1 28 ? 15.184  -5.362  2.238   1.00 55.75 ? 259 GLU B CG  1 
ATOM   765  C  CD  . GLU B 1 28 ? 16.110  -4.191  1.950   1.00 61.43 ? 259 GLU B CD  1 
ATOM   766  O  OE1 . GLU B 1 28 ? 16.116  -3.711  0.805   1.00 62.74 ? 259 GLU B OE1 1 
ATOM   767  O  OE2 . GLU B 1 28 ? 16.795  -3.738  2.888   1.00 70.44 ? 259 GLU B OE2 1 
ATOM   768  N  N   . HIS B 1 29 ? 10.935  -4.202  3.476   1.00 42.34 ? 260 HIS B N   1 
ATOM   769  C  CA  . HIS B 1 29 ? 9.508   -4.066  3.072   1.00 41.35 ? 260 HIS B CA  1 
ATOM   770  C  C   . HIS B 1 29 ? 8.689   -3.287  4.106   1.00 40.76 ? 260 HIS B C   1 
ATOM   771  O  O   . HIS B 1 29 ? 7.641   -2.741  3.711   1.00 42.06 ? 260 HIS B O   1 
ATOM   772  C  CB  . HIS B 1 29 ? 8.925   -5.449  2.772   1.00 42.04 ? 260 HIS B CB  1 
ATOM   773  C  CG  . HIS B 1 29 ? 9.651   -6.132  1.665   1.00 43.25 ? 260 HIS B CG  1 
ATOM   774  N  ND1 . HIS B 1 29 ? 9.888   -5.507  0.461   1.00 42.34 ? 260 HIS B ND1 1 
ATOM   775  C  CD2 . HIS B 1 29 ? 10.209  -7.364  1.579   1.00 43.82 ? 260 HIS B CD2 1 
ATOM   776  C  CE1 . HIS B 1 29 ? 10.557  -6.324  -0.333  1.00 47.61 ? 260 HIS B CE1 1 
ATOM   777  N  NE2 . HIS B 1 29 ? 10.761  -7.476  0.328   1.00 47.10 ? 260 HIS B NE2 1 
ATOM   778  N  N   . ILE B 1 30 ? 9.100   -3.280  5.373   1.00 37.45 ? 261 ILE B N   1 
ATOM   779  C  CA  . ILE B 1 30 ? 8.393   -2.532  6.456   1.00 39.94 ? 261 ILE B CA  1 
ATOM   780  C  C   . ILE B 1 30 ? 9.060   -1.170  6.643   1.00 41.62 ? 261 ILE B C   1 
ATOM   781  O  O   . ILE B 1 30 ? 8.359   -0.158  6.477   1.00 38.79 ? 261 ILE B O   1 
ATOM   782  C  CB  . ILE B 1 30 ? 8.350   -3.335  7.764   1.00 39.22 ? 261 ILE B CB  1 
ATOM   783  C  CG1 . ILE B 1 30 ? 7.589   -4.649  7.587   1.00 41.51 ? 261 ILE B CG1 1 
ATOM   784  C  CG2 . ILE B 1 30 ? 7.776   -2.485  8.889   1.00 42.32 ? 261 ILE B CG2 1 
ATOM   785  C  CD1 . ILE B 1 30 ? 6.187   -4.483  7.047   1.00 43.27 ? 261 ILE B CD1 1 
ATOM   786  N  N   . HIS B 1 31 ? 10.353  -1.157  6.976   1.00 40.68 ? 262 HIS B N   1 
ATOM   787  C  CA  . HIS B 1 31 ? 11.091  0.052   7.424   1.00 43.88 ? 262 HIS B CA  1 
ATOM   788  C  C   . HIS B 1 31 ? 11.994  0.609   6.319   1.00 45.82 ? 262 HIS B C   1 
ATOM   789  O  O   . HIS B 1 31 ? 12.547  1.690   6.543   1.00 50.19 ? 262 HIS B O   1 
ATOM   790  C  CB  . HIS B 1 31 ? 11.890  -0.251  8.692   1.00 44.90 ? 262 HIS B CB  1 
ATOM   791  C  CG  . HIS B 1 31 ? 11.030  -0.593  9.855   1.00 46.97 ? 262 HIS B CG  1 
ATOM   792  N  ND1 . HIS B 1 31 ? 10.125  0.310   10.389  1.00 50.69 ? 262 HIS B ND1 1 
ATOM   793  C  CD2 . HIS B 1 31 ? 10.940  -1.719  10.597  1.00 49.46 ? 262 HIS B CD2 1 
ATOM   794  C  CE1 . HIS B 1 31 ? 9.504   -0.252  11.410  1.00 50.00 ? 262 HIS B CE1 1 
ATOM   795  N  NE2 . HIS B 1 31 ? 9.986   -1.500  11.561  1.00 50.19 ? 262 HIS B NE2 1 
ATOM   796  N  N   . GLY B 1 32 ? 12.137  -0.086  5.189   1.00 43.01 ? 263 GLY B N   1 
ATOM   797  C  CA  . GLY B 1 32 ? 12.978  0.355   4.057   1.00 50.78 ? 263 GLY B CA  1 
ATOM   798  C  C   . GLY B 1 32 ? 12.331  1.489   3.271   1.00 51.98 ? 263 GLY B C   1 
ATOM   799  O  O   . GLY B 1 32 ? 11.153  1.810   3.530   1.00 48.93 ? 263 GLY B O   1 
ATOM   800  N  N   . GLU B 1 33 ? 13.064  2.066   2.322   1.00 52.37 ? 264 GLU B N   1 
ATOM   801  C  CA  . GLU B 1 33 ? 12.562  3.147   1.433   1.00 56.04 ? 264 GLU B CA  1 
ATOM   802  C  C   . GLU B 1 33 ? 11.273  2.653   0.768   1.00 50.59 ? 264 GLU B C   1 
ATOM   803  O  O   . GLU B 1 33 ? 11.272  1.538   0.230   1.00 44.39 ? 264 GLU B O   1 
ATOM   804  C  CB  . GLU B 1 33 ? 13.627  3.524   0.401   1.00 62.89 ? 264 GLU B CB  1 
ATOM   805  C  CG  . GLU B 1 33 ? 13.137  4.479   -0.678  1.00 68.78 ? 264 GLU B CG  1 
ATOM   806  C  CD  . GLU B 1 33 ? 14.161  4.780   -1.760  1.00 73.98 ? 264 GLU B CD  1 
ATOM   807  O  OE1 . GLU B 1 33 ? 15.331  5.038   -1.410  1.00 75.44 ? 264 GLU B OE1 1 
ATOM   808  O  OE2 . GLU B 1 33 ? 13.789  4.744   -2.954  1.00 75.48 ? 264 GLU B OE2 1 
ATOM   809  N  N   . ARG B 1 34 ? 10.202  3.446   0.813   1.00 47.79 ? 265 ARG B N   1 
ATOM   810  C  CA  . ARG B 1 34 ? 8.902   3.034   0.227   1.00 46.87 ? 265 ARG B CA  1 
ATOM   811  C  C   . ARG B 1 34 ? 9.035   2.936   -1.299  1.00 45.16 ? 265 ARG B C   1 
ATOM   812  O  O   . ARG B 1 34 ? 9.403   3.938   -1.928  1.00 44.89 ? 265 ARG B O   1 
ATOM   813  C  CB  . ARG B 1 34 ? 7.803   4.017   0.616   1.00 44.68 ? 265 ARG B CB  1 
ATOM   814  C  CG  . ARG B 1 34 ? 6.447   3.632   0.050   1.00 42.90 ? 265 ARG B CG  1 
ATOM   815  C  CD  . ARG B 1 34 ? 5.361   4.462   0.699   1.00 43.53 ? 265 ARG B CD  1 
ATOM   816  N  NE  . ARG B 1 34 ? 4.060   4.235   0.101   1.00 40.51 ? 265 ARG B NE  1 
ATOM   817  C  CZ  . ARG B 1 34 ? 2.981   4.947   0.389   1.00 42.71 ? 265 ARG B CZ  1 
ATOM   818  N  NH1 . ARG B 1 34 ? 3.060   5.934   1.264   1.00 42.71 ? 265 ARG B NH1 1 
ATOM   819  N  NH2 . ARG B 1 34 ? 1.833   4.683   -0.207  1.00 43.23 ? 265 ARG B NH2 1 
ATOM   820  N  N   . LYS B 1 35 ? 8.735   1.766   -1.867  1.00 45.26 ? 266 LYS B N   1 
ATOM   821  C  CA  . LYS B 1 35 ? 8.860   1.511   -3.325  1.00 49.54 ? 266 LYS B CA  1 
ATOM   822  C  C   . LYS B 1 35 ? 7.512   1.095   -3.912  1.00 45.48 ? 266 LYS B C   1 
ATOM   823  O  O   . LYS B 1 35 ? 7.493   0.774   -5.105  1.00 46.80 ? 266 LYS B O   1 
ATOM   824  C  CB  . LYS B 1 35 ? 9.931   0.449   -3.584  1.00 53.72 ? 266 LYS B CB  1 
ATOM   825  C  CG  . LYS B 1 35 ? 11.336  0.868   -3.179  1.00 58.87 ? 266 LYS B CG  1 
ATOM   826  C  CD  . LYS B 1 35 ? 12.428  0.117   -3.903  1.00 62.73 ? 266 LYS B CD  1 
ATOM   827  C  CE  . LYS B 1 35 ? 13.811  0.477   -3.406  1.00 66.14 ? 266 LYS B CE  1 
ATOM   828  N  NZ  . LYS B 1 35 ? 14.089  -0.122  -2.080  1.00 70.03 ? 266 LYS B NZ  1 
ATOM   829  N  N   . GLU B 1 36 ? 6.441   1.119   -3.110  1.00 40.84 ? 267 GLU B N   1 
ATOM   830  C  CA  . GLU B 1 36 ? 5.065   0.774   -3.541  1.00 41.72 ? 267 GLU B CA  1 
ATOM   831  C  C   . GLU B 1 36 ? 4.145   1.963   -3.244  1.00 40.06 ? 267 GLU B C   1 
ATOM   832  O  O   . GLU B 1 36 ? 4.128   2.440   -2.088  1.00 39.30 ? 267 GLU B O   1 
ATOM   833  C  CB  . GLU B 1 36 ? 4.576   -0.499  -2.847  1.00 44.92 ? 267 GLU B CB  1 
ATOM   834  C  CG  . GLU B 1 36 ? 5.244   -1.775  -3.345  1.00 47.17 ? 267 GLU B CG  1 
ATOM   835  C  CD  . GLU B 1 36 ? 6.341   -2.318  -2.445  1.00 49.30 ? 267 GLU B CD  1 
ATOM   836  O  OE1 . GLU B 1 36 ? 6.282   -2.085  -1.235  1.00 49.08 ? 267 GLU B OE1 1 
ATOM   837  O  OE2 . GLU B 1 36 ? 7.259   -2.961  -2.959  1.00 59.34 ? 267 GLU B OE2 1 
ATOM   838  N  N   . PHE B 1 37 ? 3.425   2.434   -4.260  1.00 37.06 ? 268 PHE B N   1 
ATOM   839  C  CA  . PHE B 1 37 ? 2.456   3.554   -4.152  1.00 39.36 ? 268 PHE B CA  1 
ATOM   840  C  C   . PHE B 1 37 ? 1.178   3.094   -4.842  1.00 38.57 ? 268 PHE B C   1 
ATOM   841  O  O   . PHE B 1 37 ? 1.122   3.081   -6.090  1.00 38.48 ? 268 PHE B O   1 
ATOM   842  C  CB  . PHE B 1 37 ? 3.060   4.847   -4.711  1.00 37.88 ? 268 PHE B CB  1 
ATOM   843  C  CG  . PHE B 1 37 ? 4.272   5.324   -3.954  1.00 37.26 ? 268 PHE B CG  1 
ATOM   844  C  CD1 . PHE B 1 37 ? 5.534   4.844   -4.263  1.00 40.80 ? 268 PHE B CD1 1 
ATOM   845  C  CD2 . PHE B 1 37 ? 4.147   6.238   -2.920  1.00 40.55 ? 268 PHE B CD2 1 
ATOM   846  C  CE1 . PHE B 1 37 ? 6.647   5.269   -3.555  1.00 41.19 ? 268 PHE B CE1 1 
ATOM   847  C  CE2 . PHE B 1 37 ? 5.258   6.656   -2.205  1.00 40.59 ? 268 PHE B CE2 1 
ATOM   848  C  CZ  . PHE B 1 37 ? 6.506   6.173   -2.524  1.00 41.05 ? 268 PHE B CZ  1 
ATOM   849  N  N   . VAL B 1 38 ? 0.200   2.679   -4.036  1.00 35.41 ? 269 VAL B N   1 
ATOM   850  C  CA  . VAL B 1 38 ? -1.046  2.012   -4.504  1.00 36.14 ? 269 VAL B CA  1 
ATOM   851  C  C   . VAL B 1 38 ? -2.131  3.074   -4.672  1.00 35.44 ? 269 VAL B C   1 
ATOM   852  O  O   . VAL B 1 38 ? -2.284  3.933   -3.769  1.00 36.49 ? 269 VAL B O   1 
ATOM   853  C  CB  . VAL B 1 38 ? -1.464  0.895   -3.528  1.00 36.68 ? 269 VAL B CB  1 
ATOM   854  C  CG1 . VAL B 1 38 ? -2.832  0.323   -3.830  1.00 36.57 ? 269 VAL B CG1 1 
ATOM   855  C  CG2 . VAL B 1 38 ? -0.429  -0.216  -3.491  1.00 40.30 ? 269 VAL B CG2 1 
ATOM   856  N  N   . CYS B 1 39 ? -2.858  3.012   -5.787  1.00 37.25 ? 270 CYS B N   1 
ATOM   857  C  CA  . CYS B 1 39 ? -4.110  3.781   -5.986  1.00 38.08 ? 270 CYS B CA  1 
ATOM   858  C  C   . CYS B 1 39 ? -5.277  3.004   -5.366  1.00 38.52 ? 270 CYS B C   1 
ATOM   859  O  O   . CYS B 1 39 ? -5.584  1.914   -5.867  1.00 40.35 ? 270 CYS B O   1 
ATOM   860  C  CB  . CYS B 1 39 ? -4.423  4.038   -7.451  1.00 35.85 ? 270 CYS B CB  1 
ATOM   861  S  SG  . CYS B 1 39 ? -5.959  4.981   -7.590  1.00 37.31 ? 270 CYS B SG  1 
ATOM   862  N  N   . HIS B 1 40 ? -5.900  3.555   -4.321  1.00 37.57 ? 271 HIS B N   1 
ATOM   863  C  CA  . HIS B 1 40 ? -6.974  2.885   -3.543  1.00 38.97 ? 271 HIS B CA  1 
ATOM   864  C  C   . HIS B 1 40 ? -8.334  3.404   -4.030  1.00 41.89 ? 271 HIS B C   1 
ATOM   865  O  O   . HIS B 1 40 ? -9.321  3.227   -3.316  1.00 39.68 ? 271 HIS B O   1 
ATOM   866  C  CB  . HIS B 1 40 ? -6.747  3.078   -2.035  1.00 37.73 ? 271 HIS B CB  1 
ATOM   867  C  CG  . HIS B 1 40 ? -5.588  2.326   -1.467  1.00 38.13 ? 271 HIS B CG  1 
ATOM   868  N  ND1 . HIS B 1 40 ? -5.665  0.990   -1.125  1.00 39.19 ? 271 HIS B ND1 1 
ATOM   869  C  CD2 . HIS B 1 40 ? -4.342  2.729   -1.130  1.00 38.46 ? 271 HIS B CD2 1 
ATOM   870  C  CE1 . HIS B 1 40 ? -4.516  0.596   -0.623  1.00 39.95 ? 271 HIS B CE1 1 
ATOM   871  N  NE2 . HIS B 1 40 ? -3.679  1.646   -0.625  1.00 39.64 ? 271 HIS B NE2 1 
ATOM   872  N  N   . TRP B 1 41 ? -8.378  4.020   -5.214  1.00 43.66 ? 272 TRP B N   1 
ATOM   873  C  CA  . TRP B 1 41 ? -9.627  4.530   -5.835  1.00 44.57 ? 272 TRP B CA  1 
ATOM   874  C  C   . TRP B 1 41 ? -10.551 3.355   -6.170  1.00 45.69 ? 272 TRP B C   1 
ATOM   875  O  O   . TRP B 1 41 ? -10.117 2.472   -6.935  1.00 46.66 ? 272 TRP B O   1 
ATOM   876  C  CB  . TRP B 1 41 ? -9.318  5.340   -7.090  1.00 42.69 ? 272 TRP B CB  1 
ATOM   877  C  CG  . TRP B 1 41 ? -10.450 6.207   -7.539  1.00 41.69 ? 272 TRP B CG  1 
ATOM   878  C  CD1 . TRP B 1 41 ? -11.410 5.909   -8.460  1.00 42.05 ? 272 TRP B CD1 1 
ATOM   879  C  CD2 . TRP B 1 41 ? -10.733 7.535   -7.072  1.00 42.30 ? 272 TRP B CD2 1 
ATOM   880  N  NE1 . TRP B 1 41 ? -12.259 6.969   -8.614  1.00 40.52 ? 272 TRP B NE1 1 
ATOM   881  C  CE2 . TRP B 1 41 ? -11.871 7.980   -7.773  1.00 41.23 ? 272 TRP B CE2 1 
ATOM   882  C  CE3 . TRP B 1 41 ? -10.131 8.388   -6.139  1.00 41.71 ? 272 TRP B CE3 1 
ATOM   883  C  CZ2 . TRP B 1 41 ? -12.412 9.249   -7.573  1.00 43.62 ? 272 TRP B CZ2 1 
ATOM   884  C  CZ3 . TRP B 1 41 ? -10.668 9.642   -5.941  1.00 41.40 ? 272 TRP B CZ3 1 
ATOM   885  C  CH2 . TRP B 1 41 ? -11.793 10.062  -6.650  1.00 42.38 ? 272 TRP B CH2 1 
ATOM   886  N  N   . GLY B 1 42 ? -11.772 3.359   -5.625  1.00 47.07 ? 273 GLY B N   1 
ATOM   887  C  CA  . GLY B 1 42 ? -12.807 2.347   -5.920  1.00 48.98 ? 273 GLY B CA  1 
ATOM   888  C  C   . GLY B 1 42 ? -12.992 2.147   -7.417  1.00 49.08 ? 273 GLY B C   1 
ATOM   889  O  O   . GLY B 1 42 ? -13.312 3.130   -8.108  1.00 51.19 ? 273 GLY B O   1 
ATOM   890  N  N   . GLY B 1 43 ? -12.769 0.920   -7.901  1.00 51.60 ? 274 GLY B N   1 
ATOM   891  C  CA  . GLY B 1 43 ? -13.054 0.509   -9.290  1.00 53.51 ? 274 GLY B CA  1 
ATOM   892  C  C   . GLY B 1 43 ? -11.925 0.834   -10.253 1.00 54.10 ? 274 GLY B C   1 
ATOM   893  O  O   . GLY B 1 43 ? -12.155 0.720   -11.467 1.00 57.95 ? 274 GLY B O   1 
ATOM   894  N  N   . CYS B 1 44 ? -10.748 1.218   -9.743  1.00 52.84 ? 275 CYS B N   1 
ATOM   895  C  CA  . CYS B 1 44 ? -9.542  1.547   -10.549 1.00 50.01 ? 275 CYS B CA  1 
ATOM   896  C  C   . CYS B 1 44 ? -9.071  0.277   -11.267 1.00 50.27 ? 275 CYS B C   1 
ATOM   897  O  O   . CYS B 1 44 ? -8.920  -0.759  -10.588 1.00 49.60 ? 275 CYS B O   1 
ATOM   898  C  CB  . CYS B 1 44 ? -8.437  2.134   -9.674  1.00 47.81 ? 275 CYS B CB  1 
ATOM   899  S  SG  . CYS B 1 44 ? -6.868  2.398   -10.539 1.00 45.36 ? 275 CYS B SG  1 
ATOM   900  N  N   . SER B 1 45 ? -8.859  0.358   -12.586 1.00 50.15 ? 276 SER B N   1 
ATOM   901  C  CA  . SER B 1 45 ? -8.581  -0.805  -13.469 1.00 52.52 ? 276 SER B CA  1 
ATOM   902  C  C   . SER B 1 45 ? -7.191  -1.373  -13.164 1.00 55.70 ? 276 SER B C   1 
ATOM   903  O  O   . SER B 1 45 ? -6.925  -2.508  -13.589 1.00 57.47 ? 276 SER B O   1 
ATOM   904  C  CB  . SER B 1 45 ? -8.745  -0.473  -14.943 1.00 53.95 ? 276 SER B CB  1 
ATOM   905  O  OG  . SER B 1 45 ? -8.264  0.822   -15.260 1.00 55.28 ? 276 SER B OG  1 
ATOM   906  N  N   . ARG B 1 46 ? -6.355  -0.638  -12.423 1.00 55.09 ? 277 ARG B N   1 
ATOM   907  C  CA  . ARG B 1 46 ? -5.014  -1.114  -11.989 1.00 53.50 ? 277 ARG B CA  1 
ATOM   908  C  C   . ARG B 1 46 ? -5.154  -2.252  -10.978 1.00 53.06 ? 277 ARG B C   1 
ATOM   909  O  O   . ARG B 1 46 ? -4.219  -3.066  -10.896 1.00 53.31 ? 277 ARG B O   1 
ATOM   910  C  CB  . ARG B 1 46 ? -4.202  0.026   -11.378 1.00 53.89 ? 277 ARG B CB  1 
ATOM   911  C  CG  . ARG B 1 46 ? -3.790  1.079   -12.393 1.00 53.60 ? 277 ARG B CG  1 
ATOM   912  C  CD  . ARG B 1 46 ? -2.853  2.092   -11.776 1.00 53.93 ? 277 ARG B CD  1 
ATOM   913  N  NE  . ARG B 1 46 ? -1.735  1.435   -11.119 1.00 54.13 ? 277 ARG B NE  1 
ATOM   914  C  CZ  . ARG B 1 46 ? -0.673  0.922   -11.725 1.00 54.65 ? 277 ARG B CZ  1 
ATOM   915  N  NH1 . ARG B 1 46 ? -0.548  0.974   -13.041 1.00 57.20 ? 277 ARG B NH1 1 
ATOM   916  N  NH2 . ARG B 1 46 ? 0.271   0.355   -10.996 1.00 58.06 ? 277 ARG B NH2 1 
ATOM   917  N  N   . GLU B 1 47 ? -6.258  -2.288  -10.226 1.00 53.14 ? 278 GLU B N   1 
ATOM   918  C  CA  . GLU B 1 47 ? -6.578  -3.364  -9.247  1.00 59.43 ? 278 GLU B CA  1 
ATOM   919  C  C   . GLU B 1 47 ? -5.497  -3.407  -8.158  1.00 56.47 ? 278 GLU B C   1 
ATOM   920  O  O   . GLU B 1 47 ? -5.070  -4.520  -7.785  1.00 53.04 ? 278 GLU B O   1 
ATOM   921  C  CB  . GLU B 1 47 ? -6.719  -4.705  -9.975  1.00 62.33 ? 278 GLU B CB  1 
ATOM   922  C  CG  . GLU B 1 47 ? -7.690  -4.639  -11.138 1.00 66.50 ? 278 GLU B CG  1 
ATOM   923  C  CD  . GLU B 1 47 ? -8.134  -5.978  -11.704 1.00 73.86 ? 278 GLU B CD  1 
ATOM   924  O  OE1 . GLU B 1 47 ? -7.263  -6.743  -12.172 1.00 73.21 ? 278 GLU B OE1 1 
ATOM   925  O  OE2 . GLU B 1 47 ? -9.354  -6.238  -11.695 1.00 77.27 ? 278 GLU B OE2 1 
ATOM   926  N  N   . LEU B 1 48 ? -5.067  -2.229  -7.684  1.00 48.21 ? 279 LEU B N   1 
ATOM   927  C  CA  . LEU B 1 48 ? -4.180  -2.041  -6.505  1.00 47.50 ? 279 LEU B CA  1 
ATOM   928  C  C   . LEU B 1 48 ? -2.743  -2.444  -6.848  1.00 45.05 ? 279 LEU B C   1 
ATOM   929  O  O   . LEU B 1 48 ? -1.924  -2.504  -5.918  1.00 45.97 ? 279 LEU B O   1 
ATOM   930  C  CB  . LEU B 1 48 ? -4.707  -2.839  -5.302  1.00 47.36 ? 279 LEU B CB  1 
ATOM   931  C  CG  . LEU B 1 48 ? -6.136  -2.518  -4.861  1.00 47.63 ? 279 LEU B CG  1 
ATOM   932  C  CD1 . LEU B 1 48 ? -6.697  -3.621  -3.973  1.00 51.13 ? 279 LEU B CD1 1 
ATOM   933  C  CD2 . LEU B 1 48 ? -6.199  -1.181  -4.144  1.00 48.40 ? 279 LEU B CD2 1 
ATOM   934  N  N   . ARG B 1 49 ? -2.434  -2.662  -8.128  1.00 45.99 ? 280 ARG B N   1 
ATOM   935  C  CA  . ARG B 1 49 ? -1.043  -2.855  -8.612  1.00 50.59 ? 280 ARG B CA  1 
ATOM   936  C  C   . ARG B 1 49 ? -0.265  -1.575  -8.306  1.00 45.98 ? 280 ARG B C   1 
ATOM   937  O  O   . ARG B 1 49 ? -0.670  -0.485  -8.710  1.00 43.78 ? 280 ARG B O   1 
ATOM   938  C  CB  . ARG B 1 49 ? -1.044  -3.220  -10.102 1.00 55.61 ? 280 ARG B CB  1 
ATOM   939  C  CG  . ARG B 1 49 ? -1.624  -4.600  -10.392 1.00 62.88 ? 280 ARG B CG  1 
ATOM   940  C  CD  . ARG B 1 49 ? -1.477  -5.062  -11.836 1.00 67.17 ? 280 ARG B CD  1 
ATOM   941  N  NE  . ARG B 1 49 ? -2.166  -4.214  -12.806 1.00 70.58 ? 280 ARG B NE  1 
ATOM   942  C  CZ  . ARG B 1 49 ? -1.579  -3.386  -13.676 1.00 75.84 ? 280 ARG B CZ  1 
ATOM   943  N  NH1 . ARG B 1 49 ? -0.261  -3.265  -13.725 1.00 75.30 ? 280 ARG B NH1 1 
ATOM   944  N  NH2 . ARG B 1 49 ? -2.324  -2.673  -14.504 1.00 74.56 ? 280 ARG B NH2 1 
ATOM   945  N  N   . PRO B 1 50 ? 0.848   -1.658  -7.549  1.00 43.35 ? 281 PRO B N   1 
ATOM   946  C  CA  . PRO B 1 50 ? 1.563   -0.460  -7.110  1.00 43.99 ? 281 PRO B CA  1 
ATOM   947  C  C   . PRO B 1 50 ? 2.388   0.228   -8.210  1.00 45.62 ? 281 PRO B C   1 
ATOM   948  O  O   . PRO B 1 50 ? 2.822   -0.438  -9.140  1.00 44.86 ? 281 PRO B O   1 
ATOM   949  C  CB  . PRO B 1 50 ? 2.487   -1.008  -6.013  1.00 42.52 ? 281 PRO B CB  1 
ATOM   950  C  CG  . PRO B 1 50 ? 2.755   -2.439  -6.423  1.00 43.80 ? 281 PRO B CG  1 
ATOM   951  C  CD  . PRO B 1 50 ? 1.469   -2.905  -7.071  1.00 43.81 ? 281 PRO B CD  1 
ATOM   952  N  N   . PHE B 1 51 ? 2.553   1.549   -8.095  1.00 42.86 ? 282 PHE B N   1 
ATOM   953  C  CA  . PHE B 1 51 ? 3.575   2.347   -8.822  1.00 40.96 ? 282 PHE B CA  1 
ATOM   954  C  C   . PHE B 1 51 ? 4.864   2.297   -8.005  1.00 41.93 ? 282 PHE B C   1 
ATOM   955  O  O   . PHE B 1 51 ? 4.778   2.105   -6.777  1.00 38.06 ? 282 PHE B O   1 
ATOM   956  C  CB  . PHE B 1 51 ? 3.128   3.801   -9.012  1.00 39.78 ? 282 PHE B CB  1 
ATOM   957  C  CG  . PHE B 1 51 ? 1.931   3.989   -9.904  1.00 41.87 ? 282 PHE B CG  1 
ATOM   958  C  CD1 . PHE B 1 51 ? 2.069   3.969   -11.282 1.00 41.55 ? 282 PHE B CD1 1 
ATOM   959  C  CD2 . PHE B 1 51 ? 0.669   4.187   -9.368  1.00 41.73 ? 282 PHE B CD2 1 
ATOM   960  C  CE1 . PHE B 1 51 ? 0.969   4.150   -12.104 1.00 41.48 ? 282 PHE B CE1 1 
ATOM   961  C  CE2 . PHE B 1 51 ? -0.430  4.367   -10.195 1.00 43.87 ? 282 PHE B CE2 1 
ATOM   962  C  CZ  . PHE B 1 51 ? -0.277  4.346   -11.561 1.00 41.57 ? 282 PHE B CZ  1 
ATOM   963  N  N   . LYS B 1 52 ? 6.009   2.507   -8.655  1.00 43.22 ? 283 LYS B N   1 
ATOM   964  C  CA  . LYS B 1 52 ? 7.351   2.472   -8.013  1.00 48.17 ? 283 LYS B CA  1 
ATOM   965  C  C   . LYS B 1 52 ? 7.671   3.831   -7.374  1.00 43.68 ? 283 LYS B C   1 
ATOM   966  O  O   . LYS B 1 52 ? 8.554   3.868   -6.506  1.00 40.24 ? 283 LYS B O   1 
ATOM   967  C  CB  . LYS B 1 52 ? 8.430   2.083   -9.030  1.00 55.86 ? 283 LYS B CB  1 
ATOM   968  C  CG  . LYS B 1 52 ? 8.596   0.583   -9.253  1.00 63.42 ? 283 LYS B CG  1 
ATOM   969  C  CD  . LYS B 1 52 ? 9.224   -0.166  -8.083  1.00 71.16 ? 283 LYS B CD  1 
ATOM   970  C  CE  . LYS B 1 52 ? 10.549  0.421   -7.635  1.00 76.56 ? 283 LYS B CE  1 
ATOM   971  N  NZ  . LYS B 1 52 ? 11.514  -0.623  -7.216  1.00 76.23 ? 283 LYS B NZ  1 
ATOM   972  N  N   . ALA B 1 53 ? 7.002   4.913   -7.776  1.00 40.78 ? 284 ALA B N   1 
ATOM   973  C  CA  . ALA B 1 53 ? 7.279   6.266   -7.239  1.00 36.97 ? 284 ALA B CA  1 
ATOM   974  C  C   . ALA B 1 53 ? 5.974   7.023   -6.975  1.00 37.19 ? 284 ALA B C   1 
ATOM   975  O  O   . ALA B 1 53 ? 4.997   6.816   -7.718  1.00 36.94 ? 284 ALA B O   1 
ATOM   976  C  CB  . ALA B 1 53 ? 8.181   7.005   -8.198  1.00 41.74 ? 284 ALA B CB  1 
ATOM   977  N  N   . GLN B 1 54 ? 5.968   7.877   -5.948  1.00 35.90 ? 285 GLN B N   1 
ATOM   978  C  CA  . GLN B 1 54 ? 4.799   8.714   -5.593  1.00 38.18 ? 285 GLN B CA  1 
ATOM   979  C  C   . GLN B 1 54 ? 4.402   9.593   -6.787  1.00 37.35 ? 285 GLN B C   1 
ATOM   980  O  O   . GLN B 1 54 ? 3.192   9.802   -6.989  1.00 38.91 ? 285 GLN B O   1 
ATOM   981  C  CB  . GLN B 1 54 ? 5.110   9.585   -4.382  1.00 39.77 ? 285 GLN B CB  1 
ATOM   982  C  CG  . GLN B 1 54 ? 3.955   10.478  -3.993  1.00 40.45 ? 285 GLN B CG  1 
ATOM   983  C  CD  . GLN B 1 54 ? 4.355   11.350  -2.835  1.00 44.25 ? 285 GLN B CD  1 
ATOM   984  O  OE1 . GLN B 1 54 ? 5.018   12.368  -3.009  1.00 48.24 ? 285 GLN B OE1 1 
ATOM   985  N  NE2 . GLN B 1 54 ? 3.983   10.921  -1.640  1.00 45.36 ? 285 GLN B NE2 1 
ATOM   986  N  N   . TYR B 1 55 ? 5.377   10.114  -7.532  1.00 38.57 ? 286 TYR B N   1 
ATOM   987  C  CA  . TYR B 1 55 ? 5.116   11.016  -8.679  1.00 39.07 ? 286 TYR B CA  1 
ATOM   988  C  C   . TYR B 1 55 ? 4.193   10.318  -9.686  1.00 36.79 ? 286 TYR B C   1 
ATOM   989  O  O   . TYR B 1 55 ? 3.255   10.965  -10.195 1.00 37.94 ? 286 TYR B O   1 
ATOM   990  C  CB  . TYR B 1 55 ? 6.411   11.492  -9.341  1.00 40.37 ? 286 TYR B CB  1 
ATOM   991  C  CG  . TYR B 1 55 ? 6.129   12.423  -10.494 1.00 40.53 ? 286 TYR B CG  1 
ATOM   992  C  CD1 . TYR B 1 55 ? 5.559   13.670  -10.269 1.00 46.18 ? 286 TYR B CD1 1 
ATOM   993  C  CD2 . TYR B 1 55 ? 6.347   12.040  -11.805 1.00 43.39 ? 286 TYR B CD2 1 
ATOM   994  C  CE1 . TYR B 1 55 ? 5.268   14.536  -11.314 1.00 44.11 ? 286 TYR B CE1 1 
ATOM   995  C  CE2 . TYR B 1 55 ? 6.058   12.891  -12.863 1.00 41.41 ? 286 TYR B CE2 1 
ATOM   996  C  CZ  . TYR B 1 55 ? 5.516   14.140  -12.615 1.00 43.16 ? 286 TYR B CZ  1 
ATOM   997  O  OH  . TYR B 1 55 ? 5.226   14.997  -13.638 1.00 41.86 ? 286 TYR B OH  1 
ATOM   998  N  N   . MET B 1 56 ? 4.399   9.022   -9.930  1.00 36.80 ? 287 MET B N   1 
ATOM   999  C  CA  . MET B 1 56 ? 3.606   8.248   -10.923 1.00 38.63 ? 287 MET B CA  1 
ATOM   1000 C  C   . MET B 1 56 ? 2.164   8.097   -10.420 1.00 37.88 ? 287 MET B C   1 
ATOM   1001 O  O   . MET B 1 56 ? 1.217   8.194   -11.237 1.00 35.66 ? 287 MET B O   1 
ATOM   1002 C  CB  . MET B 1 56 ? 4.228   6.870   -11.158 1.00 45.07 ? 287 MET B CB  1 
ATOM   1003 C  CG  . MET B 1 56 ? 5.663   6.923   -11.664 1.00 49.71 ? 287 MET B CG  1 
ATOM   1004 S  SD  . MET B 1 56 ? 6.441   5.288   -11.546 1.00 57.19 ? 287 MET B SD  1 
ATOM   1005 C  CE  . MET B 1 56 ? 8.134   5.687   -11.974 1.00 57.97 ? 287 MET B CE  1 
ATOM   1006 N  N   . LEU B 1 57 ? 1.986   7.901   -9.114  1.00 38.07 ? 288 LEU B N   1 
ATOM   1007 C  CA  . LEU B 1 57 ? 0.633   7.859   -8.494  1.00 36.05 ? 288 LEU B CA  1 
ATOM   1008 C  C   . LEU B 1 57 ? -0.050  9.216   -8.696  1.00 35.71 ? 288 LEU B C   1 
ATOM   1009 O  O   . LEU B 1 57 ? -1.228  9.226   -9.100  1.00 37.37 ? 288 LEU B O   1 
ATOM   1010 C  CB  . LEU B 1 57 ? 0.769   7.507   -7.007  1.00 35.21 ? 288 LEU B CB  1 
ATOM   1011 C  CG  . LEU B 1 57 ? -0.546  7.324   -6.252  1.00 36.73 ? 288 LEU B CG  1 
ATOM   1012 C  CD1 . LEU B 1 57 ? -1.309  6.129   -6.789  1.00 41.34 ? 288 LEU B CD1 1 
ATOM   1013 C  CD2 . LEU B 1 57 ? -0.299  7.145   -4.766  1.00 37.49 ? 288 LEU B CD2 1 
ATOM   1014 N  N   . VAL B 1 58 ? 0.652   10.317  -8.418  1.00 37.77 ? 289 VAL B N   1 
ATOM   1015 C  CA  . VAL B 1 58 ? 0.091   11.698  -8.550  1.00 38.91 ? 289 VAL B CA  1 
ATOM   1016 C  C   . VAL B 1 58 ? -0.405  11.884  -9.988  1.00 40.27 ? 289 VAL B C   1 
ATOM   1017 O  O   . VAL B 1 58 ? -1.573  12.297  -10.168 1.00 39.50 ? 289 VAL B O   1 
ATOM   1018 C  CB  . VAL B 1 58 ? 1.103   12.785  -8.143  1.00 38.31 ? 289 VAL B CB  1 
ATOM   1019 C  CG1 . VAL B 1 58 ? 0.631   14.178  -8.543  1.00 41.03 ? 289 VAL B CG1 1 
ATOM   1020 C  CG2 . VAL B 1 58 ? 1.397   12.750  -6.652  1.00 37.34 ? 289 VAL B CG2 1 
ATOM   1021 N  N   . VAL B 1 59 ? 0.423   11.551  -10.978 1.00 40.56 ? 290 VAL B N   1 
ATOM   1022 C  CA  . VAL B 1 59 ? 0.064   11.715  -12.417 1.00 40.02 ? 290 VAL B CA  1 
ATOM   1023 C  C   . VAL B 1 59 ? -1.173  10.850  -12.704 1.00 38.41 ? 290 VAL B C   1 
ATOM   1024 O  O   . VAL B 1 59 ? -2.123  11.379  -13.297 1.00 39.40 ? 290 VAL B O   1 
ATOM   1025 C  CB  . VAL B 1 59 ? 1.249   11.385  -13.344 1.00 39.61 ? 290 VAL B CB  1 
ATOM   1026 C  CG1 . VAL B 1 59 ? 0.847   11.403  -14.812 1.00 44.30 ? 290 VAL B CG1 1 
ATOM   1027 C  CG2 . VAL B 1 59 ? 2.418   12.321  -13.098 1.00 40.63 ? 290 VAL B CG2 1 
ATOM   1028 N  N   . HIS B 1 60 ? -1.176  9.590   -12.256 1.00 36.31 ? 291 HIS B N   1 
ATOM   1029 C  CA  . HIS B 1 60 ? -2.298  8.629   -12.430 1.00 37.92 ? 291 HIS B CA  1 
ATOM   1030 C  C   . HIS B 1 60 ? -3.615  9.200   -11.878 1.00 37.56 ? 291 HIS B C   1 
ATOM   1031 O  O   . HIS B 1 60 ? -4.647  8.970   -12.528 1.00 36.84 ? 291 HIS B O   1 
ATOM   1032 C  CB  . HIS B 1 60 ? -1.963  7.272   -11.802 1.00 38.09 ? 291 HIS B CB  1 
ATOM   1033 C  CG  . HIS B 1 60 ? -3.158  6.393   -11.625 1.00 39.69 ? 291 HIS B CG  1 
ATOM   1034 N  ND1 . HIS B 1 60 ? -3.636  5.572   -12.635 1.00 38.76 ? 291 HIS B ND1 1 
ATOM   1035 C  CD2 . HIS B 1 60 ? -3.954  6.182   -10.552 1.00 38.98 ? 291 HIS B CD2 1 
ATOM   1036 C  CE1 . HIS B 1 60 ? -4.683  4.909   -12.194 1.00 40.21 ? 291 HIS B CE1 1 
ATOM   1037 N  NE2 . HIS B 1 60 ? -4.893  5.255   -10.911 1.00 39.30 ? 291 HIS B NE2 1 
ATOM   1038 N  N   . MET B 1 61 ? -3.598  9.907   -10.735 1.00 38.00 ? 292 MET B N   1 
ATOM   1039 C  CA  . MET B 1 61 ? -4.835  10.424  -10.077 1.00 39.87 ? 292 MET B CA  1 
ATOM   1040 C  C   . MET B 1 61 ? -5.593  11.384  -11.022 1.00 43.75 ? 292 MET B C   1 
ATOM   1041 O  O   . MET B 1 61 ? -6.814  11.522  -10.856 1.00 40.86 ? 292 MET B O   1 
ATOM   1042 C  CB  . MET B 1 61 ? -4.534  11.125  -8.746  1.00 40.07 ? 292 MET B CB  1 
ATOM   1043 C  CG  . MET B 1 61 ? -3.946  10.194  -7.678  1.00 38.63 ? 292 MET B CG  1 
ATOM   1044 S  SD  . MET B 1 61 ? -4.908  8.660   -7.524  1.00 42.67 ? 292 MET B SD  1 
ATOM   1045 C  CE  . MET B 1 61 ? -3.677  7.544   -6.886  1.00 52.71 ? 292 MET B CE  1 
ATOM   1046 N  N   . ARG B 1 62 ? -4.933  11.987  -12.013 1.00 45.95 ? 293 ARG B N   1 
ATOM   1047 C  CA  . ARG B 1 62 ? -5.601  12.878  -13.006 1.00 50.10 ? 293 ARG B CA  1 
ATOM   1048 C  C   . ARG B 1 62 ? -6.682  12.112  -13.776 1.00 50.87 ? 293 ARG B C   1 
ATOM   1049 O  O   . ARG B 1 62 ? -7.649  12.756  -14.241 1.00 52.02 ? 293 ARG B O   1 
ATOM   1050 C  CB  . ARG B 1 62 ? -4.593  13.469  -13.996 1.00 54.41 ? 293 ARG B CB  1 
ATOM   1051 C  CG  . ARG B 1 62 ? -3.546  14.352  -13.337 1.00 60.62 ? 293 ARG B CG  1 
ATOM   1052 C  CD  . ARG B 1 62 ? -3.163  15.548  -14.177 1.00 68.89 ? 293 ARG B CD  1 
ATOM   1053 N  NE  . ARG B 1 62 ? -2.574  16.564  -13.318 1.00 76.22 ? 293 ARG B NE  1 
ATOM   1054 C  CZ  . ARG B 1 62 ? -2.555  17.868  -13.570 1.00 75.42 ? 293 ARG B CZ  1 
ATOM   1055 N  NH1 . ARG B 1 62 ? -3.096  18.348  -14.678 1.00 75.95 ? 293 ARG B NH1 1 
ATOM   1056 N  NH2 . ARG B 1 62 ? -1.989  18.690  -12.702 1.00 75.86 ? 293 ARG B NH2 1 
ATOM   1057 N  N   . ARG B 1 63 ? -6.542  10.795  -13.901 1.00 46.60 ? 294 ARG B N   1 
ATOM   1058 C  CA  . ARG B 1 63 ? -7.519  9.938   -14.613 1.00 51.91 ? 294 ARG B CA  1 
ATOM   1059 C  C   . ARG B 1 63 ? -8.818  9.782   -13.818 1.00 50.90 ? 294 ARG B C   1 
ATOM   1060 O  O   . ARG B 1 63 ? -9.855  9.502   -14.450 1.00 55.59 ? 294 ARG B O   1 
ATOM   1061 C  CB  . ARG B 1 63 ? -6.910  8.563   -14.868 1.00 52.36 ? 294 ARG B CB  1 
ATOM   1062 C  CG  . ARG B 1 63 ? -5.682  8.643   -15.754 1.00 55.64 ? 294 ARG B CG  1 
ATOM   1063 C  CD  . ARG B 1 63 ? -5.503  7.366   -16.518 1.00 54.20 ? 294 ARG B CD  1 
ATOM   1064 N  NE  . ARG B 1 63 ? -4.418  7.453   -17.480 1.00 54.85 ? 294 ARG B NE  1 
ATOM   1065 C  CZ  . ARG B 1 63 ? -3.868  6.392   -18.053 1.00 50.86 ? 294 ARG B CZ  1 
ATOM   1066 N  NH1 . ARG B 1 63 ? -4.306  5.185   -17.737 1.00 50.04 ? 294 ARG B NH1 1 
ATOM   1067 N  NH2 . ARG B 1 63 ? -2.885  6.540   -18.921 1.00 53.30 ? 294 ARG B NH2 1 
ATOM   1068 N  N   . HIS B 1 64 ? -8.774  9.913   -12.494 1.00 45.54 ? 295 HIS B N   1 
ATOM   1069 C  CA  . HIS B 1 64 ? -9.954  9.702   -11.619 1.00 44.53 ? 295 HIS B CA  1 
ATOM   1070 C  C   . HIS B 1 64 ? -10.677 11.031  -11.429 1.00 47.04 ? 295 HIS B C   1 
ATOM   1071 O  O   . HIS B 1 64 ? -11.885 10.998  -11.213 1.00 52.52 ? 295 HIS B O   1 
ATOM   1072 C  CB  . HIS B 1 64 ? -9.554  9.063   -10.289 1.00 42.98 ? 295 HIS B CB  1 
ATOM   1073 C  CG  . HIS B 1 64 ? -8.981  7.695   -10.433 1.00 40.25 ? 295 HIS B CG  1 
ATOM   1074 N  ND1 . HIS B 1 64 ? -9.653  6.687   -11.086 1.00 42.16 ? 295 HIS B ND1 1 
ATOM   1075 C  CD2 . HIS B 1 64 ? -7.832  7.150   -9.978  1.00 40.25 ? 295 HIS B CD2 1 
ATOM   1076 C  CE1 . HIS B 1 64 ? -8.934  5.579   -11.050 1.00 42.97 ? 295 HIS B CE1 1 
ATOM   1077 N  NE2 . HIS B 1 64 ? -7.813  5.835   -10.373 1.00 39.58 ? 295 HIS B NE2 1 
ATOM   1078 N  N   . THR B 1 65 ? -9.947  12.144  -11.494 1.00 47.00 ? 296 THR B N   1 
ATOM   1079 C  CA  . THR B 1 65 ? -10.487 13.511  -11.295 1.00 50.21 ? 296 THR B CA  1 
ATOM   1080 C  C   . THR B 1 65 ? -10.850 14.099  -12.661 1.00 45.99 ? 296 THR B C   1 
ATOM   1081 O  O   . THR B 1 65 ? -11.331 15.211  -12.605 1.00 48.46 ? 296 THR B O   1 
ATOM   1082 C  CB  . THR B 1 65 ? -9.499  14.394  -10.523 1.00 51.85 ? 296 THR B CB  1 
ATOM   1083 O  OG1 . THR B 1 65 ? -8.334  14.602  -11.325 1.00 53.21 ? 296 THR B OG1 1 
ATOM   1084 C  CG2 . THR B 1 65 ? -9.095  13.796  -9.189  1.00 55.02 ? 296 THR B CG2 1 
HETATM 1085 ZN ZN  . ZN  C 2 .  ? -10.861 11.049  -0.028  1.00 39.62 ? 401 ZN  A ZN  1 
HETATM 1086 ZN ZN  . ZN  D 2 .  ? -0.220  -10.851 3.935   1.00 39.76 ? 402 ZN  A ZN  1 
HETATM 1087 ZN ZN  . ZN  E 2 .  ? 11.595  -9.380  0.009   1.00 38.99 ? 401 ZN  B ZN  1 
HETATM 1088 ZN ZN  . ZN  F 2 .  ? -6.402  4.573   -9.839  1.00 40.26 ? 402 ZN  B ZN  1 
HETATM 1089 O  O   . HOH G 3 .  ? -8.360  -0.277  -1.120  1.00 42.69 ? 501 HOH A O   1 
HETATM 1090 O  O   . HOH G 3 .  ? -15.960 10.434  -8.344  1.00 58.61 ? 502 HOH A O   1 
HETATM 1091 O  O   . HOH G 3 .  ? -4.153  10.962  5.628   1.00 58.47 ? 503 HOH A O   1 
HETATM 1092 O  O   . HOH G 3 .  ? 1.198   6.981   9.146   1.00 54.75 ? 504 HOH A O   1 
HETATM 1093 O  O   . HOH G 3 .  ? 3.096   -1.772  2.532   1.00 35.02 ? 505 HOH A O   1 
HETATM 1094 O  O   . HOH G 3 .  ? 6.731   -9.014  11.550  1.00 45.40 ? 506 HOH A O   1 
HETATM 1095 O  O   . HOH G 3 .  ? -5.310  -2.933  16.746  1.00 47.19 ? 507 HOH A O   1 
HETATM 1096 O  O   . HOH G 3 .  ? 7.827   -11.756 10.938  1.00 46.91 ? 508 HOH A O   1 
HETATM 1097 O  O   . HOH G 3 .  ? -2.644  -8.439  1.189   1.00 45.77 ? 509 HOH A O   1 
HETATM 1098 O  O   . HOH G 3 .  ? -0.576  9.344   2.635   1.00 51.16 ? 510 HOH A O   1 
HETATM 1099 O  O   . HOH G 3 .  ? -3.016  -10.843 -2.151  1.00 56.00 ? 511 HOH A O   1 
HETATM 1100 O  O   . HOH G 3 .  ? -3.019  -6.343  2.880   1.00 36.98 ? 512 HOH A O   1 
HETATM 1101 O  O   . HOH G 3 .  ? 2.061   9.026   -1.123  1.00 40.91 ? 513 HOH A O   1 
HETATM 1102 O  O   . HOH G 3 .  ? -0.544  7.734   -1.366  1.00 42.61 ? 514 HOH A O   1 
HETATM 1103 O  O   . HOH G 3 .  ? -5.691  8.300   3.117   1.00 40.72 ? 515 HOH A O   1 
HETATM 1104 O  O   . HOH G 3 .  ? 4.698   13.404  0.430   1.00 44.31 ? 516 HOH A O   1 
HETATM 1105 O  O   . HOH G 3 .  ? -1.245  -12.635 -4.940  1.00 54.80 ? 517 HOH A O   1 
HETATM 1106 O  O   . HOH G 3 .  ? 0.480   0.500   1.561   1.00 41.96 ? 518 HOH A O   1 
HETATM 1107 O  O   . HOH G 3 .  ? -3.814  -13.712 5.693   1.00 62.55 ? 519 HOH A O   1 
HETATM 1108 O  O   . HOH G 3 .  ? 1.986   -17.296 3.845   1.00 49.34 ? 520 HOH A O   1 
HETATM 1109 O  O   . HOH G 3 .  ? -2.607  14.106  7.309   1.00 68.12 ? 521 HOH A O   1 
HETATM 1110 O  O   . HOH G 3 .  ? 1.018   16.417  -5.355  1.00 54.52 ? 522 HOH A O   1 
HETATM 1111 O  O   . HOH G 3 .  ? -2.502  -7.474  12.543  1.00 37.26 ? 523 HOH A O   1 
HETATM 1112 O  O   . HOH G 3 .  ? 2.019   -0.122  -0.603  1.00 35.57 ? 524 HOH A O   1 
HETATM 1113 O  O   . HOH G 3 .  ? -0.700  -9.506  -1.671  1.00 43.64 ? 525 HOH A O   1 
HETATM 1114 O  O   . HOH G 3 .  ? 6.058   1.054   2.694   1.00 44.95 ? 526 HOH A O   1 
HETATM 1115 O  O   . HOH G 3 .  ? 1.091   3.621   11.420  1.00 41.77 ? 527 HOH A O   1 
HETATM 1116 O  O   . HOH G 3 .  ? -13.163 23.023  -10.169 1.00 54.86 ? 528 HOH A O   1 
HETATM 1117 O  O   . HOH G 3 .  ? 2.850   9.342   7.151   1.00 49.13 ? 529 HOH A O   1 
HETATM 1118 O  O   . HOH G 3 .  ? -10.011 17.427  2.713   1.00 60.11 ? 530 HOH A O   1 
HETATM 1119 O  O   . HOH G 3 .  ? -5.525  15.128  -6.947  1.00 47.64 ? 531 HOH A O   1 
HETATM 1120 O  O   . HOH G 3 .  ? -2.089  16.979  -8.618  1.00 55.66 ? 532 HOH A O   1 
HETATM 1121 O  O   . HOH G 3 .  ? 1.981   1.915   13.656  1.00 45.21 ? 533 HOH A O   1 
HETATM 1122 O  O   . HOH G 3 .  ? 2.632   10.402  3.091   1.00 61.76 ? 534 HOH A O   1 
HETATM 1123 O  O   . HOH G 3 .  ? 11.460  -16.129 24.233  1.00 54.94 ? 535 HOH A O   1 
HETATM 1124 O  O   . HOH G 3 .  ? 3.292   -18.280 1.775   1.00 69.02 ? 536 HOH A O   1 
HETATM 1125 O  O   . HOH G 3 .  ? 3.698   -19.812 7.239   1.00 62.42 ? 537 HOH A O   1 
HETATM 1126 O  O   . HOH G 3 .  ? -2.494  -15.392 4.247   1.00 67.57 ? 538 HOH A O   1 
HETATM 1127 O  O   . HOH G 3 .  ? 7.586   3.823   5.114   1.00 60.07 ? 539 HOH A O   1 
HETATM 1128 O  O   . HOH G 3 .  ? -0.052  17.825  5.741   1.00 52.19 ? 540 HOH A O   1 
HETATM 1129 O  O   . HOH G 3 .  ? 2.648   -13.351 22.686  1.00 54.80 ? 541 HOH A O   1 
HETATM 1130 O  O   . HOH H 3 .  ? 18.717  -13.490 -1.817  1.00 61.42 ? 501 HOH B O   1 
HETATM 1131 O  O   . HOH H 3 .  ? -8.123  16.619  -12.876 1.00 65.32 ? 502 HOH B O   1 
HETATM 1132 O  O   . HOH H 3 .  ? -2.659  1.094   -8.073  1.00 40.57 ? 503 HOH B O   1 
HETATM 1133 O  O   . HOH H 3 .  ? 15.374  -12.090 12.488  1.00 48.11 ? 504 HOH B O   1 
HETATM 1134 O  O   . HOH H 3 .  ? -1.216  2.061   0.291   1.00 35.35 ? 505 HOH B O   1 
HETATM 1135 O  O   . HOH H 3 .  ? 5.678   0.131   6.562   1.00 41.52 ? 506 HOH B O   1 
HETATM 1136 O  O   . HOH H 3 .  ? -8.173  0.751   -6.072  1.00 46.70 ? 507 HOH B O   1 
HETATM 1137 O  O   . HOH H 3 .  ? 1.653   7.690   -13.899 1.00 36.40 ? 508 HOH B O   1 
HETATM 1138 O  O   . HOH H 3 .  ? -0.864  5.112   -1.719  1.00 35.81 ? 509 HOH B O   1 
HETATM 1139 O  O   . HOH H 3 .  ? 5.221   -1.510  4.310   1.00 41.25 ? 510 HOH B O   1 
HETATM 1140 O  O   . HOH H 3 .  ? -5.309  0.686   -8.351  1.00 46.12 ? 511 HOH B O   1 
HETATM 1141 O  O   . HOH H 3 .  ? 0.925   2.141   -1.335  1.00 37.83 ? 512 HOH B O   1 
HETATM 1142 O  O   . HOH H 3 .  ? 14.672  -21.517 9.571   1.00 46.42 ? 513 HOH B O   1 
HETATM 1143 O  O   . HOH H 3 .  ? 9.514   -2.843  -0.521  1.00 39.93 ? 514 HOH B O   1 
HETATM 1144 O  O   . HOH H 3 .  ? 8.534   8.208   -4.708  1.00 38.93 ? 515 HOH B O   1 
HETATM 1145 O  O   . HOH H 3 .  ? -12.173 -1.298  -6.168  1.00 59.05 ? 516 HOH B O   1 
HETATM 1146 O  O   . HOH H 3 .  ? 8.538   -0.624  -0.123  1.00 44.42 ? 517 HOH B O   1 
HETATM 1147 O  O   . HOH H 3 .  ? 3.314   17.098  -12.950 1.00 54.75 ? 518 HOH B O   1 
HETATM 1148 O  O   . HOH H 3 .  ? 8.071   10.423  -6.324  1.00 38.71 ? 519 HOH B O   1 
HETATM 1149 O  O   . HOH H 3 .  ? -9.524  3.081   -13.797 1.00 60.67 ? 520 HOH B O   1 
HETATM 1150 O  O   . HOH H 3 .  ? 9.363   -4.150  12.955  1.00 57.16 ? 521 HOH B O   1 
HETATM 1151 O  O   . HOH H 3 .  ? 5.371   13.040  -5.922  1.00 49.97 ? 522 HOH B O   1 
HETATM 1152 O  O   . HOH H 3 .  ? 4.340   -0.599  0.552   1.00 41.05 ? 523 HOH B O   1 
HETATM 1153 O  O   . HOH H 3 .  ? -8.946  -1.426  -7.622  1.00 55.02 ? 524 HOH B O   1 
HETATM 1154 O  O   . HOH H 3 .  ? 0.243   7.072   1.685   1.00 44.17 ? 525 HOH B O   1 
HETATM 1155 O  O   . HOH H 3 .  ? 9.292   -9.912  9.539   1.00 46.52 ? 526 HOH B O   1 
HETATM 1156 O  O   . HOH H 3 .  ? 5.608   7.129   2.789   1.00 49.06 ? 527 HOH B O   1 
HETATM 1157 O  O   . HOH H 3 .  ? -5.755  7.974   -20.422 1.00 76.68 ? 528 HOH B O   1 
HETATM 1158 O  O   . HOH H 3 .  ? -7.017  -6.903  -5.930  1.00 59.46 ? 529 HOH B O   1 
HETATM 1159 O  O   . HOH H 3 .  ? 14.052  -3.498  10.681  1.00 64.60 ? 530 HOH B O   1 
HETATM 1160 O  O   . HOH H 3 .  ? -0.596  -6.679  -7.349  1.00 61.80 ? 531 HOH B O   1 
# 
